data_9JNW
#
_entry.id   9JNW
#
_cell.length_a   1.00
_cell.length_b   1.00
_cell.length_c   1.00
_cell.angle_alpha   90.00
_cell.angle_beta   90.00
_cell.angle_gamma   90.00
#
_symmetry.space_group_name_H-M   'P 1'
#
loop_
_entity.id
_entity.type
_entity.pdbx_description
1 polymer 'Histone H3'
2 polymer 'Histone H4'
3 polymer 'Histone H2A'
4 polymer 'Histone H2B'
5 polymer 'DNA (147-MER)'
6 polymer 'DNA (147-MER)'
7 polymer 'ISWI chromatin-remodeling complex ATPase ISW1'
8 non-polymer 'MAGNESIUM ION'
9 non-polymer "ADENOSINE-5'-DIPHOSPHATE"
#
loop_
_entity_poly.entity_id
_entity_poly.type
_entity_poly.pdbx_seq_one_letter_code
_entity_poly.pdbx_strand_id
1 'polypeptide(L)'
;ARTKQTARKSTGGKAPRKQLATKAARKSAPATGGVKKPHRYRPGTVALREIRRYQKSTELLIRKLPFQRLVREIAQDFKT
DLRFQSSAVMALQEASEAYLVALFEDTNLCAIHAKRVTIMPKDIQLARRIRGERA
;
A,E
2 'polypeptide(L)'
;SGRGKGGKGLGKGGAKRHRKVLRDNIQGITKPAIRRLARRGGVKRISGLIYEETRGVLKVFLENVIRDAVTYTEHAKRKT
VTAMDVVYALKRQGRTLYGFGG
;
B,F
3 'polypeptide(L)'
;SGRGKQGGKTRAKAKTRSSRAGLQFPVGRVHRLLRKGNYAERVGAGAPVYLAAVLEYLTAEILELAGNAARDNKKTRIIP
RHLQLAVRNDEELNKLLGRVTIAQGGVLPNIQSVLLPKKTESSKSAKSK
;
C,G
4 'polypeptide(L)'
;AKSAPAPKKGSKKAVTKTQKKDGKKRRKTRKESYAIYVYKVLKQVHPDTGISSKAMSIMNSFVNDVFERIAGEASRLAHY
NKRSTITSREIQTAVRLLLPGELAKHAVSEGTKAVTKYTSAK
;
D,H
5 'polydeoxyribonucleotide'
;(DT)(DC)(DA)(DG)(DG)(DA)(DT)(DG)(DT)(DA)(DT)(DA)(DT)(DA)(DT)(DC)(DT)(DG)(DA)(DC)
(DA)(DC)(DG)(DT)(DG)(DC)(DC)(DT)(DG)(DG)(DA)(DG)(DA)(DC)(DT)(DA)(DG)(DG)(DG)(DA)
(DG)(DT)(DA)(DA)(DT)(DC)(DC)(DC)(DC)(DT)(DT)(DG)(DG)(DC)(DG)(DC)(DT)(DT)(DA)(DA)
(DA)(DC)(DG)(DC)(DA)(DC)(DG)(DT)(DA)(DC)(DG)(DC)(DG)(DC)(DT)(DG)(DT)(DC)(DC)(DC)
(DC)(DC)(DG)(DC)(DG)(DT)(DT)(DT)(DT)(DA)(DA)(DC)(DC)(DG)(DC)(DC)(DA)(DA)(DG)(DG)
(DG)(DG)(DA)(DT)(DT)(DA)(DC)(DT)(DC)(DC)(DC)(DT)(DA)(DG)(DT)(DC)(DT)(DC)(DC)(DA)
(DG)(DG)(DC)(DA)(DC)(DG)(DT)(DG)(DT)(DC)(DA)(DG)(DA)(DT)(DA)(DT)(DA)(DT)(DA)(DC)
(DA)(DT)(DC)(DC)(DG)(DA)(DT)
;
I
6 'polydeoxyribonucleotide'
;(DA)(DT)(DC)(DG)(DG)(DA)(DT)(DG)(DT)(DA)(DT)(DA)(DT)(DA)(DT)(DC)(DT)(DG)(DA)(DC)
(DA)(DC)(DG)(DT)(DG)(DC)(DC)(DT)(DG)(DG)(DA)(DG)(DA)(DC)(DT)(DA)(DG)(DG)(DG)(DA)
(DG)(DT)(DA)(DA)(DT)(DC)(DC)(DC)(DC)(DT)(DT)(DG)(DG)(DC)(DG)(DG)(DT)(DT)(DA)(DA)
(DA)(DA)(DC)(DG)(DC)(DG)(DG)(DG)(DG)(DG)(DA)(DC)(DA)(DG)(DC)(DG)(DC)(DG)(DT)(DA)
(DC)(DG)(DT)(DG)(DC)(DG)(DT)(DT)(DT)(DA)(DA)(DG)(DC)(DG)(DC)(DC)(DA)(DA)(DG)(DG)
(DG)(DG)(DA)(DT)(DT)(DA)(DC)(DT)(DC)(DC)(DC)(DT)(DA)(DG)(DT)(DC)(DT)(DC)(DC)(DA)
(DG)(DG)(DC)(DA)(DC)(DG)(DT)(DG)(DT)(DC)(DA)(DG)(DA)(DT)(DA)(DT)(DA)(DT)(DA)(DC)
(DA)(DT)(DC)(DC)(DG)(DA)(DT)
;
J
7 'polypeptide(L)'
;ENLKPFQVGLPPHDPESNKKRYLLKDANGKKFDLEGTTKRFEHLLSLSGLFKHFIESKAAKDPKFRQVLDVLEENKANGK
GKGKHQDVRRRKTEHEEDAELLKEEDSDDDESIEFQFRESPAYVNGQLRPYQIQGVNWLVSLHKNKIAGILADEMGLGKT
LQTISFLGYLRYIEKIPGPFLVIAPKSTLNNWLREINRWTPDVNAFILQGDKEERAELIQKKLLGCDFDVVIASYEIIIR
EKSPLKKINWEYIIIDEAHRIKNEESMLSQVLREFTSRNRLLITGTPLQNNLHELWALLNFLLPDIFSDAQDFDDWFSSE
STEEDQDKIVKQLHTVLQPFLLRRIKSDVETSLLPKKELNLYVGMSSMQKKWYKKILEKDLDAVNGSNGSKESKTRLLNI
MMQLRKCCNHPYLFDGAEPGPPYTTDEHLVYNAAKLQVLDKLLKKLKEEGSRVLIFSQMSRLLDILEDYCYFRNYEYCRI
DGSTAHEDRIQAIDDYNAPDSKKFVFLLTTRAGGLGINLTSADVVVLYDSDWNPQADLQAMDRAHRIGQKKQVKVFRLVT
DNSVEEKILERATQKLRLDQLVIQQNRTSLKKKENKADSKDALLSMIQHGAADVFKSGTSTGSAGTPEPGSGEKGDDIDL
DELLLKSENKTKSLNAKYETLGLDDLQKFNQDSAYEWNGQDFKKKIQRDIISPLLLNPTKRERKENYSIDNYYKDVLNTG
RSSTPSHPRMPKPHVFHSHQLQPPQLKVLYEKERMWTAKKTGYVPTMDDVKAAYGDISDEEEKKQKLELLKLSVNNSQPL
TEEEEKMKADWESEGFTNWNKLEFRKFITVSGKYGRNSIQAIARELAPGKTLEEVRAYAKAFWSNIERIEDYEKYLKIIE
NEEEKIKRVKMQQEALRRKLSEYKNPFFDLKLKHPPSSNNKRTYSEEEDRFILLMLFKYGLDRDDVYELVRDEIRDCPLF
ELDFYFRSRTPVELARRGNTLLQCLEKEFNAGIVLDDATKDRMKKEDENGKRIREEFADQTANEKENVDGVESKKAKIED
TSNVGTEQLVAEKIPENETTH
;
K
#
loop_
_chem_comp.id
_chem_comp.type
_chem_comp.name
_chem_comp.formula
ADP non-polymer ADENOSINE-5'-DIPHOSPHATE 'C10 H15 N5 O10 P2'
DA DNA linking 2'-DEOXYADENOSINE-5'-MONOPHOSPHATE 'C10 H14 N5 O6 P'
DC DNA linking 2'-DEOXYCYTIDINE-5'-MONOPHOSPHATE 'C9 H14 N3 O7 P'
DG DNA linking 2'-DEOXYGUANOSINE-5'-MONOPHOSPHATE 'C10 H14 N5 O7 P'
DT DNA linking THYMIDINE-5'-MONOPHOSPHATE 'C10 H15 N2 O8 P'
MG non-polymer 'MAGNESIUM ION' 'Mg 2'
#
# COMPACT_ATOMS: atom_id res chain seq x y z
N LYS A 37 -12.19 3.12 -48.96
CA LYS A 37 -12.61 3.09 -47.56
C LYS A 37 -11.48 2.60 -46.67
N PRO A 38 -11.28 3.27 -45.54
CA PRO A 38 -10.22 2.86 -44.61
C PRO A 38 -10.47 1.48 -44.05
N HIS A 39 -9.38 0.75 -43.79
CA HIS A 39 -9.49 -0.62 -43.31
C HIS A 39 -10.04 -0.65 -41.90
N ARG A 40 -11.04 -1.51 -41.68
CA ARG A 40 -11.71 -1.59 -40.40
C ARG A 40 -11.97 -3.04 -40.07
N TYR A 41 -11.57 -3.46 -38.87
CA TYR A 41 -11.77 -4.82 -38.45
C TYR A 41 -13.21 -5.05 -38.04
N ARG A 42 -13.71 -6.23 -38.35
CA ARG A 42 -15.08 -6.56 -38.02
C ARG A 42 -15.20 -6.85 -36.53
N PRO A 43 -16.37 -6.61 -35.95
CA PRO A 43 -16.52 -6.72 -34.48
C PRO A 43 -16.14 -8.10 -33.98
N GLY A 44 -15.27 -8.13 -32.97
CA GLY A 44 -14.83 -9.36 -32.34
C GLY A 44 -13.33 -9.58 -32.42
N THR A 45 -12.70 -9.12 -33.50
CA THR A 45 -11.29 -9.43 -33.71
C THR A 45 -10.40 -8.63 -32.79
N VAL A 46 -10.66 -7.34 -32.63
CA VAL A 46 -9.87 -6.56 -31.68
C VAL A 46 -10.08 -7.08 -30.27
N ALA A 47 -11.29 -7.53 -29.96
CA ALA A 47 -11.55 -8.10 -28.65
C ALA A 47 -10.74 -9.38 -28.43
N LEU A 48 -10.67 -10.23 -29.44
CA LEU A 48 -9.88 -11.45 -29.30
C LEU A 48 -8.41 -11.14 -29.13
N ARG A 49 -7.90 -10.17 -29.89
CA ARG A 49 -6.50 -9.78 -29.74
C ARG A 49 -6.24 -9.24 -28.34
N GLU A 50 -7.16 -8.45 -27.81
CA GLU A 50 -6.99 -7.92 -26.47
C GLU A 50 -7.02 -9.04 -25.43
N ILE A 51 -7.89 -10.02 -25.61
CA ILE A 51 -7.91 -11.16 -24.69
C ILE A 51 -6.57 -11.85 -24.68
N ARG A 52 -6.05 -12.17 -25.87
CA ARG A 52 -4.83 -12.94 -25.91
C ARG A 52 -3.60 -12.10 -25.58
N ARG A 53 -3.74 -10.78 -25.53
CA ARG A 53 -2.64 -9.94 -25.10
C ARG A 53 -2.66 -9.67 -23.61
N TYR A 54 -3.83 -9.66 -22.98
CA TYR A 54 -3.89 -9.48 -21.54
C TYR A 54 -3.82 -10.79 -20.77
N GLN A 55 -4.01 -11.91 -21.43
CA GLN A 55 -3.80 -13.19 -20.75
C GLN A 55 -2.35 -13.62 -20.77
N LYS A 56 -1.46 -12.80 -21.32
CA LYS A 56 -0.06 -13.12 -21.43
C LYS A 56 0.83 -12.26 -20.55
N SER A 57 0.38 -11.07 -20.19
CA SER A 57 1.16 -10.18 -19.35
C SER A 57 0.90 -10.48 -17.88
N THR A 58 1.54 -9.71 -17.00
CA THR A 58 1.38 -9.92 -15.56
C THR A 58 1.23 -8.64 -14.75
N GLU A 59 1.27 -7.47 -15.37
CA GLU A 59 1.27 -6.24 -14.60
C GLU A 59 -0.12 -5.96 -14.03
N LEU A 60 -0.24 -4.85 -13.32
CA LEU A 60 -1.51 -4.46 -12.73
C LEU A 60 -2.32 -3.69 -13.76
N LEU A 61 -3.64 -3.88 -13.73
CA LEU A 61 -4.52 -3.25 -14.70
C LEU A 61 -5.33 -2.09 -14.15
N ILE A 62 -5.43 -1.95 -12.84
CA ILE A 62 -6.05 -0.78 -12.24
C ILE A 62 -4.94 0.21 -11.91
N ARG A 63 -5.26 1.49 -11.99
CA ARG A 63 -4.25 2.51 -11.78
C ARG A 63 -3.95 2.68 -10.31
N LYS A 64 -2.66 2.86 -10.02
CA LYS A 64 -2.16 2.76 -8.65
C LYS A 64 -2.77 3.83 -7.77
N LEU A 65 -2.74 5.08 -8.21
CA LEU A 65 -3.21 6.18 -7.37
C LEU A 65 -4.72 6.16 -7.20
N PRO A 66 -5.52 5.93 -8.25
CA PRO A 66 -6.97 5.76 -8.00
C PRO A 66 -7.28 4.64 -7.04
N PHE A 67 -6.59 3.50 -7.13
CA PHE A 67 -6.87 2.43 -6.19
C PHE A 67 -6.50 2.83 -4.78
N GLN A 68 -5.36 3.52 -4.61
CA GLN A 68 -4.96 3.95 -3.28
C GLN A 68 -5.95 4.94 -2.69
N ARG A 69 -6.43 5.88 -3.50
CA ARG A 69 -7.43 6.81 -3.03
C ARG A 69 -8.68 6.08 -2.56
N LEU A 70 -9.13 5.09 -3.33
CA LEU A 70 -10.30 4.33 -2.91
C LEU A 70 -10.05 3.61 -1.59
N VAL A 71 -8.88 3.01 -1.45
CA VAL A 71 -8.58 2.25 -0.24
C VAL A 71 -8.59 3.16 0.98
N ARG A 72 -7.93 4.31 0.89
CA ARG A 72 -7.89 5.20 2.03
C ARG A 72 -9.26 5.80 2.33
N GLU A 73 -10.09 6.04 1.31
CA GLU A 73 -11.44 6.49 1.59
C GLU A 73 -12.23 5.44 2.36
N ILE A 74 -12.14 4.18 1.93
CA ILE A 74 -12.84 3.12 2.65
C ILE A 74 -12.30 2.99 4.06
N ALA A 75 -11.01 3.30 4.26
CA ALA A 75 -10.36 3.05 5.54
C ALA A 75 -10.96 3.80 6.71
N GLN A 76 -11.94 4.67 6.49
CA GLN A 76 -12.71 5.19 7.63
C GLN A 76 -13.80 4.19 7.99
N ASP A 77 -13.40 2.93 8.15
CA ASP A 77 -14.32 1.81 8.30
C ASP A 77 -14.56 1.46 9.76
N PHE A 78 -13.52 1.04 10.46
CA PHE A 78 -13.59 0.88 11.91
C PHE A 78 -12.53 1.71 12.61
N LYS A 79 -11.97 2.71 11.93
CA LYS A 79 -11.09 3.65 12.59
C LYS A 79 -11.20 4.98 11.87
N THR A 80 -10.42 5.93 12.36
CA THR A 80 -10.37 7.29 11.87
C THR A 80 -8.89 7.42 11.55
N ASP A 81 -8.35 8.63 11.46
CA ASP A 81 -7.05 8.89 10.86
C ASP A 81 -6.00 7.79 11.05
N LEU A 82 -5.48 7.32 9.93
CA LEU A 82 -4.69 6.10 9.84
C LEU A 82 -3.57 6.31 8.85
N ARG A 83 -2.50 5.52 9.02
CA ARG A 83 -1.37 5.55 8.13
C ARG A 83 -1.26 4.21 7.44
N PHE A 84 -0.98 4.23 6.15
CA PHE A 84 -0.76 3.03 5.38
C PHE A 84 0.68 2.99 4.90
N GLN A 85 1.21 1.79 4.78
CA GLN A 85 2.51 1.61 4.14
C GLN A 85 2.30 1.64 2.64
N SER A 86 3.31 1.24 1.87
CA SER A 86 3.13 1.04 0.44
C SER A 86 2.97 -0.43 0.08
N SER A 87 3.70 -1.30 0.77
CA SER A 87 3.50 -2.72 0.58
C SER A 87 2.08 -3.12 0.91
N ALA A 88 1.46 -2.43 1.87
CA ALA A 88 0.08 -2.74 2.22
C ALA A 88 -0.84 -2.51 1.04
N VAL A 89 -0.72 -1.35 0.39
CA VAL A 89 -1.61 -1.05 -0.72
C VAL A 89 -1.30 -1.94 -1.91
N MET A 90 -0.03 -2.26 -2.14
CA MET A 90 0.29 -3.17 -3.24
C MET A 90 -0.32 -4.54 -3.02
N ALA A 91 -0.23 -5.07 -1.79
CA ALA A 91 -0.84 -6.36 -1.51
C ALA A 91 -2.34 -6.30 -1.69
N LEU A 92 -2.94 -5.21 -1.25
CA LEU A 92 -4.38 -5.07 -1.35
C LEU A 92 -4.83 -5.03 -2.80
N GLN A 93 -4.07 -4.35 -3.66
CA GLN A 93 -4.41 -4.30 -5.08
C GLN A 93 -4.21 -5.64 -5.75
N GLU A 94 -3.13 -6.35 -5.42
CA GLU A 94 -2.95 -7.71 -5.94
C GLU A 94 -4.16 -8.56 -5.64
N ALA A 95 -4.59 -8.57 -4.38
CA ALA A 95 -5.71 -9.42 -3.99
C ALA A 95 -6.98 -9.01 -4.72
N SER A 96 -7.24 -7.71 -4.82
CA SER A 96 -8.46 -7.25 -5.46
C SER A 96 -8.49 -7.66 -6.93
N GLU A 97 -7.38 -7.46 -7.64
CA GLU A 97 -7.39 -7.78 -9.06
C GLU A 97 -7.53 -9.26 -9.30
N ALA A 98 -6.87 -10.10 -8.48
CA ALA A 98 -7.06 -11.53 -8.63
C ALA A 98 -8.51 -11.92 -8.41
N TYR A 99 -9.15 -11.34 -7.39
CA TYR A 99 -10.53 -11.64 -7.11
C TYR A 99 -11.43 -11.26 -8.29
N LEU A 100 -11.21 -10.07 -8.85
CA LEU A 100 -12.07 -9.62 -9.94
C LEU A 100 -11.86 -10.45 -11.19
N VAL A 101 -10.62 -10.86 -11.48
CA VAL A 101 -10.38 -11.69 -12.65
C VAL A 101 -11.10 -13.03 -12.51
N ALA A 102 -11.02 -13.65 -11.34
CA ALA A 102 -11.73 -14.91 -11.16
C ALA A 102 -13.24 -14.72 -11.30
N LEU A 103 -13.77 -13.64 -10.75
CA LEU A 103 -15.19 -13.37 -10.89
C LEU A 103 -15.60 -13.22 -12.35
N PHE A 104 -14.77 -12.54 -13.13
CA PHE A 104 -15.11 -12.36 -14.54
C PHE A 104 -15.03 -13.66 -15.30
N GLU A 105 -14.13 -14.56 -14.92
CA GLU A 105 -14.11 -15.87 -15.56
C GLU A 105 -15.41 -16.64 -15.31
N ASP A 106 -15.85 -16.66 -14.05
CA ASP A 106 -17.10 -17.36 -13.75
C ASP A 106 -18.28 -16.72 -14.46
N THR A 107 -18.29 -15.38 -14.52
CA THR A 107 -19.35 -14.68 -15.25
C THR A 107 -19.37 -15.07 -16.72
N ASN A 108 -18.20 -15.15 -17.34
CA ASN A 108 -18.14 -15.56 -18.73
C ASN A 108 -18.74 -16.94 -18.90
N LEU A 109 -18.43 -17.85 -17.99
CA LEU A 109 -19.00 -19.19 -18.11
C LEU A 109 -20.51 -19.16 -18.02
N CYS A 110 -21.05 -18.35 -17.10
CA CYS A 110 -22.51 -18.25 -17.00
C CYS A 110 -23.11 -17.71 -18.28
N ALA A 111 -22.53 -16.64 -18.82
CA ALA A 111 -23.08 -16.03 -20.02
C ALA A 111 -23.07 -17.00 -21.18
N ILE A 112 -21.98 -17.76 -21.34
CA ILE A 112 -21.95 -18.77 -22.39
C ILE A 112 -22.98 -19.86 -22.12
N HIS A 113 -23.20 -20.18 -20.85
CA HIS A 113 -24.18 -21.20 -20.50
C HIS A 113 -25.58 -20.79 -20.93
N ALA A 114 -25.89 -19.50 -20.84
CA ALA A 114 -27.20 -19.03 -21.27
C ALA A 114 -27.34 -18.94 -22.79
N LYS A 115 -26.41 -19.54 -23.53
CA LYS A 115 -26.36 -19.45 -24.99
C LYS A 115 -26.28 -17.99 -25.44
N ARG A 116 -25.37 -17.26 -24.80
CA ARG A 116 -25.17 -15.85 -25.07
C ARG A 116 -23.68 -15.60 -25.20
N VAL A 117 -23.32 -14.36 -25.52
CA VAL A 117 -21.91 -14.01 -25.65
C VAL A 117 -21.58 -12.81 -24.77
N THR A 118 -22.58 -11.97 -24.50
CA THR A 118 -22.36 -10.82 -23.63
C THR A 118 -22.52 -11.23 -22.19
N ILE A 119 -21.79 -10.57 -21.31
CA ILE A 119 -21.94 -10.75 -19.87
C ILE A 119 -22.88 -9.67 -19.36
N MET A 120 -23.70 -10.01 -18.39
CA MET A 120 -24.69 -9.10 -17.86
C MET A 120 -24.71 -9.14 -16.33
N PRO A 121 -25.26 -8.11 -15.70
CA PRO A 121 -25.33 -8.11 -14.24
C PRO A 121 -26.02 -9.31 -13.68
N LYS A 122 -27.00 -9.87 -14.41
CA LYS A 122 -27.59 -11.12 -13.97
C LYS A 122 -26.55 -12.22 -13.90
N ASP A 123 -25.60 -12.23 -14.84
CA ASP A 123 -24.52 -13.20 -14.79
C ASP A 123 -23.60 -12.95 -13.60
N ILE A 124 -23.24 -11.68 -13.36
CA ILE A 124 -22.43 -11.37 -12.18
C ILE A 124 -23.10 -11.89 -10.92
N GLN A 125 -24.40 -11.58 -10.78
CA GLN A 125 -25.13 -11.94 -9.58
C GLN A 125 -25.24 -13.45 -9.44
N LEU A 126 -25.52 -14.16 -10.53
CA LEU A 126 -25.59 -15.62 -10.43
C LEU A 126 -24.27 -16.20 -10.00
N ALA A 127 -23.19 -15.80 -10.66
CA ALA A 127 -21.89 -16.38 -10.33
C ALA A 127 -21.51 -16.08 -8.89
N ARG A 128 -21.76 -14.85 -8.44
CA ARG A 128 -21.34 -14.46 -7.11
C ARG A 128 -22.28 -15.01 -6.04
N ARG A 129 -23.50 -15.38 -6.42
CA ARG A 129 -24.39 -16.09 -5.51
C ARG A 129 -23.96 -17.54 -5.34
N ILE A 130 -23.62 -18.21 -6.44
CA ILE A 130 -23.30 -19.63 -6.35
C ILE A 130 -22.02 -19.84 -5.55
N ARG A 131 -21.03 -18.98 -5.74
CA ARG A 131 -19.78 -19.09 -4.99
C ARG A 131 -20.03 -19.00 -3.49
N GLY A 132 -21.02 -18.21 -3.08
CA GLY A 132 -21.40 -18.18 -1.69
C GLY A 132 -21.20 -16.84 -1.02
N GLU A 133 -21.09 -15.78 -1.82
CA GLU A 133 -20.88 -14.45 -1.28
C GLU A 133 -22.18 -13.65 -1.16
N ARG A 134 -23.32 -14.22 -1.55
CA ARG A 134 -24.58 -13.52 -1.45
C ARG A 134 -25.75 -14.51 -1.31
N ALA B 15 -18.72 31.75 -2.26
CA ALA B 15 -19.22 31.22 -3.52
C ALA B 15 -18.51 29.94 -3.91
N LYS B 16 -17.17 29.94 -3.85
CA LYS B 16 -16.39 28.81 -4.31
C LYS B 16 -15.52 28.18 -3.23
N ARG B 17 -15.54 28.68 -2.00
CA ARG B 17 -14.82 27.98 -0.93
C ARG B 17 -15.35 26.58 -0.72
N HIS B 18 -16.60 26.33 -1.08
CA HIS B 18 -17.14 24.98 -1.04
C HIS B 18 -16.51 24.15 -2.15
N ARG B 19 -16.29 22.87 -1.85
CA ARG B 19 -15.48 22.00 -2.70
C ARG B 19 -16.07 21.84 -4.10
N LYS B 20 -17.25 21.21 -4.18
CA LYS B 20 -17.92 20.94 -5.46
C LYS B 20 -17.03 20.15 -6.41
N VAL B 21 -16.16 19.31 -5.86
CA VAL B 21 -15.13 18.61 -6.63
C VAL B 21 -15.07 17.16 -6.17
N LEU B 22 -14.08 16.43 -6.70
CA LEU B 22 -13.75 15.07 -6.27
C LEU B 22 -14.94 14.13 -6.46
N ARG B 23 -15.25 13.88 -7.73
CA ARG B 23 -16.17 12.81 -8.08
C ARG B 23 -15.80 11.54 -7.34
N ASP B 24 -16.80 10.70 -7.08
CA ASP B 24 -16.65 9.60 -6.13
C ASP B 24 -15.44 8.76 -6.50
N ASN B 25 -14.71 8.31 -5.48
CA ASN B 25 -13.50 7.56 -5.71
C ASN B 25 -13.78 6.21 -6.37
N ILE B 26 -14.96 5.65 -6.19
CA ILE B 26 -15.27 4.41 -6.89
C ILE B 26 -15.32 4.63 -8.39
N GLN B 27 -15.63 5.86 -8.82
CA GLN B 27 -15.58 6.19 -10.24
C GLN B 27 -14.17 6.21 -10.78
N GLY B 28 -13.15 6.19 -9.91
CA GLY B 28 -11.79 6.10 -10.37
C GLY B 28 -11.45 4.77 -10.98
N ILE B 29 -12.26 3.74 -10.71
CA ILE B 29 -12.12 2.46 -11.37
C ILE B 29 -12.80 2.58 -12.72
N THR B 30 -12.03 3.02 -13.72
CA THR B 30 -12.62 3.52 -14.94
C THR B 30 -13.20 2.37 -15.77
N LYS B 31 -14.00 2.76 -16.76
CA LYS B 31 -14.57 1.79 -17.69
C LYS B 31 -13.50 0.96 -18.40
N PRO B 32 -12.43 1.54 -18.95
CA PRO B 32 -11.41 0.70 -19.59
C PRO B 32 -10.67 -0.22 -18.65
N ALA B 33 -10.47 0.16 -17.38
CA ALA B 33 -9.83 -0.77 -16.45
C ALA B 33 -10.71 -1.99 -16.21
N ILE B 34 -12.01 -1.77 -16.06
CA ILE B 34 -12.94 -2.89 -15.98
C ILE B 34 -12.84 -3.75 -17.22
N ARG B 35 -12.73 -3.13 -18.39
CA ARG B 35 -12.63 -3.93 -19.61
C ARG B 35 -11.32 -4.71 -19.66
N ARG B 36 -10.22 -4.14 -19.17
CA ARG B 36 -8.97 -4.88 -19.14
C ARG B 36 -9.07 -6.09 -18.22
N LEU B 37 -9.65 -5.91 -17.04
CA LEU B 37 -9.87 -7.05 -16.16
C LEU B 37 -10.76 -8.06 -16.84
N ALA B 38 -11.76 -7.60 -17.57
CA ALA B 38 -12.67 -8.50 -18.26
C ALA B 38 -11.94 -9.31 -19.32
N ARG B 39 -11.07 -8.66 -20.10
CA ARG B 39 -10.33 -9.37 -21.13
C ARG B 39 -9.37 -10.38 -20.52
N ARG B 40 -8.66 -10.01 -19.46
CA ARG B 40 -7.82 -11.00 -18.82
C ARG B 40 -8.64 -12.16 -18.28
N GLY B 41 -9.87 -11.89 -17.86
CA GLY B 41 -10.77 -12.98 -17.53
C GLY B 41 -11.17 -13.80 -18.73
N GLY B 42 -11.22 -13.19 -19.91
CA GLY B 42 -11.47 -13.91 -21.13
C GLY B 42 -12.83 -13.71 -21.75
N VAL B 43 -13.45 -12.55 -21.54
CA VAL B 43 -14.76 -12.27 -22.12
C VAL B 43 -14.55 -11.48 -23.40
N LYS B 44 -15.44 -11.66 -24.36
CA LYS B 44 -15.31 -10.98 -25.64
C LYS B 44 -16.23 -9.78 -25.76
N ARG B 45 -17.43 -9.84 -25.21
CA ARG B 45 -18.42 -8.80 -25.40
C ARG B 45 -19.02 -8.44 -24.05
N ILE B 46 -19.15 -7.15 -23.78
CA ILE B 46 -19.53 -6.67 -22.46
C ILE B 46 -20.80 -5.85 -22.57
N SER B 47 -21.64 -5.92 -21.54
CA SER B 47 -22.85 -5.13 -21.47
C SER B 47 -22.50 -3.75 -20.92
N GLY B 48 -23.51 -2.98 -20.54
CA GLY B 48 -23.28 -1.61 -20.14
C GLY B 48 -23.48 -1.35 -18.66
N LEU B 49 -24.08 -2.30 -17.96
CA LEU B 49 -24.29 -2.17 -16.52
C LEU B 49 -23.26 -2.95 -15.72
N ILE B 50 -22.40 -3.69 -16.41
CA ILE B 50 -21.29 -4.37 -15.77
C ILE B 50 -20.40 -3.38 -15.05
N TYR B 51 -20.26 -2.18 -15.62
CA TYR B 51 -19.37 -1.19 -15.04
C TYR B 51 -19.89 -0.61 -13.73
N GLU B 52 -21.13 -0.89 -13.36
CA GLU B 52 -21.63 -0.55 -12.03
C GLU B 52 -21.70 -1.73 -11.09
N GLU B 53 -22.12 -2.89 -11.60
CA GLU B 53 -22.10 -4.08 -10.77
C GLU B 53 -20.68 -4.37 -10.28
N THR B 54 -19.69 -4.17 -11.13
CA THR B 54 -18.30 -4.45 -10.76
C THR B 54 -17.82 -3.51 -9.67
N ARG B 55 -18.17 -2.23 -9.76
CA ARG B 55 -17.77 -1.30 -8.71
C ARG B 55 -18.40 -1.68 -7.39
N GLY B 56 -19.67 -2.11 -7.42
CA GLY B 56 -20.29 -2.56 -6.18
C GLY B 56 -19.56 -3.73 -5.55
N VAL B 57 -19.25 -4.74 -6.35
CA VAL B 57 -18.65 -5.94 -5.77
C VAL B 57 -17.23 -5.64 -5.26
N LEU B 58 -16.47 -4.84 -6.01
CA LEU B 58 -15.13 -4.49 -5.57
C LEU B 58 -15.18 -3.72 -4.25
N LYS B 59 -16.12 -2.79 -4.12
CA LYS B 59 -16.21 -2.02 -2.89
C LYS B 59 -16.54 -2.92 -1.71
N VAL B 60 -17.42 -3.90 -1.90
CA VAL B 60 -17.72 -4.82 -0.81
C VAL B 60 -16.48 -5.59 -0.38
N PHE B 61 -15.75 -6.13 -1.36
CA PHE B 61 -14.57 -6.93 -1.03
C PHE B 61 -13.54 -6.11 -0.27
N LEU B 62 -13.29 -4.90 -0.74
CA LEU B 62 -12.33 -4.03 -0.07
C LEU B 62 -12.79 -3.70 1.34
N GLU B 63 -14.07 -3.46 1.54
CA GLU B 63 -14.56 -3.17 2.88
C GLU B 63 -14.23 -4.30 3.83
N ASN B 64 -14.52 -5.54 3.43
CA ASN B 64 -14.26 -6.66 4.33
C ASN B 64 -12.77 -6.76 4.68
N VAL B 65 -11.91 -6.75 3.66
CA VAL B 65 -10.50 -6.98 3.91
C VAL B 65 -9.93 -5.86 4.77
N ILE B 66 -10.27 -4.60 4.46
CA ILE B 66 -9.73 -3.50 5.20
C ILE B 66 -10.23 -3.52 6.64
N ARG B 67 -11.47 -3.95 6.86
CA ARG B 67 -11.96 -4.05 8.24
C ARG B 67 -11.09 -4.98 9.05
N ASP B 68 -10.81 -6.17 8.52
CA ASP B 68 -9.98 -7.09 9.30
C ASP B 68 -8.57 -6.55 9.51
N ALA B 69 -7.98 -5.95 8.47
CA ALA B 69 -6.62 -5.43 8.61
C ALA B 69 -6.56 -4.36 9.70
N VAL B 70 -7.54 -3.46 9.71
CA VAL B 70 -7.55 -2.41 10.71
C VAL B 70 -7.76 -2.99 12.09
N THR B 71 -8.54 -4.06 12.21
CA THR B 71 -8.68 -4.70 13.51
C THR B 71 -7.33 -5.21 14.03
N TYR B 72 -6.58 -5.90 13.17
CA TYR B 72 -5.26 -6.36 13.59
C TYR B 72 -4.38 -5.20 14.01
N THR B 73 -4.37 -4.13 13.21
CA THR B 73 -3.53 -2.98 13.50
C THR B 73 -3.90 -2.35 14.83
N GLU B 74 -5.18 -2.14 15.09
CA GLU B 74 -5.60 -1.58 16.36
C GLU B 74 -5.18 -2.47 17.52
N HIS B 75 -5.30 -3.79 17.35
CA HIS B 75 -4.89 -4.67 18.44
C HIS B 75 -3.42 -4.49 18.76
N ALA B 76 -2.57 -4.42 17.73
CA ALA B 76 -1.15 -4.27 18.04
C ALA B 76 -0.81 -2.90 18.62
N LYS B 77 -1.80 -2.05 18.89
CA LYS B 77 -1.58 -0.69 19.38
C LYS B 77 -0.72 0.14 18.45
N ARG B 78 -0.93 0.01 17.15
CA ARG B 78 -0.26 0.82 16.17
C ARG B 78 -1.26 1.78 15.53
N LYS B 79 -0.76 2.59 14.62
CA LYS B 79 -1.61 3.40 13.76
C LYS B 79 -1.28 3.19 12.30
N THR B 80 -0.41 2.23 11.99
CA THR B 80 0.02 1.95 10.63
C THR B 80 -0.45 0.57 10.23
N VAL B 81 -1.15 0.48 9.11
CA VAL B 81 -1.52 -0.83 8.56
C VAL B 81 -0.36 -1.33 7.73
N THR B 82 0.14 -2.50 8.08
CA THR B 82 1.33 -3.05 7.45
C THR B 82 0.96 -4.19 6.50
N ALA B 83 1.88 -4.48 5.59
CA ALA B 83 1.65 -5.54 4.62
C ALA B 83 1.36 -6.86 5.32
N MET B 84 2.00 -7.09 6.46
CA MET B 84 1.70 -8.31 7.19
C MET B 84 0.30 -8.27 7.78
N ASP B 85 -0.17 -7.10 8.19
CA ASP B 85 -1.55 -7.01 8.65
C ASP B 85 -2.51 -7.36 7.53
N VAL B 86 -2.26 -6.84 6.33
CA VAL B 86 -3.12 -7.17 5.18
C VAL B 86 -3.05 -8.66 4.87
N VAL B 87 -1.85 -9.23 4.92
CA VAL B 87 -1.68 -10.64 4.62
C VAL B 87 -2.45 -11.50 5.61
N TYR B 88 -2.36 -11.15 6.90
CA TYR B 88 -3.11 -11.89 7.90
C TYR B 88 -4.60 -11.77 7.67
N ALA B 89 -5.06 -10.57 7.31
CA ALA B 89 -6.49 -10.39 7.04
C ALA B 89 -6.95 -11.28 5.90
N LEU B 90 -6.20 -11.29 4.80
CA LEU B 90 -6.58 -12.12 3.66
C LEU B 90 -6.55 -13.60 4.03
N LYS B 91 -5.51 -14.03 4.74
CA LYS B 91 -5.43 -15.43 5.13
C LYS B 91 -6.61 -15.83 5.98
N ARG B 92 -7.03 -14.95 6.90
CA ARG B 92 -8.22 -15.24 7.69
C ARG B 92 -9.44 -15.34 6.81
N GLN B 93 -9.57 -14.44 5.83
CA GLN B 93 -10.72 -14.49 4.93
C GLN B 93 -10.72 -15.74 4.08
N GLY B 94 -9.58 -16.38 3.90
CA GLY B 94 -9.50 -17.62 3.19
C GLY B 94 -8.87 -17.55 1.83
N ARG B 95 -8.12 -16.50 1.53
CA ARG B 95 -7.48 -16.37 0.22
C ARG B 95 -6.02 -15.93 0.46
N THR B 96 -5.16 -16.92 0.64
CA THR B 96 -3.76 -16.66 0.96
C THR B 96 -3.08 -15.92 -0.19
N LEU B 97 -2.08 -15.12 0.15
CA LEU B 97 -1.36 -14.30 -0.81
C LEU B 97 0.13 -14.49 -0.60
N TYR B 98 0.78 -15.21 -1.52
CA TYR B 98 2.22 -15.39 -1.45
C TYR B 98 2.93 -14.19 -2.04
N GLY B 99 4.14 -13.95 -1.56
CA GLY B 99 4.86 -12.78 -2.02
C GLY B 99 5.16 -11.86 -0.87
N PHE B 100 4.40 -10.77 -0.80
CA PHE B 100 4.43 -9.82 0.30
C PHE B 100 4.56 -10.54 1.63
N GLY B 101 5.61 -10.23 2.37
CA GLY B 101 5.87 -10.90 3.63
C GLY B 101 5.99 -12.40 3.52
N ALA C 12 -11.05 -19.64 54.57
CA ALA C 12 -12.29 -18.93 54.33
C ALA C 12 -13.22 -19.72 53.42
N LYS C 13 -14.50 -19.33 53.39
CA LYS C 13 -15.43 -19.94 52.46
C LYS C 13 -15.09 -19.51 51.03
N ALA C 14 -15.15 -20.47 50.11
CA ALA C 14 -14.77 -20.24 48.73
C ALA C 14 -16.00 -19.95 47.89
N LYS C 15 -15.91 -18.91 47.05
CA LYS C 15 -16.95 -18.55 46.12
C LYS C 15 -16.40 -18.60 44.70
N THR C 16 -17.13 -19.24 43.80
CA THR C 16 -16.59 -19.54 42.49
C THR C 16 -16.47 -18.27 41.64
N ARG C 17 -15.53 -18.30 40.71
CA ARG C 17 -15.31 -17.17 39.84
C ARG C 17 -16.51 -16.94 38.94
N SER C 18 -17.25 -17.99 38.60
CA SER C 18 -18.48 -17.80 37.85
C SER C 18 -19.44 -16.91 38.61
N SER C 19 -19.62 -17.18 39.90
CA SER C 19 -20.54 -16.38 40.69
C SER C 19 -20.02 -14.97 40.89
N ARG C 20 -18.76 -14.84 41.29
CA ARG C 20 -18.27 -13.50 41.56
C ARG C 20 -18.05 -12.69 40.29
N ALA C 21 -18.14 -13.32 39.12
CA ALA C 21 -18.20 -12.60 37.86
C ALA C 21 -19.61 -12.34 37.39
N GLY C 22 -20.59 -13.05 37.95
CA GLY C 22 -21.97 -12.88 37.58
C GLY C 22 -22.44 -13.73 36.42
N LEU C 23 -21.57 -14.58 35.87
CA LEU C 23 -21.94 -15.34 34.68
C LEU C 23 -22.59 -16.65 35.09
N GLN C 24 -22.98 -17.44 34.09
CA GLN C 24 -23.48 -18.79 34.30
C GLN C 24 -22.56 -19.87 33.76
N PHE C 25 -21.80 -19.56 32.71
CA PHE C 25 -20.87 -20.55 32.18
C PHE C 25 -19.67 -20.70 33.10
N PRO C 26 -19.02 -21.86 33.10
CA PRO C 26 -17.92 -22.10 34.04
C PRO C 26 -16.68 -21.33 33.62
N VAL C 27 -15.98 -20.77 34.60
CA VAL C 27 -14.78 -20.02 34.33
C VAL C 27 -13.57 -20.89 34.67
N GLY C 28 -13.72 -21.74 35.69
CA GLY C 28 -12.65 -22.67 36.01
C GLY C 28 -12.37 -23.65 34.89
N ARG C 29 -13.43 -24.21 34.30
CA ARG C 29 -13.25 -25.14 33.18
C ARG C 29 -12.66 -24.43 31.97
N VAL C 30 -13.10 -23.21 31.69
CA VAL C 30 -12.55 -22.47 30.57
C VAL C 30 -11.07 -22.21 30.79
N HIS C 31 -10.70 -21.83 32.01
CA HIS C 31 -9.30 -21.59 32.31
C HIS C 31 -8.49 -22.87 32.14
N ARG C 32 -9.04 -24.00 32.59
CA ARG C 32 -8.32 -25.26 32.45
C ARG C 32 -8.10 -25.60 30.99
N LEU C 33 -9.12 -25.41 30.15
CA LEU C 33 -8.97 -25.72 28.73
C LEU C 33 -7.96 -24.80 28.07
N LEU C 34 -8.01 -23.50 28.39
CA LEU C 34 -7.07 -22.56 27.81
C LEU C 34 -5.64 -22.93 28.17
N ARG C 35 -5.39 -23.29 29.43
CA ARG C 35 -4.06 -23.76 29.80
C ARG C 35 -3.71 -25.05 29.08
N LYS C 36 -4.42 -26.12 29.37
CA LYS C 36 -4.10 -27.40 28.77
C LYS C 36 -4.72 -27.55 27.38
N GLY C 37 -4.53 -26.54 26.54
CA GLY C 37 -4.95 -26.64 25.16
C GLY C 37 -3.88 -26.23 24.17
N ASN C 38 -2.68 -25.94 24.67
CA ASN C 38 -1.55 -25.55 23.82
C ASN C 38 -1.88 -24.32 22.98
N TYR C 39 -2.54 -23.36 23.60
CA TYR C 39 -2.81 -22.10 22.92
C TYR C 39 -1.75 -21.05 23.20
N ALA C 40 -1.19 -21.04 24.40
CA ALA C 40 -0.06 -20.19 24.71
C ALA C 40 0.63 -20.74 25.95
N GLU C 41 1.81 -20.22 26.23
CA GLU C 41 2.53 -20.66 27.41
C GLU C 41 1.83 -20.23 28.69
N ARG C 42 1.39 -18.98 28.74
CA ARG C 42 0.77 -18.41 29.93
C ARG C 42 -0.59 -17.84 29.59
N VAL C 43 -1.52 -17.96 30.53
CA VAL C 43 -2.90 -17.54 30.35
C VAL C 43 -3.23 -16.48 31.39
N GLY C 44 -3.77 -15.36 30.95
CA GLY C 44 -4.09 -14.27 31.85
C GLY C 44 -5.16 -14.66 32.85
N ALA C 45 -5.60 -13.65 33.61
CA ALA C 45 -6.61 -13.85 34.64
C ALA C 45 -7.99 -13.36 34.24
N GLY C 46 -8.10 -12.50 33.24
CA GLY C 46 -9.40 -12.05 32.80
C GLY C 46 -9.87 -12.75 31.55
N ALA C 47 -8.97 -13.47 30.90
CA ALA C 47 -9.34 -14.17 29.67
C ALA C 47 -10.43 -15.21 29.90
N PRO C 48 -10.37 -16.07 30.91
CA PRO C 48 -11.49 -17.00 31.11
C PRO C 48 -12.80 -16.31 31.35
N VAL C 49 -12.80 -15.20 32.09
CA VAL C 49 -14.03 -14.48 32.35
C VAL C 49 -14.61 -13.92 31.05
N TYR C 50 -13.75 -13.30 30.25
CA TYR C 50 -14.22 -12.71 29.00
C TYR C 50 -14.78 -13.79 28.07
N LEU C 51 -14.07 -14.91 27.94
CA LEU C 51 -14.52 -15.98 27.06
C LEU C 51 -15.82 -16.59 27.53
N ALA C 52 -15.96 -16.81 28.84
CA ALA C 52 -17.20 -17.34 29.36
C ALA C 52 -18.35 -16.40 29.08
N ALA C 53 -18.13 -15.09 29.23
CA ALA C 53 -19.18 -14.13 28.95
C ALA C 53 -19.61 -14.20 27.49
N VAL C 54 -18.64 -14.27 26.57
CA VAL C 54 -18.98 -14.30 25.15
C VAL C 54 -19.76 -15.56 24.80
N LEU C 55 -19.31 -16.71 25.30
CA LEU C 55 -20.01 -17.95 25.03
C LEU C 55 -21.43 -17.91 25.58
N GLU C 56 -21.60 -17.38 26.79
CA GLU C 56 -22.93 -17.27 27.37
C GLU C 56 -23.81 -16.39 26.51
N TYR C 57 -23.28 -15.28 26.03
CA TYR C 57 -24.10 -14.38 25.22
C TYR C 57 -24.57 -15.07 23.95
N LEU C 58 -23.66 -15.74 23.25
CA LEU C 58 -24.04 -16.38 22.00
C LEU C 58 -25.07 -17.47 22.23
N THR C 59 -24.87 -18.27 23.28
CA THR C 59 -25.84 -19.31 23.60
C THR C 59 -27.21 -18.72 23.88
N ALA C 60 -27.27 -17.65 24.66
CA ALA C 60 -28.55 -17.04 24.97
C ALA C 60 -29.23 -16.54 23.71
N GLU C 61 -28.47 -15.91 22.81
CA GLU C 61 -29.08 -15.35 21.61
C GLU C 61 -29.70 -16.43 20.74
N ILE C 62 -28.91 -17.47 20.43
CA ILE C 62 -29.42 -18.53 19.57
C ILE C 62 -30.57 -19.26 20.23
N LEU C 63 -30.51 -19.45 21.55
CA LEU C 63 -31.59 -20.17 22.22
C LEU C 63 -32.87 -19.36 22.24
N GLU C 64 -32.75 -18.04 22.37
CA GLU C 64 -33.95 -17.21 22.33
C GLU C 64 -34.62 -17.31 20.97
N LEU C 65 -33.84 -17.22 19.90
CA LEU C 65 -34.45 -17.35 18.57
C LEU C 65 -35.09 -18.72 18.38
N ALA C 66 -34.40 -19.78 18.84
CA ALA C 66 -34.95 -21.12 18.68
C ALA C 66 -36.25 -21.27 19.46
N GLY C 67 -36.32 -20.72 20.67
CA GLY C 67 -37.54 -20.78 21.43
C GLY C 67 -38.68 -20.02 20.77
N ASN C 68 -38.36 -18.87 20.19
CA ASN C 68 -39.37 -18.14 19.42
C ASN C 68 -39.95 -19.02 18.33
N ALA C 69 -39.09 -19.69 17.56
CA ALA C 69 -39.58 -20.53 16.48
C ALA C 69 -40.42 -21.69 17.02
N ALA C 70 -39.96 -22.32 18.09
CA ALA C 70 -40.67 -23.47 18.63
C ALA C 70 -42.06 -23.07 19.12
N ARG C 71 -42.17 -21.91 19.76
CA ARG C 71 -43.48 -21.40 20.13
C ARG C 71 -44.32 -21.08 18.91
N ASP C 72 -43.69 -20.55 17.85
CA ASP C 72 -44.42 -20.27 16.63
C ASP C 72 -45.06 -21.54 16.07
N ASN C 73 -44.41 -22.68 16.26
CA ASN C 73 -44.94 -23.94 15.74
C ASN C 73 -45.75 -24.71 16.78
N LYS C 74 -46.26 -24.04 17.81
CA LYS C 74 -47.11 -24.66 18.83
C LYS C 74 -46.44 -25.89 19.46
N LYS C 75 -45.21 -25.71 19.92
CA LYS C 75 -44.47 -26.76 20.58
C LYS C 75 -43.67 -26.16 21.72
N THR C 76 -43.37 -26.98 22.73
CA THR C 76 -42.68 -26.49 23.92
C THR C 76 -41.37 -27.23 24.15
N ARG C 77 -40.67 -27.57 23.08
CA ARG C 77 -39.35 -28.17 23.18
C ARG C 77 -38.58 -27.84 21.91
N ILE C 78 -37.43 -27.18 22.08
CA ILE C 78 -36.60 -26.86 20.94
C ILE C 78 -36.03 -28.14 20.33
N ILE C 79 -36.08 -28.25 19.01
CA ILE C 79 -35.56 -29.41 18.31
C ILE C 79 -34.59 -28.93 17.24
N PRO C 80 -33.75 -29.83 16.71
CA PRO C 80 -32.80 -29.39 15.68
C PRO C 80 -33.46 -28.68 14.52
N ARG C 81 -34.72 -28.99 14.20
CA ARG C 81 -35.42 -28.24 13.17
C ARG C 81 -35.56 -26.77 13.55
N HIS C 82 -35.94 -26.49 14.79
CA HIS C 82 -36.06 -25.11 15.22
C HIS C 82 -34.70 -24.44 15.28
N LEU C 83 -33.67 -25.17 15.69
CA LEU C 83 -32.33 -24.59 15.65
C LEU C 83 -31.95 -24.18 14.23
N GLN C 84 -32.15 -25.09 13.27
CA GLN C 84 -31.92 -24.80 11.86
C GLN C 84 -32.68 -23.57 11.42
N LEU C 85 -33.97 -23.52 11.76
CA LEU C 85 -34.84 -22.50 11.23
C LEU C 85 -34.47 -21.13 11.78
N ALA C 86 -34.20 -21.05 13.07
CA ALA C 86 -33.76 -19.79 13.68
C ALA C 86 -32.44 -19.33 13.10
N VAL C 87 -31.48 -20.25 12.99
CA VAL C 87 -30.16 -19.89 12.49
C VAL C 87 -30.26 -19.35 11.08
N ARG C 88 -31.00 -20.04 10.22
CA ARG C 88 -31.06 -19.61 8.82
C ARG C 88 -31.90 -18.36 8.64
N ASN C 89 -32.87 -18.13 9.51
CA ASN C 89 -33.66 -16.91 9.37
C ASN C 89 -32.93 -15.67 9.88
N ASP C 90 -32.08 -15.80 10.89
CA ASP C 90 -31.29 -14.66 11.33
C ASP C 90 -30.03 -14.57 10.47
N GLU C 91 -29.81 -13.42 9.84
CA GLU C 91 -28.74 -13.32 8.86
C GLU C 91 -27.37 -13.28 9.51
N GLU C 92 -27.24 -12.65 10.67
CA GLU C 92 -25.93 -12.61 11.33
C GLU C 92 -25.50 -14.00 11.77
N LEU C 93 -26.39 -14.73 12.43
CA LEU C 93 -26.09 -16.10 12.80
C LEU C 93 -25.89 -16.97 11.58
N ASN C 94 -26.59 -16.66 10.49
CA ASN C 94 -26.38 -17.41 9.26
C ASN C 94 -24.97 -17.20 8.72
N LYS C 95 -24.47 -15.97 8.74
CA LYS C 95 -23.10 -15.74 8.30
C LYS C 95 -22.10 -16.40 9.23
N LEU C 96 -22.32 -16.32 10.55
CA LEU C 96 -21.40 -16.95 11.48
C LEU C 96 -21.37 -18.45 11.27
N LEU C 97 -22.52 -19.05 11.07
CA LEU C 97 -22.67 -20.49 10.84
C LEU C 97 -22.92 -20.79 9.38
N GLY C 98 -22.30 -20.06 8.47
CA GLY C 98 -22.57 -20.24 7.06
C GLY C 98 -22.13 -21.57 6.51
N ARG C 99 -21.18 -22.22 7.18
CA ARG C 99 -20.59 -23.44 6.66
C ARG C 99 -20.99 -24.68 7.45
N VAL C 100 -21.58 -24.51 8.63
CA VAL C 100 -22.01 -25.67 9.40
C VAL C 100 -23.24 -26.28 8.74
N THR C 101 -23.55 -27.50 9.13
CA THR C 101 -24.80 -28.14 8.74
C THR C 101 -25.41 -28.78 9.98
N ILE C 102 -26.45 -28.16 10.50
CA ILE C 102 -27.15 -28.75 11.65
C ILE C 102 -27.81 -30.04 11.22
N ALA C 103 -27.40 -31.14 11.82
CA ALA C 103 -27.95 -32.44 11.46
C ALA C 103 -29.42 -32.52 11.81
N GLN C 104 -30.19 -33.16 10.92
CA GLN C 104 -31.64 -33.28 11.09
C GLN C 104 -32.30 -31.91 11.17
N GLY C 105 -31.80 -30.96 10.39
CA GLY C 105 -32.37 -29.63 10.40
C GLY C 105 -33.32 -29.36 9.25
N GLY C 106 -33.35 -30.25 8.27
CA GLY C 106 -34.18 -29.92 7.13
C GLY C 106 -33.60 -28.74 6.37
N VAL C 107 -34.48 -28.05 5.65
CA VAL C 107 -34.09 -26.87 4.88
C VAL C 107 -35.16 -25.81 5.01
N LEU C 108 -34.77 -24.57 4.73
CA LEU C 108 -35.67 -23.44 4.85
C LEU C 108 -36.62 -23.42 3.65
N PRO C 109 -37.92 -23.26 3.88
CA PRO C 109 -38.89 -23.32 2.77
C PRO C 109 -38.70 -22.17 1.80
N ASN C 110 -38.61 -22.51 0.51
CA ASN C 110 -38.40 -21.50 -0.52
C ASN C 110 -38.68 -22.12 -1.89
N ILE C 111 -39.58 -21.50 -2.65
CA ILE C 111 -39.85 -21.87 -4.04
C ILE C 111 -39.62 -20.65 -4.91
N GLN C 112 -38.92 -20.82 -6.01
CA GLN C 112 -38.63 -19.71 -6.91
C GLN C 112 -39.92 -19.18 -7.53
N SER C 113 -39.97 -17.85 -7.73
CA SER C 113 -41.18 -17.22 -8.20
C SER C 113 -41.57 -17.70 -9.59
N VAL C 114 -40.57 -17.90 -10.46
CA VAL C 114 -40.85 -18.29 -11.84
C VAL C 114 -41.55 -19.63 -11.90
N LEU C 115 -41.33 -20.49 -10.90
CA LEU C 115 -41.85 -21.85 -10.98
C LEU C 115 -43.35 -21.91 -10.66
N LEU C 116 -43.89 -20.88 -10.02
CA LEU C 116 -45.29 -20.90 -9.62
C LEU C 116 -46.21 -20.83 -10.84
N PRO C 117 -47.41 -21.39 -10.74
CA PRO C 117 -48.31 -21.39 -11.90
C PRO C 117 -48.81 -20.00 -12.21
N LYS C 118 -49.18 -19.81 -13.47
CA LYS C 118 -49.69 -18.52 -13.92
C LYS C 118 -51.11 -18.29 -13.42
N THR D 29 -15.73 -42.93 31.23
CA THR D 29 -16.79 -42.03 31.65
C THR D 29 -16.21 -40.65 31.97
N ARG D 30 -16.98 -39.83 32.68
CA ARG D 30 -16.56 -38.50 33.10
C ARG D 30 -16.21 -37.64 31.88
N LYS D 31 -17.24 -37.37 31.09
CA LYS D 31 -17.12 -36.53 29.90
C LYS D 31 -17.83 -35.19 30.16
N GLU D 32 -17.10 -34.10 30.03
CA GLU D 32 -17.63 -32.78 30.32
C GLU D 32 -18.54 -32.31 29.18
N SER D 33 -19.55 -31.52 29.52
CA SER D 33 -20.59 -31.38 28.52
C SER D 33 -20.94 -29.96 28.11
N TYR D 34 -21.07 -29.02 29.04
CA TYR D 34 -21.74 -27.71 28.91
C TYR D 34 -23.25 -27.82 28.94
N ALA D 35 -23.82 -29.02 29.03
CA ALA D 35 -25.27 -29.16 28.97
C ALA D 35 -25.94 -28.41 30.10
N ILE D 36 -25.40 -28.50 31.31
CA ILE D 36 -26.07 -27.88 32.44
C ILE D 36 -26.03 -26.36 32.33
N TYR D 37 -24.93 -25.83 31.83
CA TYR D 37 -24.84 -24.37 31.70
C TYR D 37 -25.76 -23.87 30.59
N VAL D 38 -25.84 -24.59 29.48
CA VAL D 38 -26.77 -24.20 28.43
C VAL D 38 -28.20 -24.27 28.95
N TYR D 39 -28.49 -25.26 29.78
CA TYR D 39 -29.84 -25.38 30.30
C TYR D 39 -30.17 -24.26 31.27
N LYS D 40 -29.18 -23.82 32.05
CA LYS D 40 -29.39 -22.66 32.90
C LYS D 40 -29.69 -21.42 32.07
N VAL D 41 -28.93 -21.20 31.00
CA VAL D 41 -29.18 -20.03 30.16
C VAL D 41 -30.56 -20.11 29.53
N LEU D 42 -30.96 -21.30 29.10
CA LEU D 42 -32.29 -21.46 28.52
C LEU D 42 -33.38 -21.15 29.53
N LYS D 43 -33.25 -21.65 30.75
CA LYS D 43 -34.27 -21.35 31.74
C LYS D 43 -34.19 -19.93 32.23
N GLN D 44 -33.15 -19.18 31.87
CA GLN D 44 -33.19 -17.75 32.07
C GLN D 44 -33.95 -17.04 30.95
N VAL D 45 -33.73 -17.46 29.71
CA VAL D 45 -34.28 -16.73 28.57
C VAL D 45 -35.75 -17.07 28.36
N HIS D 46 -36.08 -18.35 28.30
CA HIS D 46 -37.44 -18.84 28.04
C HIS D 46 -37.79 -19.80 29.17
N PRO D 47 -38.28 -19.32 30.28
CA PRO D 47 -38.44 -20.23 31.43
C PRO D 47 -39.68 -21.10 31.34
N ASP D 48 -40.01 -21.59 30.15
CA ASP D 48 -41.07 -22.57 30.00
C ASP D 48 -40.81 -23.61 28.93
N THR D 49 -39.65 -23.60 28.27
CA THR D 49 -39.37 -24.49 27.17
C THR D 49 -38.33 -25.52 27.60
N GLY D 50 -38.00 -26.42 26.68
CA GLY D 50 -37.07 -27.48 26.95
C GLY D 50 -36.22 -27.76 25.73
N ILE D 51 -35.32 -28.71 25.87
CA ILE D 51 -34.40 -29.11 24.80
C ILE D 51 -34.41 -30.62 24.69
N SER D 52 -34.53 -31.12 23.47
CA SER D 52 -34.34 -32.54 23.27
C SER D 52 -32.85 -32.87 23.27
N SER D 53 -32.53 -34.15 23.37
CA SER D 53 -31.13 -34.56 23.48
C SER D 53 -30.34 -34.17 22.23
N LYS D 54 -30.93 -34.36 21.04
CA LYS D 54 -30.21 -34.01 19.82
C LYS D 54 -29.93 -32.53 19.75
N ALA D 55 -30.91 -31.69 20.08
CA ALA D 55 -30.68 -30.26 20.10
C ALA D 55 -29.62 -29.90 21.14
N MET D 56 -29.63 -30.60 22.26
CA MET D 56 -28.65 -30.33 23.31
C MET D 56 -27.24 -30.64 22.82
N SER D 57 -27.07 -31.76 22.13
CA SER D 57 -25.78 -32.12 21.57
C SER D 57 -25.33 -31.12 20.52
N ILE D 58 -26.26 -30.67 19.67
CA ILE D 58 -25.93 -29.68 18.66
C ILE D 58 -25.45 -28.40 19.33
N MET D 59 -26.12 -28.00 20.41
CA MET D 59 -25.73 -26.77 21.10
C MET D 59 -24.34 -26.92 21.73
N ASN D 60 -24.06 -28.09 22.31
CA ASN D 60 -22.75 -28.33 22.88
C ASN D 60 -21.65 -28.27 21.82
N SER D 61 -21.90 -28.89 20.67
CA SER D 61 -20.93 -28.82 19.58
C SER D 61 -20.73 -27.38 19.13
N PHE D 62 -21.81 -26.60 19.08
CA PHE D 62 -21.70 -25.20 18.71
C PHE D 62 -20.81 -24.45 19.67
N VAL D 63 -20.98 -24.67 20.97
CA VAL D 63 -20.16 -23.97 21.95
C VAL D 63 -18.70 -24.37 21.82
N ASN D 64 -18.44 -25.67 21.65
CA ASN D 64 -17.05 -26.10 21.50
C ASN D 64 -16.41 -25.51 20.24
N ASP D 65 -17.16 -25.49 19.14
CA ASP D 65 -16.64 -24.94 17.89
C ASP D 65 -16.29 -23.47 18.06
N VAL D 66 -17.18 -22.70 18.67
CA VAL D 66 -16.90 -21.28 18.86
C VAL D 66 -15.72 -21.08 19.79
N PHE D 67 -15.63 -21.91 20.83
CA PHE D 67 -14.51 -21.80 21.75
C PHE D 67 -13.20 -22.03 21.04
N GLU D 68 -13.13 -23.08 20.22
CA GLU D 68 -11.86 -23.37 19.55
C GLU D 68 -11.54 -22.30 18.51
N ARG D 69 -12.56 -21.76 17.84
CA ARG D 69 -12.30 -20.69 16.89
C ARG D 69 -11.70 -19.48 17.58
N ILE D 70 -12.32 -19.03 18.67
CA ILE D 70 -11.85 -17.85 19.36
C ILE D 70 -10.46 -18.10 19.97
N ALA D 71 -10.28 -19.25 20.60
CA ALA D 71 -8.99 -19.53 21.23
C ALA D 71 -7.88 -19.64 20.19
N GLY D 72 -8.14 -20.29 19.06
CA GLY D 72 -7.12 -20.37 18.03
C GLY D 72 -6.77 -19.02 17.45
N GLU D 73 -7.78 -18.17 17.22
CA GLU D 73 -7.49 -16.84 16.73
C GLU D 73 -6.66 -16.06 17.74
N ALA D 74 -7.00 -16.17 19.02
CA ALA D 74 -6.24 -15.46 20.05
C ALA D 74 -4.82 -15.99 20.15
N SER D 75 -4.64 -17.30 20.00
CA SER D 75 -3.31 -17.87 20.05
C SER D 75 -2.45 -17.35 18.90
N ARG D 76 -2.99 -17.36 17.69
CA ARG D 76 -2.25 -16.82 16.56
C ARG D 76 -1.99 -15.33 16.75
N LEU D 77 -2.94 -14.63 17.34
CA LEU D 77 -2.79 -13.20 17.55
C LEU D 77 -1.67 -12.88 18.51
N ALA D 78 -1.55 -13.67 19.58
CA ALA D 78 -0.44 -13.48 20.51
C ALA D 78 0.87 -13.88 19.87
N HIS D 79 0.86 -14.93 19.04
CA HIS D 79 2.10 -15.32 18.39
C HIS D 79 2.59 -14.26 17.42
N TYR D 80 1.68 -13.55 16.75
CA TYR D 80 2.08 -12.52 15.81
C TYR D 80 2.81 -11.38 16.50
N ASN D 81 2.49 -11.09 17.75
CA ASN D 81 3.02 -9.93 18.45
C ASN D 81 4.12 -10.28 19.43
N LYS D 82 4.70 -11.47 19.32
CA LYS D 82 5.80 -11.90 20.17
C LYS D 82 5.42 -11.89 21.64
N ARG D 83 4.15 -12.12 21.93
CA ARG D 83 3.69 -12.25 23.31
C ARG D 83 3.55 -13.72 23.67
N SER D 84 3.78 -14.02 24.94
CA SER D 84 3.67 -15.37 25.43
C SER D 84 2.48 -15.56 26.36
N THR D 85 1.52 -14.63 26.32
CA THR D 85 0.40 -14.66 27.24
C THR D 85 -0.88 -14.35 26.49
N ILE D 86 -1.90 -15.17 26.70
CA ILE D 86 -3.25 -14.87 26.25
C ILE D 86 -3.93 -14.05 27.34
N THR D 87 -4.47 -12.89 26.98
CA THR D 87 -5.21 -12.12 27.95
C THR D 87 -6.49 -11.59 27.30
N SER D 88 -7.30 -10.91 28.12
CA SER D 88 -8.61 -10.48 27.67
C SER D 88 -8.53 -9.59 26.45
N ARG D 89 -7.41 -8.90 26.26
CA ARG D 89 -7.26 -8.07 25.07
C ARG D 89 -7.24 -8.94 23.81
N GLU D 90 -6.46 -10.02 23.82
CA GLU D 90 -6.49 -10.91 22.66
C GLU D 90 -7.84 -11.57 22.51
N ILE D 91 -8.50 -11.92 23.62
CA ILE D 91 -9.81 -12.55 23.49
C ILE D 91 -10.78 -11.60 22.82
N GLN D 92 -10.75 -10.33 23.22
CA GLN D 92 -11.65 -9.34 22.65
C GLN D 92 -11.38 -9.13 21.16
N THR D 93 -10.11 -9.03 20.79
CA THR D 93 -9.80 -8.83 19.37
C THR D 93 -10.25 -10.02 18.55
N ALA D 94 -10.05 -11.23 19.05
CA ALA D 94 -10.51 -12.41 18.32
C ALA D 94 -12.03 -12.42 18.21
N VAL D 95 -12.72 -11.98 19.25
CA VAL D 95 -14.18 -11.92 19.19
C VAL D 95 -14.63 -10.99 18.08
N ARG D 96 -14.06 -9.79 18.03
CA ARG D 96 -14.55 -8.88 16.99
C ARG D 96 -14.00 -9.23 15.62
N LEU D 97 -13.00 -10.09 15.54
CA LEU D 97 -12.60 -10.61 14.24
C LEU D 97 -13.55 -11.70 13.74
N LEU D 98 -14.05 -12.53 14.64
CA LEU D 98 -14.85 -13.66 14.20
C LEU D 98 -16.34 -13.34 14.09
N LEU D 99 -16.92 -12.72 15.10
CA LEU D 99 -18.35 -12.50 15.05
C LEU D 99 -18.68 -11.33 14.12
N PRO D 100 -19.74 -11.43 13.32
CA PRO D 100 -20.05 -10.36 12.37
C PRO D 100 -20.94 -9.25 12.90
N GLY D 101 -20.45 -8.02 12.86
CA GLY D 101 -21.28 -6.85 13.06
C GLY D 101 -21.90 -6.74 14.44
N GLU D 102 -23.24 -6.74 14.46
CA GLU D 102 -23.97 -6.49 15.69
C GLU D 102 -23.69 -7.56 16.73
N LEU D 103 -23.54 -8.81 16.30
CA LEU D 103 -23.14 -9.87 17.22
C LEU D 103 -21.85 -9.49 17.91
N ALA D 104 -20.85 -9.04 17.14
CA ALA D 104 -19.58 -8.67 17.73
C ALA D 104 -19.76 -7.54 18.73
N LYS D 105 -20.54 -6.53 18.37
CA LYS D 105 -20.71 -5.38 19.25
C LYS D 105 -21.29 -5.80 20.59
N HIS D 106 -22.38 -6.57 20.55
CA HIS D 106 -23.03 -6.96 21.79
C HIS D 106 -22.14 -7.89 22.62
N ALA D 107 -21.46 -8.83 21.96
CA ALA D 107 -20.61 -9.76 22.69
C ALA D 107 -19.47 -9.02 23.37
N VAL D 108 -18.87 -8.04 22.69
CA VAL D 108 -17.80 -7.27 23.30
C VAL D 108 -18.31 -6.51 24.51
N SER D 109 -19.47 -5.87 24.37
CA SER D 109 -20.01 -5.12 25.51
C SER D 109 -20.24 -6.04 26.71
N GLU D 110 -20.81 -7.22 26.46
CA GLU D 110 -21.12 -8.12 27.56
C GLU D 110 -19.85 -8.66 28.21
N GLY D 111 -18.84 -9.00 27.41
CA GLY D 111 -17.60 -9.47 27.98
C GLY D 111 -16.93 -8.43 28.86
N THR D 112 -16.87 -7.19 28.39
CA THR D 112 -16.27 -6.14 29.21
C THR D 112 -17.04 -5.95 30.50
N LYS D 113 -18.37 -5.98 30.42
CA LYS D 113 -19.18 -5.89 31.64
C LYS D 113 -18.81 -6.96 32.64
N ALA D 114 -18.74 -8.22 32.17
CA ALA D 114 -18.46 -9.32 33.09
C ALA D 114 -17.08 -9.19 33.70
N VAL D 115 -16.08 -8.81 32.90
CA VAL D 115 -14.73 -8.72 33.43
C VAL D 115 -14.63 -7.63 34.48
N THR D 116 -15.23 -6.46 34.22
CA THR D 116 -15.16 -5.40 35.22
C THR D 116 -15.88 -5.80 36.49
N LYS D 117 -17.03 -6.46 36.37
CA LYS D 117 -17.71 -6.93 37.56
C LYS D 117 -16.85 -7.90 38.35
N TYR D 118 -16.17 -8.81 37.66
CA TYR D 118 -15.33 -9.79 38.33
C TYR D 118 -14.18 -9.12 39.06
N THR D 119 -13.49 -8.20 38.40
CA THR D 119 -12.35 -7.56 39.06
C THR D 119 -12.81 -6.73 40.24
N SER D 120 -13.89 -5.98 40.09
CA SER D 120 -14.38 -5.17 41.21
C SER D 120 -14.80 -6.04 42.37
N ALA D 121 -15.47 -7.16 42.10
CA ALA D 121 -15.93 -8.03 43.17
C ALA D 121 -14.83 -8.98 43.61
N ARG E 40 -55.53 -35.78 -15.70
CA ARG E 40 -56.20 -35.66 -14.41
C ARG E 40 -55.82 -34.34 -13.74
N TYR E 41 -54.62 -34.30 -13.18
CA TYR E 41 -54.03 -33.06 -12.67
C TYR E 41 -53.17 -32.43 -13.76
N ARG E 42 -53.22 -31.11 -13.85
CA ARG E 42 -52.43 -30.43 -14.84
C ARG E 42 -50.95 -30.55 -14.50
N PRO E 43 -50.08 -30.65 -15.51
CA PRO E 43 -48.65 -30.82 -15.25
C PRO E 43 -48.07 -29.70 -14.40
N GLY E 44 -47.22 -30.07 -13.46
CA GLY E 44 -46.61 -29.15 -12.52
C GLY E 44 -47.31 -29.05 -11.19
N THR E 45 -48.61 -29.36 -11.14
CA THR E 45 -49.34 -29.27 -9.89
C THR E 45 -48.75 -30.20 -8.84
N VAL E 46 -48.58 -31.47 -9.19
CA VAL E 46 -48.00 -32.41 -8.25
C VAL E 46 -46.57 -32.03 -7.95
N ALA E 47 -45.90 -31.34 -8.87
CA ALA E 47 -44.52 -30.94 -8.62
C ALA E 47 -44.43 -29.88 -7.53
N LEU E 48 -45.24 -28.84 -7.63
CA LEU E 48 -45.25 -27.85 -6.55
C LEU E 48 -45.72 -28.47 -5.24
N ARG E 49 -46.67 -29.39 -5.32
CA ARG E 49 -47.12 -30.08 -4.11
C ARG E 49 -45.97 -30.83 -3.46
N GLU E 50 -45.17 -31.53 -4.25
CA GLU E 50 -44.05 -32.29 -3.70
C GLU E 50 -42.97 -31.38 -3.15
N ILE E 51 -42.73 -30.24 -3.80
CA ILE E 51 -41.77 -29.30 -3.25
C ILE E 51 -42.21 -28.81 -1.89
N ARG E 52 -43.49 -28.45 -1.76
CA ARG E 52 -43.99 -28.06 -0.45
C ARG E 52 -43.84 -29.17 0.56
N ARG E 53 -44.15 -30.40 0.16
CA ARG E 53 -44.07 -31.52 1.10
C ARG E 53 -42.64 -31.70 1.60
N TYR E 54 -41.66 -31.62 0.70
CA TYR E 54 -40.31 -32.00 1.08
C TYR E 54 -39.49 -30.85 1.66
N GLN E 55 -39.85 -29.61 1.39
CA GLN E 55 -39.17 -28.51 2.07
C GLN E 55 -39.72 -28.27 3.47
N LYS E 56 -40.76 -28.98 3.85
CA LYS E 56 -41.36 -28.87 5.18
C LYS E 56 -40.76 -29.84 6.17
N SER E 57 -40.34 -31.01 5.69
CA SER E 57 -39.93 -32.09 6.57
C SER E 57 -38.41 -32.09 6.75
N THR E 58 -37.91 -33.03 7.56
CA THR E 58 -36.49 -33.07 7.89
C THR E 58 -35.84 -34.44 7.81
N GLU E 59 -36.56 -35.49 7.41
CA GLU E 59 -36.02 -36.83 7.55
C GLU E 59 -34.95 -37.07 6.50
N LEU E 60 -34.46 -38.31 6.45
CA LEU E 60 -33.50 -38.70 5.42
C LEU E 60 -34.26 -39.05 4.14
N LEU E 61 -33.68 -38.67 3.01
CA LEU E 61 -34.33 -38.87 1.72
C LEU E 61 -33.80 -40.09 0.97
N ILE E 62 -32.52 -40.38 1.08
CA ILE E 62 -31.97 -41.60 0.51
C ILE E 62 -32.25 -42.74 1.47
N ARG E 63 -32.56 -43.92 0.92
CA ARG E 63 -32.75 -45.10 1.74
C ARG E 63 -31.50 -45.35 2.59
N LYS E 64 -31.68 -46.14 3.65
CA LYS E 64 -30.60 -46.33 4.61
C LYS E 64 -29.63 -47.41 4.17
N LEU E 65 -30.13 -48.63 3.96
CA LEU E 65 -29.26 -49.73 3.59
C LEU E 65 -28.56 -49.55 2.24
N PRO E 66 -29.20 -49.06 1.18
CA PRO E 66 -28.46 -48.82 -0.06
C PRO E 66 -27.28 -47.88 0.11
N PHE E 67 -27.48 -46.78 0.83
CA PHE E 67 -26.37 -45.85 1.07
C PHE E 67 -25.28 -46.49 1.91
N GLN E 68 -25.68 -47.23 2.95
CA GLN E 68 -24.69 -47.84 3.84
C GLN E 68 -23.86 -48.87 3.09
N ARG E 69 -24.50 -49.66 2.23
CA ARG E 69 -23.81 -50.60 1.37
C ARG E 69 -22.85 -49.88 0.44
N LEU E 70 -23.30 -48.77 -0.16
CA LEU E 70 -22.43 -48.02 -1.05
C LEU E 70 -21.21 -47.51 -0.31
N VAL E 71 -21.40 -47.04 0.91
CA VAL E 71 -20.27 -46.51 1.69
C VAL E 71 -19.24 -47.60 1.95
N ARG E 72 -19.69 -48.79 2.36
CA ARG E 72 -18.72 -49.85 2.55
C ARG E 72 -17.99 -50.19 1.26
N GLU E 73 -18.74 -50.30 0.16
CA GLU E 73 -18.12 -50.70 -1.10
C GLU E 73 -17.09 -49.68 -1.56
N ILE E 74 -17.41 -48.39 -1.41
CA ILE E 74 -16.50 -47.34 -1.83
C ILE E 74 -15.34 -47.19 -0.85
N ALA E 75 -15.49 -47.69 0.38
CA ALA E 75 -14.41 -47.67 1.35
C ALA E 75 -13.51 -48.88 1.28
N GLN E 76 -13.91 -49.91 0.53
CA GLN E 76 -13.06 -51.09 0.43
C GLN E 76 -11.73 -50.78 -0.26
N ASP E 77 -11.70 -49.79 -1.14
CA ASP E 77 -10.52 -49.57 -1.96
C ASP E 77 -9.36 -49.01 -1.15
N PHE E 78 -9.62 -48.04 -0.29
CA PHE E 78 -8.54 -47.35 0.40
C PHE E 78 -7.82 -48.26 1.37
N LYS E 79 -8.55 -49.10 2.09
CA LYS E 79 -7.93 -50.04 3.02
C LYS E 79 -8.87 -51.21 3.20
N THR E 80 -8.32 -52.41 3.17
CA THR E 80 -9.13 -53.62 3.30
C THR E 80 -9.68 -53.74 4.72
N ASP E 81 -10.72 -54.55 4.86
CA ASP E 81 -11.39 -54.94 6.11
C ASP E 81 -11.41 -53.83 7.16
N LEU E 82 -12.10 -52.76 6.81
CA LEU E 82 -12.51 -51.75 7.79
C LEU E 82 -13.84 -52.11 8.40
N ARG E 83 -14.01 -51.68 9.64
CA ARG E 83 -15.29 -51.71 10.32
C ARG E 83 -15.81 -50.29 10.44
N PHE E 84 -17.12 -50.15 10.45
CA PHE E 84 -17.76 -48.87 10.67
C PHE E 84 -18.62 -48.97 11.92
N GLN E 85 -19.37 -47.92 12.18
CA GLN E 85 -20.41 -47.98 13.18
C GLN E 85 -21.56 -47.07 12.78
N SER E 86 -22.73 -47.36 13.33
CA SER E 86 -23.96 -46.75 12.86
C SER E 86 -23.86 -45.23 12.88
N SER E 87 -23.27 -44.68 13.94
CA SER E 87 -23.16 -43.23 14.03
C SER E 87 -22.26 -42.68 12.93
N ALA E 88 -21.18 -43.40 12.61
CA ALA E 88 -20.31 -42.95 11.53
C ALA E 88 -21.05 -42.92 10.20
N VAL E 89 -21.78 -43.99 9.91
CA VAL E 89 -22.48 -44.04 8.63
C VAL E 89 -23.60 -43.01 8.60
N MET E 90 -24.28 -42.77 9.73
CA MET E 90 -25.32 -41.76 9.76
C MET E 90 -24.76 -40.37 9.54
N ALA E 91 -23.60 -40.07 10.12
CA ALA E 91 -22.96 -38.79 9.85
C ALA E 91 -22.63 -38.66 8.37
N LEU E 92 -22.13 -39.73 7.77
CA LEU E 92 -21.81 -39.69 6.34
C LEU E 92 -23.05 -39.41 5.51
N GLN E 93 -24.15 -40.09 5.83
CA GLN E 93 -25.39 -39.89 5.09
C GLN E 93 -25.90 -38.48 5.24
N GLU E 94 -25.85 -37.95 6.46
CA GLU E 94 -26.36 -36.60 6.71
C GLU E 94 -25.57 -35.58 5.90
N ALA E 95 -24.25 -35.72 5.89
CA ALA E 95 -23.41 -34.84 5.09
C ALA E 95 -23.72 -34.96 3.61
N SER E 96 -23.90 -36.20 3.11
CA SER E 96 -24.21 -36.37 1.69
C SER E 96 -25.54 -35.74 1.33
N GLU E 97 -26.55 -35.93 2.17
CA GLU E 97 -27.84 -35.31 1.93
C GLU E 97 -27.71 -33.80 1.81
N ALA E 98 -27.03 -33.18 2.78
CA ALA E 98 -26.90 -31.72 2.75
C ALA E 98 -26.16 -31.27 1.50
N TYR E 99 -25.09 -31.97 1.14
CA TYR E 99 -24.32 -31.58 -0.03
C TYR E 99 -25.16 -31.64 -1.29
N LEU E 100 -25.88 -32.74 -1.48
CA LEU E 100 -26.67 -32.88 -2.70
C LEU E 100 -27.82 -31.89 -2.74
N VAL E 101 -28.42 -31.57 -1.59
CA VAL E 101 -29.51 -30.59 -1.60
C VAL E 101 -29.00 -29.23 -2.00
N ALA E 102 -27.87 -28.80 -1.44
CA ALA E 102 -27.32 -27.51 -1.86
C ALA E 102 -26.93 -27.53 -3.33
N LEU E 103 -26.40 -28.65 -3.81
CA LEU E 103 -26.05 -28.75 -5.22
C LEU E 103 -27.27 -28.59 -6.11
N PHE E 104 -28.39 -29.20 -5.72
CA PHE E 104 -29.58 -29.10 -6.53
C PHE E 104 -30.17 -27.70 -6.49
N GLU E 105 -30.02 -27.00 -5.36
CA GLU E 105 -30.44 -25.61 -5.33
C GLU E 105 -29.64 -24.77 -6.33
N ASP E 106 -28.33 -24.95 -6.34
CA ASP E 106 -27.51 -24.20 -7.28
C ASP E 106 -27.84 -24.57 -8.73
N THR E 107 -28.07 -25.85 -8.99
CA THR E 107 -28.43 -26.30 -10.33
C THR E 107 -29.75 -25.70 -10.77
N ASN E 108 -30.73 -25.66 -9.88
CA ASN E 108 -32.01 -25.07 -10.23
C ASN E 108 -31.85 -23.60 -10.57
N LEU E 109 -31.02 -22.90 -9.80
CA LEU E 109 -30.85 -21.49 -10.05
C LEU E 109 -30.13 -21.26 -11.39
N CYS E 110 -29.20 -22.15 -11.73
CA CYS E 110 -28.55 -22.09 -13.03
C CYS E 110 -29.55 -22.31 -14.17
N ALA E 111 -30.41 -23.31 -14.01
CA ALA E 111 -31.38 -23.60 -15.07
C ALA E 111 -32.34 -22.44 -15.26
N ILE E 112 -32.77 -21.82 -14.16
CA ILE E 112 -33.64 -20.65 -14.28
C ILE E 112 -32.91 -19.51 -14.98
N HIS E 113 -31.60 -19.39 -14.72
CA HIS E 113 -30.83 -18.34 -15.37
C HIS E 113 -30.86 -18.45 -16.88
N ALA E 114 -30.93 -19.66 -17.42
CA ALA E 114 -30.90 -19.89 -18.86
C ALA E 114 -32.29 -19.92 -19.48
N LYS E 115 -33.28 -19.33 -18.83
CA LYS E 115 -34.64 -19.27 -19.33
C LYS E 115 -35.24 -20.66 -19.48
N ARG E 116 -35.18 -21.45 -18.40
CA ARG E 116 -35.73 -22.79 -18.42
C ARG E 116 -36.30 -23.12 -17.05
N VAL E 117 -36.90 -24.30 -16.94
CA VAL E 117 -37.39 -24.83 -15.67
C VAL E 117 -36.91 -26.26 -15.52
N THR E 118 -36.39 -26.82 -16.60
CA THR E 118 -35.87 -28.18 -16.62
C THR E 118 -34.37 -28.14 -16.32
N ILE E 119 -33.91 -28.99 -15.41
CA ILE E 119 -32.49 -29.01 -15.08
C ILE E 119 -31.81 -30.10 -15.91
N MET E 120 -30.56 -29.86 -16.26
CA MET E 120 -29.80 -30.79 -17.08
C MET E 120 -28.35 -30.95 -16.63
N PRO E 121 -27.66 -31.98 -17.14
CA PRO E 121 -26.24 -32.14 -16.80
C PRO E 121 -25.39 -30.93 -17.07
N LYS E 122 -25.68 -30.17 -18.13
CA LYS E 122 -24.91 -28.94 -18.32
C LYS E 122 -25.09 -28.00 -17.14
N ASP E 123 -26.31 -27.94 -16.61
CA ASP E 123 -26.59 -27.06 -15.49
C ASP E 123 -25.78 -27.47 -14.27
N ILE E 124 -25.84 -28.76 -13.92
CA ILE E 124 -25.16 -29.19 -12.70
C ILE E 124 -23.65 -29.12 -12.86
N GLN E 125 -23.13 -29.39 -14.05
CA GLN E 125 -21.70 -29.23 -14.29
C GLN E 125 -21.28 -27.78 -14.14
N LEU E 126 -22.06 -26.84 -14.67
CA LEU E 126 -21.74 -25.44 -14.49
C LEU E 126 -21.73 -25.07 -13.01
N ALA E 127 -22.72 -25.56 -12.26
CA ALA E 127 -22.78 -25.24 -10.84
C ALA E 127 -21.56 -25.72 -10.11
N ARG E 128 -21.19 -27.00 -10.31
CA ARG E 128 -20.03 -27.53 -9.60
C ARG E 128 -18.75 -26.82 -10.01
N ARG E 129 -18.61 -26.50 -11.30
CA ARG E 129 -17.37 -25.88 -11.74
C ARG E 129 -17.25 -24.46 -11.21
N ILE E 130 -18.35 -23.72 -11.16
CA ILE E 130 -18.31 -22.39 -10.56
C ILE E 130 -17.99 -22.50 -9.07
N ARG E 131 -18.49 -23.55 -8.42
CA ARG E 131 -18.37 -23.63 -6.98
C ARG E 131 -17.02 -24.22 -6.57
N GLY E 132 -16.03 -24.13 -7.45
CA GLY E 132 -14.69 -24.55 -7.13
C GLY E 132 -14.52 -26.02 -6.81
N GLU E 133 -15.09 -26.87 -7.63
CA GLU E 133 -14.92 -28.31 -7.41
C GLU E 133 -14.41 -29.04 -8.64
N ARG E 134 -14.84 -28.63 -9.83
CA ARG E 134 -14.38 -29.28 -11.06
C ARG E 134 -13.21 -28.50 -11.66
N ALA F 15 -24.19 -74.53 -13.41
CA ALA F 15 -24.00 -73.44 -14.35
C ALA F 15 -24.20 -72.10 -13.67
N LYS F 16 -24.65 -72.13 -12.42
CA LYS F 16 -24.86 -70.93 -11.64
C LYS F 16 -24.04 -70.93 -10.37
N ARG F 17 -23.01 -71.78 -10.31
CA ARG F 17 -22.16 -71.83 -9.12
C ARG F 17 -21.48 -70.50 -8.88
N HIS F 18 -21.25 -69.72 -9.93
CA HIS F 18 -20.57 -68.45 -9.81
C HIS F 18 -21.57 -67.41 -9.30
N ARG F 19 -21.11 -66.17 -9.15
CA ARG F 19 -21.93 -65.08 -8.62
C ARG F 19 -22.45 -64.17 -9.71
N LYS F 20 -22.90 -64.76 -10.82
CA LYS F 20 -23.35 -63.98 -11.97
C LYS F 20 -24.44 -62.99 -11.58
N VAL F 21 -25.23 -63.31 -10.55
CA VAL F 21 -26.28 -62.42 -10.09
C VAL F 21 -25.69 -61.40 -9.13
N LEU F 22 -25.78 -60.12 -9.50
CA LEU F 22 -25.31 -59.01 -8.68
C LEU F 22 -25.70 -57.72 -9.36
N ARG F 23 -25.81 -56.66 -8.56
CA ARG F 23 -26.15 -55.33 -9.06
C ARG F 23 -25.15 -54.32 -8.53
N ASP F 24 -24.91 -53.27 -9.32
CA ASP F 24 -23.96 -52.25 -8.90
C ASP F 24 -24.57 -51.42 -7.79
N ASN F 25 -23.73 -51.00 -6.84
CA ASN F 25 -24.21 -50.27 -5.67
C ASN F 25 -24.56 -48.82 -5.95
N ILE F 26 -23.93 -48.18 -6.93
CA ILE F 26 -24.27 -46.79 -7.21
C ILE F 26 -25.69 -46.68 -7.76
N GLN F 27 -26.17 -47.72 -8.44
CA GLN F 27 -27.56 -47.75 -8.88
C GLN F 27 -28.53 -47.93 -7.71
N GLY F 28 -28.03 -48.22 -6.52
CA GLY F 28 -28.89 -48.24 -5.35
C GLY F 28 -29.44 -46.89 -4.98
N ILE F 29 -28.85 -45.83 -5.51
CA ILE F 29 -29.41 -44.49 -5.35
C ILE F 29 -30.51 -44.35 -6.38
N THR F 30 -31.72 -44.74 -6.00
CA THR F 30 -32.80 -44.94 -6.94
C THR F 30 -33.18 -43.63 -7.62
N LYS F 31 -33.84 -43.76 -8.75
CA LYS F 31 -34.35 -42.59 -9.45
C LYS F 31 -35.27 -41.74 -8.59
N PRO F 32 -36.27 -42.29 -7.90
CA PRO F 32 -37.12 -41.43 -7.08
C PRO F 32 -36.42 -40.83 -5.89
N ALA F 33 -35.37 -41.46 -5.35
CA ALA F 33 -34.64 -40.82 -4.26
C ALA F 33 -33.96 -39.55 -4.74
N ILE F 34 -33.35 -39.60 -5.92
CA ILE F 34 -32.79 -38.40 -6.50
C ILE F 34 -33.87 -37.39 -6.77
N ARG F 35 -35.07 -37.85 -7.14
CA ARG F 35 -36.16 -36.89 -7.33
C ARG F 35 -36.57 -36.24 -6.02
N ARG F 36 -36.59 -37.00 -4.92
CA ARG F 36 -36.92 -36.41 -3.62
C ARG F 36 -35.89 -35.37 -3.22
N LEU F 37 -34.61 -35.67 -3.42
CA LEU F 37 -33.57 -34.69 -3.16
C LEU F 37 -33.78 -33.46 -4.01
N ALA F 38 -34.13 -33.67 -5.27
CA ALA F 38 -34.33 -32.56 -6.19
C ALA F 38 -35.48 -31.68 -5.73
N ARG F 39 -36.57 -32.29 -5.27
CA ARG F 39 -37.70 -31.52 -4.80
C ARG F 39 -37.34 -30.72 -3.55
N ARG F 40 -36.64 -31.35 -2.60
CA ARG F 40 -36.23 -30.59 -1.43
C ARG F 40 -35.32 -29.43 -1.83
N GLY F 41 -34.51 -29.61 -2.86
CA GLY F 41 -33.79 -28.49 -3.42
C GLY F 41 -34.71 -27.45 -4.04
N GLY F 42 -35.86 -27.88 -4.55
CA GLY F 42 -36.82 -26.97 -5.11
C GLY F 42 -36.86 -26.89 -6.61
N VAL F 43 -36.84 -28.04 -7.30
CA VAL F 43 -36.89 -28.06 -8.76
C VAL F 43 -38.23 -28.65 -9.17
N LYS F 44 -38.59 -28.42 -10.41
CA LYS F 44 -39.91 -28.81 -10.88
C LYS F 44 -39.87 -29.83 -12.00
N ARG F 45 -38.90 -29.78 -12.90
CA ARG F 45 -38.77 -30.79 -13.95
C ARG F 45 -37.34 -31.28 -14.02
N ILE F 46 -37.17 -32.60 -14.08
CA ILE F 46 -35.87 -33.25 -14.03
C ILE F 46 -35.63 -33.94 -15.37
N SER F 47 -34.47 -33.71 -15.97
CA SER F 47 -34.11 -34.38 -17.21
C SER F 47 -33.78 -35.84 -16.95
N GLY F 48 -33.45 -36.56 -18.01
CA GLY F 48 -33.15 -37.96 -17.89
C GLY F 48 -31.72 -38.30 -17.56
N LEU F 49 -30.82 -37.33 -17.68
CA LEU F 49 -29.41 -37.58 -17.44
C LEU F 49 -28.92 -37.03 -16.10
N ILE F 50 -29.75 -36.22 -15.45
CA ILE F 50 -29.46 -35.78 -14.09
C ILE F 50 -29.20 -36.96 -13.18
N TYR F 51 -29.84 -38.08 -13.44
CA TYR F 51 -29.63 -39.24 -12.57
C TYR F 51 -28.19 -39.71 -12.61
N GLU F 52 -27.66 -39.93 -13.81
CA GLU F 52 -26.28 -40.41 -13.92
C GLU F 52 -25.29 -39.36 -13.42
N GLU F 53 -25.53 -38.09 -13.75
CA GLU F 53 -24.61 -37.06 -13.27
C GLU F 53 -24.60 -37.00 -11.75
N THR F 54 -25.78 -37.14 -11.12
CA THR F 54 -25.89 -37.12 -9.67
C THR F 54 -25.14 -38.29 -9.05
N ARG F 55 -25.29 -39.47 -9.63
CA ARG F 55 -24.56 -40.62 -9.10
C ARG F 55 -23.06 -40.36 -9.15
N GLY F 56 -22.58 -39.77 -10.25
CA GLY F 56 -21.16 -39.47 -10.34
C GLY F 56 -20.68 -38.52 -9.26
N VAL F 57 -21.42 -37.42 -9.06
CA VAL F 57 -20.93 -36.42 -8.11
C VAL F 57 -20.99 -36.95 -6.69
N LEU F 58 -22.04 -37.72 -6.36
CA LEU F 58 -22.11 -38.30 -5.02
C LEU F 58 -20.97 -39.27 -4.79
N LYS F 59 -20.64 -40.08 -5.79
CA LYS F 59 -19.55 -41.02 -5.63
C LYS F 59 -18.24 -40.30 -5.36
N VAL F 60 -17.98 -39.21 -6.08
CA VAL F 60 -16.74 -38.47 -5.86
C VAL F 60 -16.68 -37.91 -4.45
N PHE F 61 -17.76 -37.27 -4.01
CA PHE F 61 -17.79 -36.67 -2.68
C PHE F 61 -17.50 -37.72 -1.60
N LEU F 62 -18.19 -38.85 -1.69
CA LEU F 62 -17.99 -39.91 -0.72
C LEU F 62 -16.55 -40.42 -0.76
N GLU F 63 -15.97 -40.53 -1.94
CA GLU F 63 -14.58 -40.99 -2.03
C GLU F 63 -13.67 -40.09 -1.22
N ASN F 64 -13.77 -38.77 -1.41
CA ASN F 64 -12.88 -37.87 -0.67
C ASN F 64 -13.07 -38.01 0.84
N VAL F 65 -14.31 -37.90 1.30
CA VAL F 65 -14.53 -37.89 2.75
C VAL F 65 -14.08 -39.21 3.36
N ILE F 66 -14.39 -40.31 2.72
CA ILE F 66 -14.06 -41.61 3.28
C ILE F 66 -12.57 -41.83 3.30
N ARG F 67 -11.85 -41.35 2.28
CA ARG F 67 -10.40 -41.48 2.30
C ARG F 67 -9.82 -40.78 3.52
N ASP F 68 -10.26 -39.54 3.78
CA ASP F 68 -9.69 -38.83 4.93
C ASP F 68 -10.05 -39.50 6.25
N ALA F 69 -11.30 -39.96 6.39
CA ALA F 69 -11.69 -40.63 7.62
C ALA F 69 -10.84 -41.87 7.87
N VAL F 70 -10.63 -42.66 6.82
CA VAL F 70 -9.84 -43.88 6.96
C VAL F 70 -8.40 -43.53 7.34
N THR F 71 -7.87 -42.45 6.79
CA THR F 71 -6.52 -42.05 7.18
C THR F 71 -6.45 -41.74 8.67
N TYR F 72 -7.43 -41.02 9.19
CA TYR F 72 -7.46 -40.75 10.62
C TYR F 72 -7.48 -42.04 11.43
N THR F 73 -8.39 -42.96 11.06
CA THR F 73 -8.53 -44.18 11.86
C THR F 73 -7.26 -44.99 11.85
N GLU F 74 -6.63 -45.14 10.68
CA GLU F 74 -5.42 -45.95 10.63
C GLU F 74 -4.27 -45.26 11.32
N HIS F 75 -4.28 -43.92 11.41
CA HIS F 75 -3.30 -43.27 12.28
C HIS F 75 -3.52 -43.65 13.73
N ALA F 76 -4.76 -43.67 14.16
CA ALA F 76 -4.95 -43.97 15.58
C ALA F 76 -4.72 -45.42 15.91
N LYS F 77 -4.22 -46.26 15.00
CA LYS F 77 -4.00 -47.69 15.25
C LYS F 77 -5.29 -48.39 15.63
N ARG F 78 -6.33 -48.15 14.85
CA ARG F 78 -7.61 -48.81 15.03
C ARG F 78 -8.02 -49.47 13.73
N LYS F 79 -9.17 -50.13 13.75
CA LYS F 79 -9.76 -50.67 12.53
C LYS F 79 -11.25 -50.41 12.43
N THR F 80 -11.78 -49.50 13.24
CA THR F 80 -13.16 -49.04 13.12
C THR F 80 -13.14 -47.55 12.86
N VAL F 81 -13.94 -47.11 11.91
CA VAL F 81 -14.08 -45.69 11.61
C VAL F 81 -15.21 -45.13 12.46
N THR F 82 -14.88 -44.26 13.40
CA THR F 82 -15.84 -43.72 14.34
C THR F 82 -16.44 -42.41 13.84
N ALA F 83 -17.60 -42.09 14.38
CA ALA F 83 -18.28 -40.87 13.99
C ALA F 83 -17.41 -39.66 14.23
N MET F 84 -16.58 -39.71 15.28
CA MET F 84 -15.68 -38.60 15.53
C MET F 84 -14.65 -38.49 14.42
N ASP F 85 -14.19 -39.62 13.90
CA ASP F 85 -13.25 -39.59 12.78
C ASP F 85 -13.90 -39.02 11.53
N VAL F 86 -15.14 -39.41 11.26
CA VAL F 86 -15.84 -38.84 10.11
C VAL F 86 -16.04 -37.34 10.29
N VAL F 87 -16.35 -36.91 11.51
CA VAL F 87 -16.55 -35.49 11.77
C VAL F 87 -15.26 -34.73 11.56
N TYR F 88 -14.14 -35.27 12.03
CA TYR F 88 -12.85 -34.65 11.78
C TYR F 88 -12.57 -34.56 10.29
N ALA F 89 -12.88 -35.63 9.55
CA ALA F 89 -12.63 -35.63 8.11
C ALA F 89 -13.46 -34.56 7.42
N LEU F 90 -14.74 -34.45 7.78
CA LEU F 90 -15.59 -33.42 7.18
C LEU F 90 -15.10 -32.03 7.53
N LYS F 91 -14.75 -31.80 8.78
CA LYS F 91 -14.26 -30.48 9.18
C LYS F 91 -13.00 -30.13 8.42
N ARG F 92 -12.13 -31.10 8.21
CA ARG F 92 -10.95 -30.85 7.40
C ARG F 92 -11.33 -30.51 5.96
N GLN F 93 -12.28 -31.25 5.39
CA GLN F 93 -12.75 -30.94 4.05
C GLN F 93 -13.35 -29.54 3.99
N GLY F 94 -13.80 -29.02 5.12
CA GLY F 94 -14.39 -27.71 5.19
C GLY F 94 -15.90 -27.70 5.27
N ARG F 95 -16.52 -28.72 5.86
CA ARG F 95 -17.96 -28.83 5.90
C ARG F 95 -18.41 -29.28 7.30
N THR F 96 -17.92 -28.59 8.32
CA THR F 96 -18.15 -29.00 9.70
C THR F 96 -19.61 -29.34 9.98
N LEU F 97 -19.81 -30.33 10.84
CA LEU F 97 -21.12 -30.94 11.04
C LEU F 97 -21.43 -30.98 12.53
N TYR F 98 -22.59 -30.46 12.91
CA TYR F 98 -23.00 -30.40 14.30
C TYR F 98 -23.97 -31.52 14.61
N GLY F 99 -23.71 -32.24 15.70
CA GLY F 99 -24.69 -33.17 16.20
C GLY F 99 -24.16 -34.52 16.62
N PHE F 100 -23.14 -35.04 15.94
CA PHE F 100 -22.61 -36.35 16.29
C PHE F 100 -21.40 -36.22 17.20
N GLY F 101 -21.54 -35.47 18.28
CA GLY F 101 -20.41 -35.20 19.14
C GLY F 101 -19.43 -34.25 18.51
N GLY F 102 -18.35 -33.94 19.21
CA GLY F 102 -17.30 -33.10 18.69
C GLY F 102 -17.68 -31.64 18.54
N ALA G 12 34.33 -33.31 21.24
CA ALA G 12 34.40 -33.99 19.96
C ALA G 12 34.16 -33.03 18.81
N LYS G 13 33.83 -33.57 17.64
CA LYS G 13 33.61 -32.79 16.43
C LYS G 13 32.13 -32.76 16.11
N ALA G 14 31.58 -31.56 15.93
CA ALA G 14 30.16 -31.40 15.67
C ALA G 14 29.83 -31.86 14.26
N LYS G 15 28.76 -32.64 14.14
CA LYS G 15 28.29 -33.13 12.84
C LYS G 15 26.82 -32.82 12.73
N THR G 16 26.47 -31.93 11.80
CA THR G 16 25.13 -31.37 11.74
C THR G 16 24.09 -32.44 11.47
N ARG G 17 22.91 -32.27 12.08
CA ARG G 17 21.83 -33.22 11.87
C ARG G 17 21.37 -33.23 10.42
N SER G 18 21.46 -32.10 9.73
CA SER G 18 21.15 -32.09 8.30
C SER G 18 22.13 -32.96 7.55
N SER G 19 23.41 -32.90 7.90
CA SER G 19 24.40 -33.77 7.27
C SER G 19 24.10 -35.22 7.56
N ARG G 20 23.80 -35.53 8.82
CA ARG G 20 23.55 -36.92 9.19
C ARG G 20 22.35 -37.49 8.43
N ALA G 21 21.27 -36.72 8.36
CA ALA G 21 20.09 -37.18 7.63
C ALA G 21 20.30 -37.17 6.13
N GLY G 22 21.28 -36.43 5.64
CA GLY G 22 21.52 -36.34 4.22
C GLY G 22 20.67 -35.34 3.49
N LEU G 23 19.93 -34.50 4.20
CA LEU G 23 19.09 -33.51 3.56
C LEU G 23 19.87 -32.23 3.30
N GLN G 24 19.16 -31.21 2.84
CA GLN G 24 19.72 -29.88 2.68
C GLN G 24 19.08 -28.85 3.58
N PHE G 25 17.78 -28.95 3.82
CA PHE G 25 17.10 -27.99 4.66
C PHE G 25 17.56 -28.14 6.11
N PRO G 26 17.46 -27.08 6.91
CA PRO G 26 17.96 -27.15 8.28
C PRO G 26 17.04 -27.98 9.15
N VAL G 27 17.65 -28.78 10.03
CA VAL G 27 16.91 -29.59 10.96
C VAL G 27 16.94 -29.00 12.37
N GLY G 28 18.04 -28.36 12.76
CA GLY G 28 18.05 -27.65 14.01
C GLY G 28 17.05 -26.50 14.04
N ARG G 29 16.97 -25.76 12.93
CA ARG G 29 16.01 -24.67 12.87
C ARG G 29 14.58 -25.20 12.90
N VAL G 30 14.31 -26.29 12.18
CA VAL G 30 12.97 -26.87 12.20
C VAL G 30 12.63 -27.36 13.60
N HIS G 31 13.60 -27.95 14.29
CA HIS G 31 13.37 -28.39 15.66
C HIS G 31 13.01 -27.20 16.54
N ARG G 32 13.74 -26.10 16.40
CA ARG G 32 13.44 -24.92 17.20
C ARG G 32 12.05 -24.40 16.90
N LEU G 33 11.66 -24.37 15.63
CA LEU G 33 10.32 -23.89 15.28
C LEU G 33 9.23 -24.78 15.87
N LEU G 34 9.40 -26.10 15.79
CA LEU G 34 8.43 -26.99 16.43
C LEU G 34 8.35 -26.76 17.93
N ARG G 35 9.49 -26.55 18.58
CA ARG G 35 9.45 -26.36 20.03
C ARG G 35 8.85 -25.02 20.41
N LYS G 36 9.16 -23.97 19.67
CA LYS G 36 8.73 -22.64 20.05
C LYS G 36 7.35 -22.26 19.52
N GLY G 37 6.79 -23.05 18.62
CA GLY G 37 5.47 -22.72 18.12
C GLY G 37 4.34 -23.24 18.98
N ASN G 38 4.66 -23.81 20.14
CA ASN G 38 3.71 -24.50 21.02
C ASN G 38 2.66 -25.25 20.22
N TYR G 39 3.14 -26.08 19.31
CA TYR G 39 2.27 -27.04 18.66
C TYR G 39 1.96 -28.19 19.59
N ALA G 40 2.92 -28.57 20.43
CA ALA G 40 2.71 -29.57 21.45
C ALA G 40 3.78 -29.40 22.51
N GLU G 41 3.64 -30.15 23.60
CA GLU G 41 4.56 -30.00 24.72
C GLU G 41 5.94 -30.57 24.40
N ARG G 42 6.00 -31.70 23.72
CA ARG G 42 7.24 -32.38 23.45
C ARG G 42 7.31 -32.73 21.97
N VAL G 43 8.48 -32.58 21.36
CA VAL G 43 8.68 -32.95 19.97
C VAL G 43 9.76 -34.01 19.89
N GLY G 44 9.49 -35.07 19.14
CA GLY G 44 10.41 -36.17 19.02
C GLY G 44 11.66 -35.76 18.26
N ALA G 45 12.62 -36.68 18.23
CA ALA G 45 13.87 -36.42 17.56
C ALA G 45 13.85 -36.73 16.07
N GLY G 46 12.80 -37.39 15.58
CA GLY G 46 12.72 -37.70 14.18
C GLY G 46 11.75 -36.83 13.42
N ALA G 47 10.89 -36.13 14.16
CA ALA G 47 9.93 -35.22 13.53
C ALA G 47 10.62 -34.11 12.74
N PRO G 48 11.62 -33.41 13.26
CA PRO G 48 12.29 -32.40 12.43
C PRO G 48 12.89 -32.97 11.17
N VAL G 49 13.44 -34.19 11.24
CA VAL G 49 14.06 -34.79 10.07
C VAL G 49 13.00 -35.09 9.02
N TYR G 50 11.90 -35.71 9.43
CA TYR G 50 10.82 -36.00 8.50
C TYR G 50 10.29 -34.73 7.86
N LEU G 51 10.05 -33.71 8.68
CA LEU G 51 9.49 -32.47 8.16
C LEU G 51 10.43 -31.80 7.20
N ALA G 52 11.73 -31.77 7.52
CA ALA G 52 12.69 -31.15 6.62
C ALA G 52 12.76 -31.89 5.31
N ALA G 53 12.68 -33.22 5.35
CA ALA G 53 12.70 -33.98 4.11
C ALA G 53 11.49 -33.66 3.25
N VAL G 54 10.31 -33.55 3.86
CA VAL G 54 9.11 -33.26 3.07
C VAL G 54 9.18 -31.87 2.44
N LEU G 55 9.59 -30.88 3.23
CA LEU G 55 9.72 -29.54 2.68
C LEU G 55 10.73 -29.50 1.55
N GLU G 56 11.84 -30.21 1.72
CA GLU G 56 12.86 -30.30 0.69
C GLU G 56 12.29 -30.90 -0.60
N TYR G 57 11.50 -31.96 -0.46
CA TYR G 57 10.93 -32.60 -1.63
C TYR G 57 10.01 -31.65 -2.39
N LEU G 58 9.10 -31.00 -1.67
CA LEU G 58 8.14 -30.13 -2.34
C LEU G 58 8.84 -28.96 -3.02
N THR G 59 9.83 -28.37 -2.34
CA THR G 59 10.59 -27.29 -2.96
C THR G 59 11.26 -27.76 -4.24
N ALA G 60 11.90 -28.93 -4.20
CA ALA G 60 12.58 -29.41 -5.39
C ALA G 60 11.61 -29.64 -6.53
N GLU G 61 10.43 -30.20 -6.22
CA GLU G 61 9.44 -30.44 -7.27
C GLU G 61 9.00 -29.15 -7.95
N ILE G 62 8.58 -28.17 -7.15
CA ILE G 62 8.09 -26.94 -7.75
C ILE G 62 9.21 -26.20 -8.47
N LEU G 63 10.43 -26.28 -7.96
CA LEU G 63 11.54 -25.60 -8.63
C LEU G 63 11.88 -26.26 -9.96
N GLU G 64 11.78 -27.59 -10.03
CA GLU G 64 12.02 -28.26 -11.30
C GLU G 64 10.99 -27.83 -12.34
N LEU G 65 9.72 -27.81 -11.95
CA LEU G 65 8.70 -27.37 -12.92
C LEU G 65 8.92 -25.93 -13.34
N ALA G 66 9.24 -25.06 -12.39
CA ALA G 66 9.48 -23.65 -12.73
C ALA G 66 10.67 -23.49 -13.65
N GLY G 67 11.73 -24.26 -13.43
CA GLY G 67 12.89 -24.16 -14.31
C GLY G 67 12.58 -24.65 -15.70
N ASN G 68 11.78 -25.71 -15.82
CA ASN G 68 11.34 -26.14 -17.13
C ASN G 68 10.58 -25.03 -17.84
N ALA G 69 9.68 -24.36 -17.12
CA ALA G 69 8.94 -23.26 -17.72
C ALA G 69 9.87 -22.13 -18.15
N ALA G 70 10.87 -21.82 -17.31
CA ALA G 70 11.79 -20.75 -17.65
C ALA G 70 12.58 -21.07 -18.91
N ARG G 71 13.04 -22.32 -19.05
CA ARG G 71 13.69 -22.70 -20.29
C ARG G 71 12.75 -22.58 -21.47
N ASP G 72 11.51 -23.05 -21.32
CA ASP G 72 10.55 -22.97 -22.41
C ASP G 72 10.31 -21.54 -22.82
N ASN G 73 10.44 -20.59 -21.90
CA ASN G 73 10.29 -19.19 -22.21
C ASN G 73 11.59 -18.54 -22.66
N LYS G 74 12.65 -19.32 -22.83
CA LYS G 74 13.95 -18.81 -23.27
C LYS G 74 14.50 -17.80 -22.26
N LYS G 75 14.43 -18.16 -20.98
CA LYS G 75 15.02 -17.37 -19.90
C LYS G 75 15.80 -18.30 -18.99
N THR G 76 16.78 -17.75 -18.29
CA THR G 76 17.61 -18.52 -17.37
C THR G 76 17.48 -18.02 -15.95
N ARG G 77 16.28 -17.61 -15.55
CA ARG G 77 16.05 -17.17 -14.18
C ARG G 77 14.56 -17.27 -13.88
N ILE G 78 14.22 -17.90 -12.77
CA ILE G 78 12.83 -18.08 -12.40
C ILE G 78 12.22 -16.73 -12.02
N ILE G 79 10.96 -16.53 -12.39
CA ILE G 79 10.22 -15.34 -12.00
C ILE G 79 8.83 -15.78 -11.56
N PRO G 80 8.11 -14.92 -10.84
CA PRO G 80 6.77 -15.29 -10.38
C PRO G 80 5.86 -15.78 -11.48
N ARG G 81 6.00 -15.25 -12.69
CA ARG G 81 5.20 -15.77 -13.80
C ARG G 81 5.52 -17.24 -14.06
N HIS G 82 6.80 -17.60 -14.01
CA HIS G 82 7.18 -18.99 -14.21
C HIS G 82 6.67 -19.87 -13.08
N LEU G 83 6.70 -19.35 -11.85
CA LEU G 83 6.14 -20.11 -10.74
C LEU G 83 4.65 -20.37 -10.96
N GLN G 84 3.91 -19.34 -11.37
CA GLN G 84 2.49 -19.50 -11.62
C GLN G 84 2.24 -20.49 -12.75
N LEU G 85 3.03 -20.42 -13.81
CA LEU G 85 2.87 -21.37 -14.91
C LEU G 85 3.14 -22.79 -14.46
N ALA G 86 4.18 -23.00 -13.65
CA ALA G 86 4.47 -24.33 -13.16
C ALA G 86 3.35 -24.85 -12.27
N VAL G 87 2.83 -24.00 -11.39
CA VAL G 87 1.81 -24.45 -10.45
C VAL G 87 0.51 -24.77 -11.18
N ARG G 88 0.06 -23.86 -12.04
CA ARG G 88 -1.27 -23.99 -12.61
C ARG G 88 -1.36 -25.04 -13.71
N ASN G 89 -0.26 -25.42 -14.35
CA ASN G 89 -0.38 -26.35 -15.47
C ASN G 89 -0.61 -27.78 -15.00
N ASP G 90 0.01 -28.20 -13.91
CA ASP G 90 -0.22 -29.56 -13.43
C ASP G 90 -1.35 -29.58 -12.41
N GLU G 91 -2.16 -30.61 -12.49
CA GLU G 91 -3.40 -30.78 -11.74
C GLU G 91 -3.16 -31.12 -10.33
N GLU G 92 -1.91 -31.04 -9.88
CA GLU G 92 -1.51 -31.52 -8.58
C GLU G 92 -1.09 -30.41 -7.64
N LEU G 93 -0.07 -29.65 -8.03
CA LEU G 93 0.25 -28.45 -7.27
C LEU G 93 -0.85 -27.42 -7.41
N ASN G 94 -1.65 -27.49 -8.48
CA ASN G 94 -2.80 -26.62 -8.58
C ASN G 94 -3.81 -26.93 -7.49
N LYS G 95 -4.01 -28.21 -7.19
CA LYS G 95 -4.95 -28.57 -6.14
C LYS G 95 -4.36 -28.26 -4.77
N LEU G 96 -3.05 -28.43 -4.60
CA LEU G 96 -2.43 -28.08 -3.32
C LEU G 96 -2.53 -26.58 -3.07
N LEU G 97 -2.14 -25.78 -4.05
CA LEU G 97 -2.18 -24.32 -3.96
C LEU G 97 -3.47 -23.76 -4.55
N GLY G 98 -4.61 -24.28 -4.09
CA GLY G 98 -5.87 -23.89 -4.71
C GLY G 98 -6.30 -22.48 -4.36
N ARG G 99 -6.31 -22.16 -3.07
CA ARG G 99 -6.78 -20.87 -2.61
C ARG G 99 -5.70 -19.81 -2.64
N VAL G 100 -4.51 -20.14 -3.10
CA VAL G 100 -3.36 -19.26 -3.01
C VAL G 100 -3.27 -18.41 -4.28
N THR G 101 -3.13 -17.10 -4.09
CA THR G 101 -2.85 -16.20 -5.19
C THR G 101 -1.40 -15.77 -5.13
N ILE G 102 -0.71 -15.85 -6.27
CA ILE G 102 0.71 -15.59 -6.35
C ILE G 102 0.90 -14.19 -6.91
N ALA G 103 1.62 -13.35 -6.18
CA ALA G 103 1.79 -11.97 -6.60
C ALA G 103 2.52 -11.90 -7.92
N GLN G 104 2.02 -11.08 -8.84
CA GLN G 104 2.59 -10.93 -10.16
C GLN G 104 2.62 -12.26 -10.91
N GLY G 105 1.58 -13.06 -10.73
CA GLY G 105 1.53 -14.34 -11.39
C GLY G 105 0.86 -14.32 -12.75
N GLY G 106 -0.05 -13.37 -12.96
CA GLY G 106 -0.79 -13.45 -14.19
C GLY G 106 -1.78 -14.59 -14.13
N VAL G 107 -2.18 -15.06 -15.31
CA VAL G 107 -3.09 -16.18 -15.45
C VAL G 107 -2.73 -16.95 -16.70
N LEU G 108 -2.87 -18.28 -16.65
CA LEU G 108 -2.56 -19.08 -17.82
C LEU G 108 -3.59 -18.79 -18.92
N PRO G 109 -3.17 -18.86 -20.19
CA PRO G 109 -4.05 -18.40 -21.27
C PRO G 109 -5.01 -19.50 -21.72
N ASN G 110 -6.28 -19.13 -21.84
CA ASN G 110 -7.24 -19.93 -22.59
C ASN G 110 -8.38 -19.03 -23.03
N ILE G 111 -9.02 -19.41 -24.13
CA ILE G 111 -10.15 -18.67 -24.68
C ILE G 111 -11.25 -19.67 -24.98
N GLN G 112 -12.47 -19.36 -24.56
CA GLN G 112 -13.58 -20.28 -24.78
C GLN G 112 -13.80 -20.49 -26.28
N SER G 113 -13.98 -21.75 -26.67
CA SER G 113 -14.08 -22.10 -28.08
C SER G 113 -15.30 -21.49 -28.74
N VAL G 114 -16.31 -21.09 -27.97
CA VAL G 114 -17.48 -20.46 -28.55
C VAL G 114 -17.13 -19.09 -29.11
N LEU G 115 -16.23 -18.37 -28.45
CA LEU G 115 -15.89 -17.02 -28.86
C LEU G 115 -15.07 -16.97 -30.13
N LEU G 116 -14.45 -18.07 -30.52
CA LEU G 116 -13.59 -18.06 -31.70
C LEU G 116 -14.42 -17.89 -32.97
N PRO G 117 -13.83 -17.31 -34.02
CA PRO G 117 -14.60 -17.04 -35.24
C PRO G 117 -14.94 -18.31 -35.98
N LYS G 118 -15.76 -18.17 -37.00
CA LYS G 118 -16.17 -19.28 -37.84
C LYS G 118 -14.98 -19.85 -38.61
N THR H 29 18.34 -7.27 14.29
CA THR H 29 17.91 -7.08 12.91
C THR H 29 18.02 -8.38 12.12
N ARG H 30 18.43 -9.44 12.80
CA ARG H 30 18.58 -10.73 12.15
C ARG H 30 17.22 -11.38 11.91
N LYS H 31 16.96 -11.74 10.66
CA LYS H 31 15.69 -12.31 10.23
C LYS H 31 15.95 -13.67 9.60
N GLU H 32 15.45 -14.72 10.22
CA GLU H 32 15.66 -16.06 9.72
C GLU H 32 14.90 -16.26 8.42
N SER H 33 15.44 -17.10 7.54
CA SER H 33 14.80 -17.30 6.24
C SER H 33 15.28 -18.62 5.63
N TYR H 34 14.59 -19.05 4.58
CA TYR H 34 14.90 -20.28 3.88
C TYR H 34 15.59 -20.05 2.54
N ALA H 35 16.01 -18.81 2.25
CA ALA H 35 16.53 -18.51 0.93
C ALA H 35 17.77 -19.34 0.63
N ILE H 36 18.69 -19.42 1.59
CA ILE H 36 19.92 -20.17 1.38
C ILE H 36 19.61 -21.63 1.05
N TYR H 37 18.64 -22.22 1.74
CA TYR H 37 18.38 -23.63 1.56
C TYR H 37 17.65 -23.92 0.26
N VAL H 38 16.66 -23.09 -0.10
CA VAL H 38 16.00 -23.34 -1.37
C VAL H 38 16.97 -23.08 -2.51
N TYR H 39 17.94 -22.19 -2.32
CA TYR H 39 18.90 -21.97 -3.39
C TYR H 39 19.85 -23.16 -3.51
N LYS H 40 20.23 -23.76 -2.39
CA LYS H 40 20.99 -25.01 -2.44
C LYS H 40 20.23 -26.09 -3.17
N VAL H 41 18.92 -26.19 -2.92
CA VAL H 41 18.12 -27.20 -3.63
C VAL H 41 18.05 -26.88 -5.12
N LEU H 42 17.86 -25.61 -5.46
CA LEU H 42 17.79 -25.22 -6.86
C LEU H 42 19.07 -25.57 -7.59
N LYS H 43 20.21 -25.30 -6.99
CA LYS H 43 21.47 -25.51 -7.68
C LYS H 43 21.84 -26.97 -7.81
N GLN H 44 20.93 -27.90 -7.53
CA GLN H 44 21.17 -29.29 -7.86
C GLN H 44 20.09 -29.91 -8.73
N VAL H 45 18.97 -29.24 -8.94
CA VAL H 45 17.97 -29.69 -9.89
C VAL H 45 18.22 -29.08 -11.27
N HIS H 46 18.40 -27.76 -11.31
CA HIS H 46 18.77 -27.03 -12.52
C HIS H 46 20.05 -26.27 -12.20
N PRO H 47 21.22 -26.88 -12.39
CA PRO H 47 22.46 -26.31 -11.86
C PRO H 47 22.91 -25.04 -12.55
N ASP H 48 22.19 -24.56 -13.56
CA ASP H 48 22.58 -23.34 -14.24
C ASP H 48 21.58 -22.19 -14.11
N THR H 49 20.31 -22.49 -13.82
CA THR H 49 19.34 -21.43 -13.66
C THR H 49 19.56 -20.68 -12.35
N GLY H 50 19.09 -19.43 -12.32
CA GLY H 50 19.06 -18.64 -11.13
C GLY H 50 17.65 -18.49 -10.59
N ILE H 51 17.47 -17.46 -9.77
CA ILE H 51 16.15 -17.15 -9.23
C ILE H 51 16.11 -15.70 -8.78
N SER H 52 15.06 -14.98 -9.15
CA SER H 52 14.97 -13.58 -8.77
C SER H 52 14.54 -13.45 -7.31
N SER H 53 14.68 -12.24 -6.78
CA SER H 53 14.37 -12.03 -5.37
C SER H 53 12.89 -12.17 -5.08
N LYS H 54 12.04 -11.67 -5.97
CA LYS H 54 10.60 -11.80 -5.74
C LYS H 54 10.18 -13.25 -5.74
N ALA H 55 10.72 -14.04 -6.67
CA ALA H 55 10.47 -15.47 -6.65
C ALA H 55 11.01 -16.09 -5.38
N MET H 56 12.13 -15.58 -4.88
CA MET H 56 12.68 -16.10 -3.64
C MET H 56 11.74 -15.85 -2.47
N SER H 57 11.17 -14.65 -2.40
CA SER H 57 10.21 -14.35 -1.34
C SER H 57 8.99 -15.23 -1.46
N ILE H 58 8.52 -15.46 -2.68
CA ILE H 58 7.37 -16.33 -2.88
C ILE H 58 7.69 -17.74 -2.39
N MET H 59 8.88 -18.25 -2.70
CA MET H 59 9.24 -19.59 -2.26
C MET H 59 9.37 -19.67 -0.74
N ASN H 60 9.95 -18.66 -0.12
CA ASN H 60 10.05 -18.66 1.33
C ASN H 60 8.67 -18.67 1.96
N SER H 61 7.75 -17.85 1.43
CA SER H 61 6.39 -17.83 1.93
C SER H 61 5.71 -19.18 1.74
N PHE H 62 5.95 -19.82 0.59
CA PHE H 62 5.37 -21.13 0.34
C PHE H 62 5.86 -22.15 1.35
N VAL H 63 7.16 -22.15 1.64
CA VAL H 63 7.72 -23.09 2.60
C VAL H 63 7.13 -22.84 3.99
N ASN H 64 7.03 -21.57 4.39
CA ASN H 64 6.44 -21.28 5.69
C ASN H 64 5.00 -21.74 5.76
N ASP H 65 4.25 -21.52 4.69
CA ASP H 65 2.84 -21.90 4.68
C ASP H 65 2.69 -23.40 4.81
N VAL H 66 3.47 -24.16 4.04
CA VAL H 66 3.35 -25.61 4.09
C VAL H 66 3.81 -26.14 5.45
N PHE H 67 4.86 -25.54 6.01
CA PHE H 67 5.30 -25.93 7.35
C PHE H 67 4.20 -25.70 8.36
N GLU H 68 3.54 -24.55 8.31
CA GLU H 68 2.47 -24.26 9.25
C GLU H 68 1.32 -25.23 9.08
N ARG H 69 0.96 -25.56 7.84
CA ARG H 69 -0.14 -26.49 7.62
C ARG H 69 0.17 -27.85 8.21
N ILE H 70 1.35 -28.40 7.88
CA ILE H 70 1.69 -29.73 8.38
C ILE H 70 1.82 -29.73 9.89
N ALA H 71 2.47 -28.72 10.47
CA ALA H 71 2.63 -28.69 11.90
C ALA H 71 1.29 -28.55 12.62
N GLY H 72 0.40 -27.71 12.10
CA GLY H 72 -0.90 -27.55 12.73
C GLY H 72 -1.71 -28.82 12.66
N GLU H 73 -1.70 -29.50 11.52
CA GLU H 73 -2.43 -30.75 11.42
C GLU H 73 -1.84 -31.81 12.35
N ALA H 74 -0.51 -31.86 12.48
CA ALA H 74 0.08 -32.82 13.40
C ALA H 74 -0.25 -32.48 14.84
N SER H 75 -0.29 -31.19 15.17
CA SER H 75 -0.68 -30.80 16.52
C SER H 75 -2.09 -31.23 16.83
N ARG H 76 -3.01 -31.01 15.89
CA ARG H 76 -4.39 -31.42 16.12
C ARG H 76 -4.50 -32.93 16.18
N LEU H 77 -3.69 -33.66 15.42
CA LEU H 77 -3.68 -35.11 15.52
C LEU H 77 -3.23 -35.57 16.89
N ALA H 78 -2.18 -34.96 17.42
CA ALA H 78 -1.72 -35.33 18.75
C ALA H 78 -2.77 -35.01 19.79
N HIS H 79 -3.44 -33.87 19.64
CA HIS H 79 -4.47 -33.52 20.61
C HIS H 79 -5.65 -34.47 20.54
N TYR H 80 -6.00 -34.93 19.35
CA TYR H 80 -7.14 -35.83 19.20
C TYR H 80 -6.90 -37.13 19.95
N ASN H 81 -5.69 -37.67 19.90
CA ASN H 81 -5.39 -38.99 20.44
C ASN H 81 -4.75 -38.95 21.81
N LYS H 82 -4.95 -37.88 22.56
CA LYS H 82 -4.51 -37.73 23.94
C LYS H 82 -2.99 -37.74 24.09
N ARG H 83 -2.25 -37.80 22.99
CA ARG H 83 -0.80 -37.79 23.06
C ARG H 83 -0.30 -36.39 23.36
N SER H 84 0.86 -36.35 24.01
CA SER H 84 1.47 -35.09 24.41
C SER H 84 2.66 -34.69 23.56
N THR H 85 3.03 -35.50 22.58
CA THR H 85 4.22 -35.24 21.79
C THR H 85 3.95 -35.38 20.31
N ILE H 86 4.74 -34.67 19.52
CA ILE H 86 4.74 -34.77 18.06
C ILE H 86 5.92 -35.64 17.65
N THR H 87 5.66 -36.60 16.76
CA THR H 87 6.74 -37.42 16.25
C THR H 87 6.53 -37.69 14.77
N SER H 88 7.46 -38.48 14.21
CA SER H 88 7.45 -38.73 12.77
C SER H 88 6.15 -39.38 12.33
N ARG H 89 5.50 -40.14 13.20
CA ARG H 89 4.22 -40.73 12.83
C ARG H 89 3.17 -39.66 12.58
N GLU H 90 3.09 -38.67 13.47
CA GLU H 90 2.16 -37.57 13.25
C GLU H 90 2.52 -36.79 12.00
N ILE H 91 3.81 -36.57 11.77
CA ILE H 91 4.18 -35.79 10.58
C ILE H 91 3.79 -36.55 9.32
N GLN H 92 4.01 -37.87 9.31
CA GLN H 92 3.63 -38.66 8.15
C GLN H 92 2.13 -38.63 7.92
N THR H 93 1.35 -38.77 8.99
CA THR H 93 -0.10 -38.71 8.82
C THR H 93 -0.55 -37.37 8.29
N ALA H 94 0.02 -36.28 8.81
CA ALA H 94 -0.35 -34.96 8.34
C ALA H 94 -0.02 -34.79 6.86
N VAL H 95 1.15 -35.28 6.44
CA VAL H 95 1.52 -35.18 5.03
C VAL H 95 0.54 -35.96 4.18
N ARG H 96 0.29 -37.22 4.55
CA ARG H 96 -0.61 -38.06 3.79
C ARG H 96 -2.04 -37.53 3.81
N LEU H 97 -2.34 -36.63 4.73
CA LEU H 97 -3.67 -36.06 4.84
C LEU H 97 -3.82 -34.73 4.12
N LEU H 98 -2.73 -33.99 3.93
CA LEU H 98 -2.78 -32.72 3.24
C LEU H 98 -2.42 -32.82 1.77
N LEU H 99 -1.32 -33.48 1.43
CA LEU H 99 -0.89 -33.52 0.04
C LEU H 99 -1.81 -34.44 -0.76
N PRO H 100 -2.11 -34.11 -2.00
CA PRO H 100 -3.07 -34.90 -2.79
C PRO H 100 -2.43 -36.13 -3.41
N GLY H 101 -2.69 -37.29 -2.80
CA GLY H 101 -2.45 -38.55 -3.49
C GLY H 101 -1.04 -38.77 -4.00
N GLU H 102 -0.91 -38.66 -5.32
CA GLU H 102 0.32 -39.05 -6.00
C GLU H 102 1.52 -38.23 -5.53
N LEU H 103 1.29 -36.99 -5.08
CA LEU H 103 2.36 -36.20 -4.52
C LEU H 103 2.72 -36.68 -3.12
N ALA H 104 1.72 -37.00 -2.32
CA ALA H 104 1.95 -37.47 -0.96
C ALA H 104 2.73 -38.77 -0.95
N LYS H 105 2.50 -39.62 -1.96
CA LYS H 105 3.21 -40.88 -2.01
C LYS H 105 4.72 -40.66 -2.01
N HIS H 106 5.21 -39.82 -2.92
CA HIS H 106 6.63 -39.55 -2.99
C HIS H 106 7.10 -38.80 -1.76
N ALA H 107 6.29 -37.88 -1.25
CA ALA H 107 6.69 -37.14 -0.06
C ALA H 107 6.98 -38.07 1.11
N VAL H 108 6.06 -39.00 1.38
CA VAL H 108 6.25 -39.88 2.52
C VAL H 108 7.40 -40.85 2.25
N SER H 109 7.57 -41.30 1.00
CA SER H 109 8.70 -42.18 0.73
C SER H 109 10.01 -41.50 1.06
N GLU H 110 10.17 -40.25 0.64
CA GLU H 110 11.44 -39.57 0.86
C GLU H 110 11.63 -39.20 2.32
N GLY H 111 10.55 -38.81 3.01
CA GLY H 111 10.66 -38.57 4.43
C GLY H 111 11.14 -39.80 5.18
N THR H 112 10.56 -40.96 4.87
CA THR H 112 10.97 -42.18 5.56
C THR H 112 12.41 -42.52 5.28
N LYS H 113 12.86 -42.39 4.02
CA LYS H 113 14.24 -42.75 3.76
C LYS H 113 15.20 -41.80 4.48
N ALA H 114 14.85 -40.51 4.55
CA ALA H 114 15.71 -39.57 5.28
C ALA H 114 15.78 -39.91 6.75
N VAL H 115 14.65 -40.22 7.37
CA VAL H 115 14.67 -40.50 8.80
C VAL H 115 15.42 -41.79 9.09
N THR H 116 15.29 -42.80 8.23
CA THR H 116 16.05 -44.03 8.44
C THR H 116 17.54 -43.78 8.31
N LYS H 117 17.94 -42.94 7.35
CA LYS H 117 19.35 -42.62 7.23
C LYS H 117 19.86 -41.90 8.48
N TYR H 118 19.06 -40.98 9.02
CA TYR H 118 19.44 -40.30 10.24
C TYR H 118 19.60 -41.28 11.40
N THR H 119 18.64 -42.20 11.54
CA THR H 119 18.69 -43.16 12.63
C THR H 119 19.90 -44.09 12.51
N SER H 120 20.16 -44.59 11.32
CA SER H 120 21.31 -45.46 11.11
C SER H 120 22.62 -44.72 11.37
N ALA H 121 22.71 -43.48 10.91
CA ALA H 121 23.92 -42.69 11.12
C ALA H 121 23.80 -41.85 12.39
N GLU K 1 29.32 42.03 -36.73
CA GLU K 1 29.42 42.89 -37.90
C GLU K 1 30.88 43.26 -38.18
N ASN K 2 31.65 43.45 -37.10
CA ASN K 2 33.06 43.80 -37.22
C ASN K 2 33.96 43.00 -36.28
N LEU K 3 33.39 42.08 -35.50
CA LEU K 3 34.15 41.25 -34.59
C LEU K 3 34.61 39.94 -35.23
N LYS K 4 34.39 39.80 -36.54
CA LYS K 4 34.79 38.61 -37.30
C LYS K 4 36.30 38.37 -37.36
N PRO K 5 37.19 39.36 -37.17
CA PRO K 5 38.61 39.01 -37.06
C PRO K 5 38.90 38.04 -35.94
N PHE K 6 38.11 38.05 -34.85
CA PHE K 6 38.30 37.08 -33.79
C PHE K 6 37.99 35.66 -34.27
N GLN K 7 37.03 35.52 -35.18
CA GLN K 7 36.65 34.21 -35.69
C GLN K 7 37.76 33.56 -36.50
N VAL K 8 38.76 34.33 -36.92
CA VAL K 8 39.88 33.76 -37.67
C VAL K 8 40.64 32.77 -36.78
N GLY K 9 41.05 31.66 -37.38
CA GLY K 9 41.71 30.58 -36.67
C GLY K 9 40.80 29.43 -36.29
N LEU K 10 39.48 29.66 -36.27
CA LEU K 10 38.56 28.58 -35.99
C LEU K 10 38.48 27.64 -37.19
N PRO K 11 38.42 26.33 -36.97
CA PRO K 11 38.22 25.41 -38.09
C PRO K 11 36.82 25.56 -38.65
N PRO K 12 36.63 25.25 -39.93
CA PRO K 12 35.29 25.35 -40.51
C PRO K 12 34.34 24.37 -39.82
N HIS K 13 33.06 24.76 -39.75
CA HIS K 13 32.07 23.91 -39.10
C HIS K 13 31.80 22.68 -39.95
N ASP K 14 32.03 21.51 -39.37
CA ASP K 14 31.82 20.26 -40.09
C ASP K 14 31.59 19.13 -39.11
N PRO K 15 30.46 18.43 -39.20
CA PRO K 15 30.17 17.37 -38.23
C PRO K 15 31.21 16.27 -38.17
N GLU K 16 31.82 15.93 -39.31
CA GLU K 16 32.81 14.87 -39.32
C GLU K 16 34.02 15.24 -38.45
N SER K 17 34.47 16.48 -38.52
CA SER K 17 35.58 16.91 -37.68
C SER K 17 35.15 17.00 -36.22
N ASN K 18 33.95 17.52 -35.96
CA ASN K 18 33.47 17.65 -34.59
C ASN K 18 33.39 16.29 -33.91
N LYS K 19 33.02 15.25 -34.66
CA LYS K 19 32.83 13.94 -34.08
C LYS K 19 34.11 13.41 -33.43
N LYS K 20 35.27 13.92 -33.80
CA LYS K 20 36.51 13.48 -33.18
C LYS K 20 36.55 13.82 -31.70
N ARG K 21 36.12 15.03 -31.33
CA ARG K 21 36.14 15.47 -29.95
C ARG K 21 34.81 15.23 -29.23
N TYR K 22 33.70 15.54 -29.89
CA TYR K 22 32.40 15.44 -29.24
C TYR K 22 32.17 14.02 -28.74
N LEU K 23 32.07 13.06 -29.64
CA LEU K 23 31.99 11.67 -29.23
C LEU K 23 33.28 11.29 -28.53
N LEU K 24 33.17 10.87 -27.27
CA LEU K 24 34.33 10.37 -26.54
C LEU K 24 34.45 8.89 -26.88
N LYS K 25 35.44 8.57 -27.73
CA LYS K 25 35.54 7.23 -28.28
C LYS K 25 35.86 6.21 -27.21
N ASP K 26 36.72 6.57 -26.26
CA ASP K 26 37.08 5.69 -25.16
C ASP K 26 35.86 5.26 -24.34
N ALA K 27 35.54 3.96 -24.41
CA ALA K 27 34.34 3.46 -23.74
C ALA K 27 34.45 3.59 -22.22
N ASN K 28 35.63 3.29 -21.67
CA ASN K 28 35.88 3.40 -20.23
C ASN K 28 37.13 4.25 -20.00
N GLY K 29 37.24 5.35 -20.75
CA GLY K 29 38.37 6.23 -20.60
C GLY K 29 38.36 7.05 -19.32
N LYS K 30 37.28 6.97 -18.55
CA LYS K 30 37.24 7.67 -17.27
C LYS K 30 38.31 7.12 -16.34
N LYS K 31 39.08 8.04 -15.74
CA LYS K 31 40.16 7.65 -14.85
C LYS K 31 40.47 8.83 -13.94
N PHE K 32 41.11 8.52 -12.81
CA PHE K 32 41.57 9.55 -11.89
C PHE K 32 42.87 10.13 -12.42
N ASP K 33 42.85 11.40 -12.82
CA ASP K 33 44.05 12.07 -13.31
C ASP K 33 44.84 12.59 -12.12
N LEU K 34 46.05 12.06 -11.95
CA LEU K 34 46.91 12.55 -10.88
C LEU K 34 47.41 13.96 -11.18
N GLU K 35 47.67 14.26 -12.45
CA GLU K 35 48.20 15.58 -12.80
C GLU K 35 47.23 16.69 -12.45
N GLY K 36 45.97 16.54 -12.86
CA GLY K 36 44.99 17.57 -12.57
C GLY K 36 44.74 17.74 -11.09
N THR K 37 44.64 16.64 -10.35
CA THR K 37 44.44 16.72 -8.92
C THR K 37 45.63 17.39 -8.24
N THR K 38 46.84 17.05 -8.67
CA THR K 38 48.02 17.70 -8.10
C THR K 38 48.02 19.20 -8.36
N LYS K 39 47.69 19.61 -9.59
CA LYS K 39 47.64 21.03 -9.89
C LYS K 39 46.57 21.72 -9.04
N ARG K 40 45.40 21.10 -8.93
CA ARG K 40 44.32 21.65 -8.11
C ARG K 40 44.78 21.84 -6.68
N PHE K 41 45.33 20.78 -6.08
CA PHE K 41 45.72 20.85 -4.68
C PHE K 41 46.85 21.85 -4.48
N GLU K 42 47.78 21.93 -5.44
CA GLU K 42 48.88 22.88 -5.31
C GLU K 42 48.37 24.31 -5.30
N HIS K 43 47.53 24.67 -6.27
CA HIS K 43 46.99 26.03 -6.28
C HIS K 43 46.14 26.28 -5.04
N LEU K 44 45.37 25.28 -4.62
CA LEU K 44 44.48 25.44 -3.48
C LEU K 44 45.27 25.71 -2.20
N LEU K 45 46.34 24.96 -1.97
CA LEU K 45 47.21 25.23 -0.83
C LEU K 45 47.94 26.56 -0.99
N SER K 46 48.24 26.95 -2.23
CA SER K 46 48.89 28.24 -2.44
C SER K 46 48.00 29.38 -1.98
N LEU K 47 46.70 29.30 -2.24
CA LEU K 47 45.79 30.32 -1.73
C LEU K 47 45.76 30.32 -0.21
N SER K 48 45.70 29.15 0.41
CA SER K 48 45.68 29.05 1.86
C SER K 48 45.95 27.60 2.25
N GLY K 49 46.43 27.41 3.47
CA GLY K 49 46.80 26.09 3.95
C GLY K 49 45.73 25.32 4.68
N LEU K 50 44.54 25.89 4.87
CA LEU K 50 43.51 25.24 5.65
C LEU K 50 42.97 23.99 4.99
N PHE K 51 43.15 23.86 3.67
CA PHE K 51 42.49 22.80 2.92
C PHE K 51 43.05 21.42 3.19
N LYS K 52 44.17 21.33 3.90
CA LYS K 52 44.74 20.03 4.21
C LYS K 52 43.82 19.18 5.07
N HIS K 53 42.82 19.78 5.70
CA HIS K 53 41.91 19.01 6.55
C HIS K 53 41.20 17.93 5.76
N PHE K 54 40.69 18.28 4.58
CA PHE K 54 40.06 17.27 3.73
C PHE K 54 41.10 16.30 3.19
N ILE K 55 42.27 16.81 2.82
CA ILE K 55 43.25 16.02 2.10
C ILE K 55 43.83 14.94 3.00
N GLU K 56 44.15 15.27 4.25
CA GLU K 56 44.71 14.31 5.17
C GLU K 56 43.70 13.20 5.49
N SER K 57 42.43 13.57 5.66
CA SER K 57 41.41 12.55 5.87
C SER K 57 41.32 11.63 4.65
N LYS K 58 41.30 12.20 3.45
CA LYS K 58 41.24 11.39 2.25
C LYS K 58 42.46 10.51 2.10
N ALA K 59 43.61 10.97 2.59
CA ALA K 59 44.81 10.13 2.60
C ALA K 59 44.69 9.01 3.62
N ALA K 60 43.99 9.26 4.74
CA ALA K 60 43.65 8.18 5.65
C ALA K 60 42.74 7.16 4.97
N LYS K 61 41.88 7.61 4.07
CA LYS K 61 41.21 6.72 3.12
C LYS K 61 42.15 6.37 1.98
N ASP K 62 41.61 5.91 0.86
CA ASP K 62 42.32 5.25 -0.24
C ASP K 62 43.72 5.83 -0.44
N PRO K 63 44.76 5.02 -0.26
CA PRO K 63 46.12 5.53 -0.24
C PRO K 63 46.70 5.88 -1.60
N LYS K 64 46.03 5.53 -2.69
CA LYS K 64 46.55 6.01 -3.97
C LYS K 64 46.28 7.49 -4.16
N PHE K 65 45.52 8.11 -3.26
CA PHE K 65 45.52 9.56 -3.10
C PHE K 65 46.52 10.01 -2.06
N ARG K 66 46.83 9.14 -1.09
CA ARG K 66 47.86 9.46 -0.11
C ARG K 66 49.21 9.62 -0.79
N GLN K 67 49.49 8.79 -1.79
CA GLN K 67 50.73 8.95 -2.54
C GLN K 67 50.71 10.24 -3.38
N VAL K 68 49.53 10.66 -3.83
CA VAL K 68 49.42 11.97 -4.46
C VAL K 68 49.77 13.07 -3.45
N LEU K 69 49.28 12.93 -2.22
CA LEU K 69 49.63 13.86 -1.15
C LEU K 69 51.13 13.89 -0.94
N ASP K 70 51.75 12.71 -0.89
CA ASP K 70 53.19 12.64 -0.69
C ASP K 70 53.94 13.29 -1.84
N VAL K 71 53.47 13.08 -3.07
CA VAL K 71 54.09 13.71 -4.23
C VAL K 71 54.00 15.22 -4.12
N LEU K 72 52.83 15.73 -3.75
CA LEU K 72 52.67 17.16 -3.54
C LEU K 72 53.56 17.68 -2.42
N GLU K 73 53.87 16.83 -1.44
CA GLU K 73 54.71 17.26 -0.33
C GLU K 73 56.19 17.29 -0.72
N GLU K 74 56.65 16.30 -1.48
CA GLU K 74 58.09 16.16 -1.71
C GLU K 74 58.60 17.20 -2.70
N ASN K 75 57.85 17.47 -3.77
CA ASN K 75 58.31 18.42 -4.77
C ASN K 75 58.36 19.84 -4.22
N LYS K 76 57.68 20.12 -3.13
CA LYS K 76 57.75 21.43 -2.48
C LYS K 76 58.68 21.38 -1.28
N GLU K 111 52.32 33.87 -17.52
CA GLU K 111 51.95 34.86 -16.53
C GLU K 111 50.56 34.60 -16.00
N SER K 112 49.77 33.82 -16.75
CA SER K 112 48.36 33.60 -16.46
C SER K 112 47.63 34.93 -16.30
N ILE K 113 47.94 35.87 -17.19
CA ILE K 113 47.38 37.21 -17.08
C ILE K 113 45.89 37.17 -17.38
N GLU K 114 45.09 37.74 -16.48
CA GLU K 114 43.67 37.87 -16.73
C GLU K 114 43.41 38.88 -17.83
N PHE K 115 42.50 38.54 -18.73
CA PHE K 115 42.09 39.48 -19.78
C PHE K 115 41.09 40.42 -19.15
N GLN K 116 41.60 41.49 -18.55
CA GLN K 116 40.77 42.37 -17.73
C GLN K 116 39.61 42.96 -18.50
N PHE K 117 39.71 43.09 -19.82
CA PHE K 117 38.63 43.62 -20.65
C PHE K 117 38.13 44.95 -20.10
N ARG K 118 39.01 45.94 -20.11
CA ARG K 118 38.67 47.24 -19.55
C ARG K 118 37.46 47.86 -20.25
N GLU K 119 37.17 47.41 -21.46
CA GLU K 119 35.95 47.73 -22.18
C GLU K 119 35.17 46.43 -22.42
N SER K 120 34.03 46.58 -23.07
CA SER K 120 33.22 45.41 -23.41
C SER K 120 34.00 44.51 -24.37
N PRO K 121 34.03 43.20 -24.14
CA PRO K 121 34.75 42.31 -25.06
C PRO K 121 34.22 42.45 -26.47
N ALA K 122 35.15 42.44 -27.43
CA ALA K 122 34.78 42.74 -28.81
C ALA K 122 33.88 41.67 -29.40
N TYR K 123 34.14 40.40 -29.10
CA TYR K 123 33.42 39.33 -29.75
C TYR K 123 31.96 39.25 -29.35
N VAL K 124 31.53 40.00 -28.35
CA VAL K 124 30.12 40.10 -27.98
C VAL K 124 29.63 41.49 -28.37
N ASN K 125 28.66 41.54 -29.27
CA ASN K 125 28.06 42.82 -29.70
C ASN K 125 27.23 43.37 -28.55
N GLY K 126 27.75 44.39 -27.90
CA GLY K 126 27.02 45.07 -26.85
C GLY K 126 27.96 45.60 -25.79
N GLN K 127 27.36 46.07 -24.71
CA GLN K 127 28.09 46.68 -23.60
C GLN K 127 27.98 45.80 -22.36
N LEU K 128 29.03 45.82 -21.55
CA LEU K 128 29.04 45.14 -20.26
C LEU K 128 29.44 46.12 -19.16
N ARG K 129 28.71 46.10 -18.07
CA ARG K 129 28.99 46.97 -16.95
C ARG K 129 30.19 46.46 -16.16
N PRO K 130 30.85 47.35 -15.39
CA PRO K 130 32.13 46.96 -14.77
C PRO K 130 32.04 45.74 -13.87
N TYR K 131 30.97 45.61 -13.08
CA TYR K 131 30.84 44.42 -12.25
C TYR K 131 30.68 43.18 -13.11
N GLN K 132 29.98 43.32 -14.24
CA GLN K 132 29.89 42.22 -15.18
C GLN K 132 31.27 41.82 -15.68
N ILE K 133 32.10 42.81 -15.98
CA ILE K 133 33.47 42.54 -16.42
C ILE K 133 34.24 41.80 -15.34
N GLN K 134 34.09 42.23 -14.09
CA GLN K 134 34.79 41.56 -12.99
C GLN K 134 34.34 40.11 -12.87
N GLY K 135 33.03 39.87 -13.01
CA GLY K 135 32.55 38.50 -13.02
C GLY K 135 33.17 37.67 -14.13
N VAL K 136 33.26 38.25 -15.33
CA VAL K 136 33.86 37.54 -16.45
C VAL K 136 35.31 37.19 -16.14
N ASN K 137 36.06 38.15 -15.58
CA ASN K 137 37.45 37.89 -15.28
C ASN K 137 37.59 36.83 -14.19
N TRP K 138 36.69 36.82 -13.22
CA TRP K 138 36.71 35.75 -12.23
C TRP K 138 36.50 34.41 -12.89
N LEU K 139 35.56 34.34 -13.83
CA LEU K 139 35.32 33.10 -14.56
C LEU K 139 36.59 32.65 -15.27
N VAL K 140 37.24 33.58 -15.98
CA VAL K 140 38.45 33.23 -16.73
C VAL K 140 39.54 32.76 -15.78
N SER K 141 39.75 33.46 -14.68
CA SER K 141 40.81 33.11 -13.74
C SER K 141 40.58 31.74 -13.13
N LEU K 142 39.32 31.41 -12.81
CA LEU K 142 39.03 30.06 -12.36
C LEU K 142 39.27 29.04 -13.46
N HIS K 143 38.98 29.40 -14.71
CA HIS K 143 39.27 28.50 -15.81
C HIS K 143 40.76 28.16 -15.86
N LYS K 144 41.62 29.16 -15.87
CA LYS K 144 43.06 28.88 -15.92
C LYS K 144 43.61 28.63 -14.53
N ASN K 145 42.89 27.81 -13.77
CA ASN K 145 43.38 27.28 -12.51
C ASN K 145 42.90 25.85 -12.28
N LYS K 146 42.23 25.26 -13.27
CA LYS K 146 41.74 23.88 -13.21
C LYS K 146 40.74 23.68 -12.09
N ILE K 147 40.02 24.73 -11.70
CA ILE K 147 38.94 24.65 -10.73
C ILE K 147 37.78 25.51 -11.24
N ALA K 148 36.68 25.50 -10.48
CA ALA K 148 35.47 26.18 -10.90
C ALA K 148 34.99 27.17 -9.86
N GLY K 149 33.80 27.73 -10.05
CA GLY K 149 33.26 28.67 -9.08
C GLY K 149 31.79 28.96 -9.28
N ILE K 150 31.02 28.86 -8.21
CA ILE K 150 29.58 29.10 -8.27
C ILE K 150 29.32 30.58 -8.47
N LEU K 151 28.71 30.93 -9.58
CA LEU K 151 28.20 32.28 -9.76
C LEU K 151 26.87 32.37 -9.04
N ALA K 152 26.75 33.28 -8.09
CA ALA K 152 25.55 33.42 -7.27
C ALA K 152 25.14 34.88 -7.16
N ASP K 153 25.21 35.61 -8.26
CA ASP K 153 24.90 37.02 -8.23
C ASP K 153 23.42 37.26 -7.92
N GLU K 154 23.11 38.47 -7.47
CA GLU K 154 21.74 38.83 -7.21
C GLU K 154 20.93 38.93 -8.49
N MET K 155 19.63 38.70 -8.36
CA MET K 155 18.76 38.58 -9.52
C MET K 155 18.71 39.88 -10.31
N GLY K 156 18.67 39.76 -11.63
CA GLY K 156 18.66 40.90 -12.51
C GLY K 156 20.02 41.38 -12.96
N LEU K 157 21.10 40.88 -12.36
CA LEU K 157 22.45 41.33 -12.74
C LEU K 157 23.01 40.50 -13.88
N GLY K 158 22.21 40.31 -14.93
CA GLY K 158 22.63 39.65 -16.15
C GLY K 158 23.53 38.45 -16.02
N LYS K 159 23.10 37.43 -15.29
CA LYS K 159 23.96 36.28 -15.06
C LYS K 159 24.26 35.57 -16.37
N THR K 160 23.22 35.35 -17.18
CA THR K 160 23.40 34.70 -18.45
C THR K 160 24.32 35.49 -19.35
N LEU K 161 24.35 36.82 -19.19
CA LEU K 161 25.31 37.61 -19.95
C LEU K 161 26.74 37.27 -19.55
N GLN K 162 27.00 37.13 -18.25
CA GLN K 162 28.30 36.66 -17.79
C GLN K 162 28.65 35.33 -18.44
N THR K 163 27.69 34.40 -18.43
CA THR K 163 27.98 33.05 -18.90
C THR K 163 28.23 33.02 -20.41
N ILE K 164 27.39 33.70 -21.18
CA ILE K 164 27.59 33.73 -22.63
C ILE K 164 28.91 34.42 -22.95
N SER K 165 29.25 35.49 -22.22
CA SER K 165 30.51 36.16 -22.46
C SER K 165 31.68 35.20 -22.21
N PHE K 166 31.61 34.42 -21.14
CA PHE K 166 32.71 33.53 -20.83
C PHE K 166 32.83 32.41 -21.86
N LEU K 167 31.70 31.85 -22.29
CA LEU K 167 31.75 30.82 -23.32
C LEU K 167 32.31 31.39 -24.62
N GLY K 168 31.94 32.63 -24.95
CA GLY K 168 32.54 33.27 -26.10
C GLY K 168 34.04 33.49 -25.94
N TYR K 169 34.46 33.79 -24.71
CA TYR K 169 35.89 33.82 -24.40
C TYR K 169 36.56 32.53 -24.81
N LEU K 170 36.00 31.39 -24.39
CA LEU K 170 36.58 30.12 -24.82
C LEU K 170 36.55 29.96 -26.33
N ARG K 171 35.46 30.39 -26.97
CA ARG K 171 35.34 30.21 -28.41
C ARG K 171 36.42 31.00 -29.15
N TYR K 172 36.36 32.33 -29.04
CA TYR K 172 37.22 33.18 -29.87
C TYR K 172 38.67 33.14 -29.40
N ILE K 173 38.89 33.22 -28.09
CA ILE K 173 40.26 33.29 -27.56
C ILE K 173 40.84 31.92 -27.32
N GLU K 174 40.18 31.08 -26.54
CA GLU K 174 40.75 29.79 -26.20
C GLU K 174 40.61 28.76 -27.31
N LYS K 175 39.75 29.01 -28.30
CA LYS K 175 39.59 28.13 -29.45
C LYS K 175 39.06 26.76 -29.06
N ILE K 176 38.00 26.74 -28.27
CA ILE K 176 37.21 25.54 -28.06
C ILE K 176 35.76 25.87 -28.40
N PRO K 177 35.30 25.56 -29.60
CA PRO K 177 33.91 25.90 -29.96
C PRO K 177 32.88 25.21 -29.08
N GLY K 178 33.14 23.96 -28.68
CA GLY K 178 32.20 23.21 -27.89
C GLY K 178 32.76 21.86 -27.52
N PRO K 179 31.92 20.99 -26.95
CA PRO K 179 30.51 21.21 -26.65
C PRO K 179 30.26 21.81 -25.27
N PHE K 180 29.02 22.19 -24.99
CA PHE K 180 28.64 22.74 -23.68
C PHE K 180 27.17 22.45 -23.42
N LEU K 181 26.86 21.96 -22.22
CA LEU K 181 25.50 21.67 -21.82
C LEU K 181 24.97 22.79 -20.93
N VAL K 182 23.72 23.19 -21.18
CA VAL K 182 23.17 24.41 -20.59
C VAL K 182 21.86 24.09 -19.86
N ILE K 183 21.86 22.99 -19.11
CA ILE K 183 20.70 22.62 -18.29
C ILE K 183 20.11 23.85 -17.60
N ALA K 184 18.78 23.95 -17.60
CA ALA K 184 18.11 25.16 -17.16
C ALA K 184 16.67 24.80 -16.82
N PRO K 185 15.95 25.70 -16.15
CA PRO K 185 14.51 25.48 -15.97
C PRO K 185 13.76 25.64 -17.27
N LYS K 186 12.68 24.86 -17.41
CA LYS K 186 11.95 24.83 -18.68
C LYS K 186 11.44 26.20 -19.08
N SER K 187 11.10 27.04 -18.11
CA SER K 187 10.50 28.32 -18.43
C SER K 187 11.45 29.21 -19.23
N THR K 188 12.73 29.23 -18.86
CA THR K 188 13.66 30.21 -19.40
C THR K 188 14.43 29.73 -20.63
N LEU K 189 14.13 28.53 -21.13
CA LEU K 189 14.87 28.02 -22.28
C LEU K 189 14.82 28.98 -23.46
N ASN K 190 13.62 29.46 -23.77
CA ASN K 190 13.49 30.42 -24.85
C ASN K 190 14.31 31.67 -24.57
N ASN K 191 14.37 32.10 -23.31
CA ASN K 191 15.13 33.30 -22.97
C ASN K 191 16.63 33.08 -23.14
N TRP K 192 17.13 31.94 -22.66
CA TRP K 192 18.53 31.61 -22.87
C TRP K 192 18.88 31.64 -24.34
N LEU K 193 18.05 30.98 -25.16
CA LEU K 193 18.34 30.93 -26.59
C LEU K 193 18.24 32.32 -27.22
N ARG K 194 17.27 33.12 -26.79
CA ARG K 194 17.13 34.46 -27.35
C ARG K 194 18.36 35.30 -27.08
N GLU K 195 18.86 35.26 -25.84
CA GLU K 195 20.06 36.03 -25.53
C GLU K 195 21.28 35.49 -26.26
N ILE K 196 21.40 34.15 -26.33
CA ILE K 196 22.58 33.57 -26.97
C ILE K 196 22.61 33.90 -28.45
N ASN K 197 21.45 33.98 -29.09
CA ASN K 197 21.44 34.42 -30.48
C ASN K 197 21.46 35.93 -30.61
N ARG K 198 21.27 36.66 -29.52
CA ARG K 198 21.30 38.11 -29.62
C ARG K 198 22.70 38.68 -29.49
N TRP K 199 23.41 38.37 -28.40
CA TRP K 199 24.69 39.02 -28.17
C TRP K 199 25.90 38.24 -28.68
N THR K 200 25.70 37.06 -29.26
CA THR K 200 26.79 36.31 -29.88
C THR K 200 26.21 35.44 -30.99
N PRO K 201 25.82 36.05 -32.10
CA PRO K 201 25.07 35.30 -33.12
C PRO K 201 25.86 34.17 -33.77
N ASP K 202 27.19 34.22 -33.71
CA ASP K 202 27.99 33.20 -34.41
C ASP K 202 27.76 31.82 -33.83
N VAL K 203 27.55 31.73 -32.51
CA VAL K 203 27.44 30.43 -31.86
C VAL K 203 26.16 29.75 -32.33
N ASN K 204 26.27 28.47 -32.69
CA ASN K 204 25.12 27.67 -33.04
C ASN K 204 24.69 26.83 -31.84
N ALA K 205 23.40 26.87 -31.54
CA ALA K 205 22.88 26.20 -30.37
C ALA K 205 21.41 25.86 -30.62
N PHE K 206 20.93 24.84 -29.93
CA PHE K 206 19.54 24.44 -30.05
C PHE K 206 19.09 23.90 -28.73
N ILE K 207 17.77 23.78 -28.56
CA ILE K 207 17.17 23.25 -27.35
C ILE K 207 16.40 21.99 -27.70
N LEU K 208 16.58 20.95 -26.89
CA LEU K 208 15.74 19.77 -26.99
C LEU K 208 14.37 20.10 -26.42
N GLN K 209 13.33 19.57 -27.05
CA GLN K 209 11.97 19.72 -26.56
C GLN K 209 11.06 18.83 -27.39
N GLY K 210 9.76 18.95 -27.16
CA GLY K 210 8.77 18.30 -27.99
C GLY K 210 8.57 16.85 -27.61
N ASP K 211 7.48 16.29 -28.11
CA ASP K 211 7.19 14.88 -27.89
C ASP K 211 8.36 14.03 -28.39
N LYS K 212 8.44 12.81 -27.86
CA LYS K 212 9.67 12.05 -27.98
C LYS K 212 10.10 11.82 -29.42
N GLU K 213 9.16 11.86 -30.37
CA GLU K 213 9.53 11.57 -31.75
C GLU K 213 10.41 12.66 -32.35
N GLU K 214 10.00 13.93 -32.23
CA GLU K 214 10.83 14.98 -32.81
C GLU K 214 12.06 15.23 -31.95
N ARG K 215 11.98 14.93 -30.66
CA ARG K 215 13.17 14.96 -29.83
C ARG K 215 14.21 13.96 -30.36
N ALA K 216 13.78 12.74 -30.64
CA ALA K 216 14.70 11.75 -31.19
C ALA K 216 15.19 12.13 -32.57
N GLU K 217 14.34 12.76 -33.37
CA GLU K 217 14.78 13.29 -34.66
C GLU K 217 15.91 14.30 -34.49
N LEU K 218 15.75 15.23 -33.55
CA LEU K 218 16.81 16.19 -33.27
C LEU K 218 18.07 15.49 -32.78
N ILE K 219 17.90 14.48 -31.92
CA ILE K 219 19.05 13.71 -31.47
C ILE K 219 19.84 13.19 -32.65
N GLN K 220 19.19 12.34 -33.46
CA GLN K 220 19.88 11.68 -34.57
C GLN K 220 20.36 12.64 -35.63
N LYS K 221 19.75 13.83 -35.73
CA LYS K 221 20.17 14.75 -36.78
C LYS K 221 21.32 15.65 -36.35
N LYS K 222 21.29 16.16 -35.12
CA LYS K 222 22.29 17.13 -34.69
C LYS K 222 23.10 16.66 -33.51
N LEU K 223 22.47 16.09 -32.48
CA LEU K 223 23.19 15.81 -31.25
C LEU K 223 24.30 14.80 -31.50
N LEU K 224 23.93 13.58 -31.86
CA LEU K 224 24.95 12.63 -32.29
C LEU K 224 25.55 13.02 -33.62
N GLY K 225 24.84 13.83 -34.40
CA GLY K 225 25.39 14.35 -35.64
C GLY K 225 26.46 15.39 -35.45
N CYS K 226 26.52 16.01 -34.27
CA CYS K 226 27.54 16.99 -33.92
C CYS K 226 27.51 18.20 -34.87
N ASP K 227 26.40 18.92 -34.83
CA ASP K 227 26.18 20.08 -35.68
C ASP K 227 25.81 21.29 -34.82
N PHE K 228 26.58 21.51 -33.76
CA PHE K 228 26.25 22.53 -32.78
C PHE K 228 27.52 22.93 -32.03
N ASP K 229 27.34 23.83 -31.07
CA ASP K 229 28.36 24.14 -30.08
C ASP K 229 27.81 24.19 -28.67
N VAL K 230 26.52 24.41 -28.48
CA VAL K 230 25.91 24.58 -27.17
C VAL K 230 24.55 23.90 -27.18
N VAL K 231 24.34 22.97 -26.26
CA VAL K 231 23.05 22.30 -26.13
C VAL K 231 22.30 22.94 -24.98
N ILE K 232 20.97 23.02 -25.13
CA ILE K 232 20.10 23.53 -24.09
C ILE K 232 19.03 22.49 -23.82
N ALA K 233 18.84 22.16 -22.55
CA ALA K 233 17.85 21.15 -22.17
C ALA K 233 17.10 21.66 -20.95
N SER K 234 16.36 20.76 -20.32
CA SER K 234 15.62 21.08 -19.11
C SER K 234 15.92 20.03 -18.06
N TYR K 235 15.58 20.34 -16.81
CA TYR K 235 15.77 19.37 -15.74
C TYR K 235 15.11 18.04 -16.08
N GLU K 236 13.93 18.09 -16.68
CA GLU K 236 13.22 16.85 -16.99
C GLU K 236 13.87 16.14 -18.17
N ILE K 237 14.31 16.89 -19.17
CA ILE K 237 14.87 16.27 -20.36
C ILE K 237 16.19 15.59 -20.04
N ILE K 238 17.00 16.19 -19.17
CA ILE K 238 18.25 15.56 -18.77
C ILE K 238 17.99 14.17 -18.23
N ILE K 239 16.98 14.03 -17.37
CA ILE K 239 16.61 12.71 -16.91
C ILE K 239 16.08 11.88 -18.07
N ARG K 240 15.37 12.51 -19.00
CA ARG K 240 14.78 11.78 -20.11
C ARG K 240 15.85 11.38 -21.12
N GLU K 241 16.53 12.37 -21.70
CA GLU K 241 17.50 12.11 -22.76
C GLU K 241 18.91 12.08 -22.18
N LYS K 242 19.12 11.11 -21.31
CA LYS K 242 20.45 11.00 -20.70
C LYS K 242 21.36 10.08 -21.48
N SER K 243 20.83 9.01 -22.07
CA SER K 243 21.68 8.04 -22.74
C SER K 243 22.46 8.64 -23.90
N PRO K 244 21.86 9.40 -24.82
CA PRO K 244 22.70 10.11 -25.80
C PRO K 244 23.66 11.12 -25.18
N LEU K 245 23.23 11.82 -24.13
CA LEU K 245 24.08 12.87 -23.57
C LEU K 245 25.26 12.32 -22.80
N LYS K 246 25.21 11.04 -22.40
CA LYS K 246 26.39 10.39 -21.87
C LYS K 246 27.51 10.39 -22.90
N LYS K 247 27.16 10.13 -24.15
CA LYS K 247 28.14 9.89 -25.19
C LYS K 247 28.64 11.17 -25.82
N ILE K 248 28.99 12.15 -25.00
CA ILE K 248 29.78 13.30 -25.43
C ILE K 248 30.71 13.71 -24.30
N ASN K 249 31.99 13.85 -24.61
CA ASN K 249 32.91 14.49 -23.68
C ASN K 249 32.48 15.94 -23.50
N TRP K 250 31.96 16.26 -22.33
CA TRP K 250 31.41 17.59 -22.06
C TRP K 250 32.50 18.48 -21.50
N GLU K 251 32.78 19.58 -22.20
CA GLU K 251 33.79 20.52 -21.70
C GLU K 251 33.38 21.09 -20.35
N TYR K 252 32.24 21.77 -20.30
CA TYR K 252 31.54 22.08 -19.06
C TYR K 252 30.14 21.52 -19.08
N ILE K 253 29.47 21.61 -17.94
CA ILE K 253 28.04 21.33 -17.83
C ILE K 253 27.45 22.52 -17.07
N ILE K 254 27.00 23.53 -17.81
CA ILE K 254 26.42 24.70 -17.19
C ILE K 254 25.10 24.33 -16.54
N ILE K 255 24.75 25.03 -15.48
CA ILE K 255 23.44 24.87 -14.85
C ILE K 255 22.90 26.23 -14.47
N ASP K 256 21.66 26.51 -14.83
CA ASP K 256 20.98 27.74 -14.44
C ASP K 256 20.57 27.53 -12.99
N GLU K 257 19.60 28.29 -12.45
CA GLU K 257 19.44 28.37 -11.00
C GLU K 257 19.61 27.00 -10.36
N ALA K 258 20.65 26.88 -9.53
CA ALA K 258 21.24 25.59 -9.22
C ALA K 258 20.76 25.00 -7.92
N HIS K 259 20.19 25.81 -7.02
CA HIS K 259 19.68 25.30 -5.75
C HIS K 259 18.76 24.12 -5.94
N ARG K 260 18.27 23.91 -7.15
CA ARG K 260 17.59 22.66 -7.48
C ARG K 260 18.48 21.47 -7.17
N ILE K 261 19.79 21.64 -7.26
CA ILE K 261 20.70 20.52 -7.08
C ILE K 261 21.22 20.49 -5.65
N LYS K 262 20.61 21.30 -4.77
CA LYS K 262 21.08 21.39 -3.39
C LYS K 262 21.01 20.05 -2.68
N ASN K 263 20.16 19.14 -3.12
CA ASN K 263 20.13 17.80 -2.59
C ASN K 263 20.95 16.90 -3.50
N GLU K 264 21.86 16.13 -2.91
CA GLU K 264 22.73 15.25 -3.67
C GLU K 264 22.17 13.83 -3.78
N GLU K 265 21.05 13.54 -3.13
CA GLU K 265 20.33 12.31 -3.38
C GLU K 265 19.22 12.48 -4.39
N SER K 266 19.02 13.69 -4.91
CA SER K 266 17.99 13.90 -5.92
C SER K 266 18.36 13.18 -7.20
N MET K 267 17.34 12.67 -7.88
CA MET K 267 17.56 11.89 -9.08
C MET K 267 18.38 12.66 -10.09
N LEU K 268 18.13 13.97 -10.21
CA LEU K 268 18.91 14.80 -11.11
C LEU K 268 20.38 14.81 -10.69
N SER K 269 20.66 14.92 -9.39
CA SER K 269 22.04 14.90 -8.94
C SER K 269 22.70 13.57 -9.22
N GLN K 270 21.99 12.46 -8.99
CA GLN K 270 22.55 11.15 -9.27
C GLN K 270 22.89 11.01 -10.74
N VAL K 271 21.94 11.36 -11.61
CA VAL K 271 22.18 11.22 -13.04
C VAL K 271 23.30 12.15 -13.50
N LEU K 272 23.32 13.37 -12.97
CA LEU K 272 24.30 14.35 -13.42
C LEU K 272 25.60 14.15 -12.64
N ARG K 273 26.04 12.91 -12.57
CA ARG K 273 27.34 12.55 -12.03
C ARG K 273 28.08 11.56 -12.89
N GLU K 274 27.37 10.77 -13.71
CA GLU K 274 27.99 9.91 -14.70
C GLU K 274 28.38 10.67 -15.95
N PHE K 275 28.02 11.94 -16.05
CA PHE K 275 28.38 12.77 -17.20
C PHE K 275 29.86 13.06 -17.13
N THR K 276 30.63 12.39 -17.99
CA THR K 276 32.05 12.68 -18.08
C THR K 276 32.24 14.13 -18.51
N SER K 277 32.99 14.88 -17.71
CA SER K 277 33.12 16.30 -17.97
C SER K 277 34.43 16.82 -17.40
N ARG K 278 34.90 17.92 -17.98
CA ARG K 278 36.14 18.55 -17.52
C ARG K 278 35.92 19.39 -16.27
N ASN K 279 35.05 20.40 -16.36
CA ASN K 279 34.68 21.19 -15.20
C ASN K 279 33.18 21.47 -15.27
N ARG K 280 32.70 22.28 -14.34
CA ARG K 280 31.28 22.55 -14.23
C ARG K 280 31.06 23.98 -13.73
N LEU K 281 29.87 24.49 -13.97
CA LEU K 281 29.47 25.81 -13.50
C LEU K 281 28.08 25.71 -12.90
N LEU K 282 27.81 26.54 -11.90
CA LEU K 282 26.58 26.46 -11.12
C LEU K 282 25.96 27.83 -10.92
N ILE K 283 25.73 28.56 -12.01
CA ILE K 283 24.94 29.79 -11.96
C ILE K 283 23.72 29.55 -11.10
N THR K 284 23.48 30.44 -10.13
CA THR K 284 22.37 30.27 -9.20
C THR K 284 21.92 31.64 -8.74
N GLY K 285 21.07 31.65 -7.71
CA GLY K 285 20.69 32.87 -7.04
C GLY K 285 21.40 32.93 -5.71
N THR K 286 20.71 32.57 -4.64
CA THR K 286 21.33 32.46 -3.34
C THR K 286 21.44 31.00 -2.93
N PRO K 287 22.65 30.50 -2.66
CA PRO K 287 22.77 29.16 -2.11
C PRO K 287 22.55 29.17 -0.61
N LEU K 288 22.65 28.01 0.03
CA LEU K 288 22.49 27.88 1.48
C LEU K 288 21.16 28.52 1.89
N GLN K 289 20.09 27.83 1.53
CA GLN K 289 18.77 28.38 1.80
C GLN K 289 18.23 27.95 3.16
N ASN K 290 18.46 26.71 3.56
CA ASN K 290 17.93 26.26 4.84
C ASN K 290 18.88 25.34 5.60
N ASN K 291 20.17 25.32 5.27
CA ASN K 291 21.07 24.37 5.90
C ASN K 291 22.49 24.67 5.46
N LEU K 292 23.44 23.95 6.05
CA LEU K 292 24.85 24.02 5.68
C LEU K 292 25.30 22.80 4.89
N HIS K 293 24.82 21.61 5.27
CA HIS K 293 25.05 20.40 4.50
C HIS K 293 24.63 20.59 3.05
N GLU K 294 23.56 21.34 2.83
CA GLU K 294 23.16 21.73 1.49
C GLU K 294 24.30 22.39 0.75
N LEU K 295 24.94 23.38 1.37
CA LEU K 295 26.06 24.04 0.72
C LEU K 295 27.20 23.06 0.49
N TRP K 296 27.39 22.12 1.41
CA TRP K 296 28.46 21.15 1.19
C TRP K 296 28.21 20.35 -0.08
N ALA K 297 26.98 19.87 -0.26
CA ALA K 297 26.69 19.08 -1.46
C ALA K 297 26.78 19.93 -2.72
N LEU K 298 26.31 21.18 -2.64
CA LEU K 298 26.43 22.08 -3.76
C LEU K 298 27.89 22.28 -4.16
N LEU K 299 28.78 22.38 -3.18
CA LEU K 299 30.21 22.42 -3.48
C LEU K 299 30.69 21.09 -4.04
N ASN K 300 30.23 19.99 -3.44
CA ASN K 300 30.67 18.66 -3.83
C ASN K 300 30.43 18.41 -5.31
N PHE K 301 29.40 19.04 -5.87
CA PHE K 301 29.15 18.86 -7.30
C PHE K 301 30.33 19.34 -8.13
N LEU K 302 30.82 20.55 -7.88
CA LEU K 302 31.84 21.12 -8.75
C LEU K 302 33.17 20.38 -8.62
N LEU K 303 33.63 20.15 -7.39
CA LEU K 303 34.97 19.62 -7.12
C LEU K 303 34.83 18.42 -6.21
N PRO K 304 34.43 17.27 -6.74
CA PRO K 304 34.26 16.10 -5.88
C PRO K 304 35.54 15.63 -5.22
N ASP K 305 36.69 15.77 -5.88
CA ASP K 305 37.94 15.25 -5.34
C ASP K 305 38.40 15.97 -4.09
N ILE K 306 37.84 17.13 -3.78
CA ILE K 306 38.19 17.85 -2.56
C ILE K 306 37.17 17.52 -1.47
N PHE K 307 35.91 17.88 -1.71
CA PHE K 307 34.84 17.61 -0.75
C PHE K 307 34.28 16.21 -0.94
N SER K 308 35.17 15.23 -0.98
CA SER K 308 34.74 13.86 -1.20
C SER K 308 34.13 13.23 0.04
N ASP K 309 34.40 13.78 1.22
CA ASP K 309 33.94 13.22 2.48
C ASP K 309 32.90 14.14 3.10
N ALA K 310 31.74 13.58 3.42
CA ALA K 310 30.70 14.35 4.08
C ALA K 310 31.12 14.76 5.48
N GLN K 311 31.58 13.78 6.27
CA GLN K 311 31.89 14.04 7.67
C GLN K 311 33.01 15.06 7.82
N ASP K 312 33.91 15.18 6.84
CA ASP K 312 34.97 16.16 6.93
C ASP K 312 34.40 17.56 7.04
N PHE K 313 33.53 17.95 6.11
CA PHE K 313 32.87 19.24 6.20
C PHE K 313 31.90 19.29 7.36
N ASP K 314 31.24 18.17 7.67
CA ASP K 314 30.25 18.11 8.72
C ASP K 314 30.85 18.23 10.11
N ASP K 315 32.17 18.10 10.24
CA ASP K 315 32.80 18.13 11.55
C ASP K 315 33.97 19.10 11.68
N TRP K 316 34.51 19.62 10.57
CA TRP K 316 35.64 20.52 10.73
C TRP K 316 35.20 21.89 11.21
N PHE K 317 34.35 22.58 10.44
CA PHE K 317 33.79 23.83 10.94
C PHE K 317 32.27 23.85 10.80
N SER K 318 31.65 22.69 10.67
CA SER K 318 30.21 22.55 10.80
C SER K 318 29.81 22.50 12.26
N SER K 319 28.59 22.03 12.53
CA SER K 319 28.12 21.92 13.91
C SER K 319 29.03 21.04 14.74
N GLU K 320 29.53 21.60 15.85
CA GLU K 320 30.21 20.87 16.90
C GLU K 320 29.77 21.44 18.24
N SER K 321 30.36 20.93 19.33
CA SER K 321 30.21 21.54 20.65
C SER K 321 31.58 21.53 21.31
N THR K 322 32.38 22.57 21.03
CA THR K 322 33.75 22.62 21.55
C THR K 322 33.98 23.79 22.49
N GLU K 323 33.78 25.03 22.05
CA GLU K 323 34.23 26.20 22.81
C GLU K 323 33.64 27.44 22.15
N GLU K 324 34.15 28.60 22.56
CA GLU K 324 33.97 29.91 21.93
C GLU K 324 34.51 29.92 20.49
N ASP K 325 35.07 28.78 20.06
CA ASP K 325 35.54 28.56 18.70
C ASP K 325 34.49 28.98 17.67
N GLN K 326 33.22 28.74 18.01
CA GLN K 326 32.08 29.03 17.14
C GLN K 326 32.24 30.34 16.37
N ASP K 327 32.69 31.38 17.05
CA ASP K 327 32.95 32.66 16.41
C ASP K 327 34.39 33.11 16.56
N LYS K 328 35.20 32.41 17.35
CA LYS K 328 36.61 32.77 17.43
C LYS K 328 37.40 32.30 16.21
N ILE K 329 37.12 31.09 15.72
CA ILE K 329 37.93 30.54 14.63
C ILE K 329 37.09 30.09 13.46
N VAL K 330 36.12 29.18 13.70
CA VAL K 330 35.41 28.56 12.59
C VAL K 330 34.64 29.61 11.79
N LYS K 331 34.10 30.62 12.49
CA LYS K 331 33.46 31.72 11.79
C LYS K 331 34.46 32.41 10.86
N GLN K 332 35.64 32.71 11.37
CA GLN K 332 36.68 33.33 10.55
C GLN K 332 37.11 32.43 9.41
N LEU K 333 36.87 31.12 9.53
CA LEU K 333 37.29 30.20 8.50
C LEU K 333 36.32 30.22 7.31
N HIS K 334 36.03 31.42 6.80
CA HIS K 334 35.45 31.50 5.47
C HIS K 334 36.49 31.29 4.40
N THR K 335 37.77 31.44 4.75
CA THR K 335 38.86 31.39 3.80
C THR K 335 38.79 30.16 2.90
N VAL K 336 38.06 29.14 3.34
CA VAL K 336 37.81 27.98 2.48
C VAL K 336 36.88 28.33 1.32
N LEU K 337 35.94 29.28 1.50
CA LEU K 337 35.01 29.55 0.42
C LEU K 337 35.49 30.59 -0.59
N GLN K 338 35.92 31.77 -0.12
CA GLN K 338 36.22 32.90 -1.01
C GLN K 338 36.98 32.52 -2.27
N PRO K 339 37.91 31.56 -2.22
CA PRO K 339 38.49 31.04 -3.46
C PRO K 339 37.47 30.79 -4.57
N PHE K 340 36.45 29.98 -4.30
CA PHE K 340 35.49 29.60 -5.35
C PHE K 340 34.06 29.84 -4.88
N LEU K 341 33.60 31.08 -5.00
CA LEU K 341 32.20 31.48 -4.88
C LEU K 341 32.11 32.97 -5.13
N LEU K 342 30.98 33.45 -5.63
CA LEU K 342 30.87 34.86 -5.93
C LEU K 342 29.42 35.30 -5.82
N ARG K 343 29.22 36.54 -5.41
CA ARG K 343 27.91 37.18 -5.44
C ARG K 343 28.10 38.67 -5.29
N ARG K 344 27.37 39.44 -6.09
CA ARG K 344 27.49 40.89 -6.11
C ARG K 344 26.19 41.49 -5.62
N ILE K 345 26.24 42.09 -4.43
CA ILE K 345 25.02 42.55 -3.77
C ILE K 345 24.33 43.61 -4.61
N LYS K 346 23.13 43.30 -5.09
CA LYS K 346 22.37 44.27 -5.86
C LYS K 346 21.93 45.46 -5.04
N SER K 347 22.06 45.38 -3.71
CA SER K 347 21.71 46.51 -2.88
C SER K 347 22.50 47.75 -3.29
N ASP K 348 23.80 47.59 -3.49
CA ASP K 348 24.65 48.68 -3.98
C ASP K 348 25.51 48.17 -5.15
N VAL K 349 24.94 48.28 -6.35
CA VAL K 349 25.65 47.98 -7.57
C VAL K 349 24.64 48.40 -8.57
N GLU K 350 23.53 48.95 -8.11
CA GLU K 350 22.45 49.32 -8.99
C GLU K 350 21.71 50.48 -8.43
N THR K 351 21.06 50.28 -7.31
CA THR K 351 20.33 51.35 -6.65
C THR K 351 19.18 51.96 -7.39
N SER K 352 17.97 51.76 -6.88
CA SER K 352 16.79 52.33 -7.47
C SER K 352 15.68 51.70 -6.71
N LEU K 353 15.83 50.43 -6.48
CA LEU K 353 14.86 49.81 -5.72
C LEU K 353 15.10 50.49 -4.43
N LEU K 354 14.15 51.25 -3.92
CA LEU K 354 14.32 51.78 -2.61
C LEU K 354 14.26 50.53 -1.86
N PRO K 355 14.82 50.47 -0.69
CA PRO K 355 14.89 49.17 -0.01
C PRO K 355 13.55 48.49 0.26
N LYS K 356 13.35 47.93 1.43
CA LYS K 356 12.08 47.28 1.67
C LYS K 356 11.45 47.80 2.95
N LYS K 357 10.28 47.25 3.30
CA LYS K 357 9.53 47.71 4.47
C LYS K 357 8.81 46.51 5.07
N GLU K 358 9.34 45.97 6.15
CA GLU K 358 8.82 44.76 6.76
C GLU K 358 8.01 45.16 7.98
N LEU K 359 6.74 44.73 8.02
CA LEU K 359 5.78 45.24 8.98
C LEU K 359 5.05 44.10 9.66
N ASN K 360 5.79 43.14 10.21
CA ASN K 360 5.20 41.99 10.88
C ASN K 360 4.13 42.41 11.87
N LEU K 361 2.98 41.76 11.81
CA LEU K 361 1.82 42.07 12.64
C LEU K 361 1.46 40.85 13.47
N TYR K 362 1.66 40.93 14.77
CA TYR K 362 1.31 39.84 15.66
C TYR K 362 -0.18 39.93 15.98
N VAL K 363 -0.92 38.87 15.66
CA VAL K 363 -2.36 38.88 15.78
C VAL K 363 -2.79 37.82 16.77
N GLY K 364 -3.80 38.13 17.58
CA GLY K 364 -4.30 37.20 18.55
C GLY K 364 -5.48 36.41 18.03
N MET K 365 -5.60 35.18 18.50
CA MET K 365 -6.62 34.26 18.04
C MET K 365 -7.99 34.73 18.51
N SER K 366 -9.02 34.39 17.74
CA SER K 366 -10.38 34.72 18.13
C SER K 366 -11.06 33.47 18.70
N SER K 367 -12.31 33.66 19.14
CA SER K 367 -12.99 32.62 19.91
C SER K 367 -13.12 31.33 19.11
N MET K 368 -13.50 31.43 17.83
CA MET K 368 -13.56 30.24 17.01
C MET K 368 -12.19 29.60 16.89
N GLN K 369 -11.14 30.42 16.69
CA GLN K 369 -9.80 29.88 16.71
C GLN K 369 -9.48 29.23 18.05
N LYS K 370 -9.86 29.86 19.15
CA LYS K 370 -9.55 29.30 20.46
C LYS K 370 -10.13 27.90 20.58
N LYS K 371 -11.44 27.77 20.34
CA LYS K 371 -12.09 26.48 20.53
C LYS K 371 -11.57 25.46 19.54
N TRP K 372 -11.32 25.86 18.30
CA TRP K 372 -10.82 24.91 17.32
C TRP K 372 -9.41 24.45 17.66
N TYR K 373 -8.55 25.39 18.02
CA TYR K 373 -7.16 25.09 18.28
C TYR K 373 -7.05 24.14 19.47
N LYS K 374 -7.86 24.38 20.51
CA LYS K 374 -7.94 23.42 21.60
C LYS K 374 -8.48 22.08 21.12
N LYS K 375 -9.42 22.08 20.19
CA LYS K 375 -9.96 20.82 19.70
C LYS K 375 -8.87 19.98 19.03
N ILE K 376 -8.05 20.61 18.20
CA ILE K 376 -6.92 19.87 17.64
C ILE K 376 -5.97 19.42 18.75
N LEU K 377 -5.68 20.30 19.70
CA LEU K 377 -4.74 19.92 20.75
C LEU K 377 -5.22 18.68 21.51
N GLU K 378 -6.51 18.61 21.83
CA GLU K 378 -7.11 17.42 22.39
C GLU K 378 -8.25 16.99 21.49
N LYS K 379 -7.91 16.26 20.43
CA LYS K 379 -8.90 15.66 19.54
C LYS K 379 -9.88 14.79 20.31
N ARG K 396 -10.15 12.64 9.76
CA ARG K 396 -8.85 12.72 9.12
C ARG K 396 -8.08 13.94 9.57
N LEU K 397 -7.16 13.74 10.51
CA LEU K 397 -6.36 14.84 11.03
C LEU K 397 -4.99 14.27 11.40
N LEU K 398 -4.04 14.39 10.48
CA LEU K 398 -2.65 14.08 10.74
C LEU K 398 -1.86 15.38 10.73
N ASN K 399 -0.56 15.26 10.98
CA ASN K 399 0.35 16.40 10.92
C ASN K 399 -0.22 17.59 11.68
N ILE K 400 -0.36 17.39 12.99
CA ILE K 400 -1.01 18.38 13.83
C ILE K 400 -0.41 19.76 13.62
N MET K 401 0.87 19.82 13.30
CA MET K 401 1.51 21.10 13.03
C MET K 401 0.94 21.77 11.79
N MET K 402 0.61 21.00 10.76
CA MET K 402 -0.04 21.60 9.60
C MET K 402 -1.44 22.07 9.93
N GLN K 403 -2.17 21.28 10.73
CA GLN K 403 -3.52 21.67 11.12
C GLN K 403 -3.51 22.96 11.91
N LEU K 404 -2.55 23.11 12.82
CA LEU K 404 -2.47 24.32 13.61
C LEU K 404 -2.22 25.54 12.74
N ARG K 405 -1.47 25.37 11.64
CA ARG K 405 -1.32 26.47 10.70
C ARG K 405 -2.63 26.83 10.04
N LYS K 406 -3.43 25.83 9.68
CA LYS K 406 -4.74 26.10 9.08
C LYS K 406 -5.60 26.94 10.01
N CYS K 407 -5.68 26.54 11.27
CA CYS K 407 -6.50 27.26 12.23
C CYS K 407 -5.98 28.68 12.45
N CYS K 408 -4.68 28.89 12.30
CA CYS K 408 -4.13 30.23 12.42
C CYS K 408 -4.39 31.09 11.19
N ASN K 409 -4.90 30.50 10.12
CA ASN K 409 -5.22 31.25 8.91
C ASN K 409 -6.71 31.54 8.81
N HIS K 410 -7.52 30.50 8.79
CA HIS K 410 -8.97 30.65 8.78
C HIS K 410 -9.63 29.33 9.18
N PRO K 411 -10.47 29.33 10.21
CA PRO K 411 -11.11 28.07 10.61
C PRO K 411 -12.01 27.49 9.56
N TYR K 412 -12.46 28.31 8.60
CA TYR K 412 -13.32 27.81 7.54
C TYR K 412 -12.62 26.77 6.68
N LEU K 413 -11.28 26.70 6.76
CA LEU K 413 -10.57 25.62 6.08
C LEU K 413 -11.01 24.27 6.61
N PHE K 414 -11.23 24.17 7.91
CA PHE K 414 -11.78 22.94 8.46
C PHE K 414 -13.22 22.78 7.98
N ASP K 415 -13.54 21.56 7.53
CA ASP K 415 -14.87 21.30 7.01
C ASP K 415 -15.91 21.36 8.10
N GLY K 416 -17.08 21.90 7.76
CA GLY K 416 -18.15 21.99 8.73
C GLY K 416 -17.92 22.98 9.84
N ALA K 417 -16.99 23.91 9.66
CA ALA K 417 -16.75 24.91 10.69
C ALA K 417 -17.72 26.08 10.58
N GLU K 418 -17.89 26.64 9.40
CA GLU K 418 -18.71 27.83 9.25
C GLU K 418 -20.18 27.50 9.53
N PRO K 419 -20.95 28.47 10.00
CA PRO K 419 -22.39 28.25 10.17
C PRO K 419 -23.05 27.98 8.83
N GLY K 420 -24.05 27.11 8.85
CA GLY K 420 -24.73 26.70 7.64
C GLY K 420 -24.74 25.20 7.50
N PRO K 421 -25.39 24.68 6.45
CA PRO K 421 -26.12 25.38 5.39
C PRO K 421 -27.43 26.01 5.90
N PRO K 422 -27.98 26.98 5.17
CA PRO K 422 -27.49 27.55 3.91
C PRO K 422 -26.24 28.41 4.10
N TYR K 423 -25.42 28.48 3.06
CA TYR K 423 -24.15 29.18 3.12
C TYR K 423 -24.28 30.57 2.54
N THR K 424 -23.82 31.56 3.28
CA THR K 424 -23.86 32.95 2.87
C THR K 424 -22.42 33.47 2.76
N THR K 425 -22.29 34.78 2.52
CA THR K 425 -20.97 35.35 2.33
C THR K 425 -20.86 36.69 3.06
N ASP K 426 -21.73 36.94 4.03
CA ASP K 426 -21.75 38.21 4.74
C ASP K 426 -20.58 38.28 5.71
N GLU K 427 -20.59 39.26 6.60
CA GLU K 427 -19.47 39.51 7.51
C GLU K 427 -19.23 38.36 8.47
N HIS K 428 -20.06 37.32 8.41
CA HIS K 428 -19.76 36.11 9.17
C HIS K 428 -18.53 35.40 8.65
N LEU K 429 -18.02 35.80 7.49
CA LEU K 429 -16.76 35.27 6.98
C LEU K 429 -15.58 35.89 7.71
N VAL K 430 -15.44 37.22 7.62
CA VAL K 430 -14.39 37.92 8.34
C VAL K 430 -14.54 37.75 9.83
N TYR K 431 -15.76 37.48 10.30
CA TYR K 431 -16.09 37.51 11.71
C TYR K 431 -15.37 36.45 12.55
N ASN K 432 -14.78 35.43 11.90
CA ASN K 432 -14.19 34.32 12.64
C ASN K 432 -12.70 34.10 12.40
N ALA K 433 -12.04 35.01 11.69
CA ALA K 433 -10.62 34.84 11.38
C ALA K 433 -9.90 36.14 11.72
N ALA K 434 -9.00 36.08 12.70
CA ALA K 434 -8.35 37.30 13.18
C ALA K 434 -7.48 37.92 12.10
N LYS K 435 -6.61 37.10 11.48
CA LYS K 435 -5.80 37.62 10.39
C LYS K 435 -6.68 38.25 9.32
N LEU K 436 -7.81 37.63 9.02
CA LEU K 436 -8.68 38.17 7.99
C LEU K 436 -9.31 39.48 8.44
N GLN K 437 -9.60 39.65 9.73
CA GLN K 437 -10.10 40.93 10.21
C GLN K 437 -9.06 42.02 10.02
N VAL K 438 -7.83 41.76 10.46
CA VAL K 438 -6.77 42.75 10.29
C VAL K 438 -6.53 43.02 8.81
N LEU K 439 -6.62 41.97 8.00
CA LEU K 439 -6.44 42.10 6.57
C LEU K 439 -7.53 42.96 5.95
N ASP K 440 -8.77 42.79 6.40
CA ASP K 440 -9.86 43.63 5.91
C ASP K 440 -9.59 45.08 6.23
N LYS K 441 -9.22 45.37 7.47
CA LYS K 441 -8.96 46.75 7.86
C LYS K 441 -7.83 47.33 7.02
N LEU K 442 -6.75 46.57 6.87
CA LEU K 442 -5.59 47.08 6.16
C LEU K 442 -5.86 47.23 4.67
N LEU K 443 -6.66 46.32 4.11
CA LEU K 443 -7.04 46.42 2.71
C LEU K 443 -7.88 47.66 2.47
N LYS K 444 -8.80 47.96 3.39
CA LYS K 444 -9.58 49.19 3.27
C LYS K 444 -8.66 50.41 3.34
N LYS K 445 -7.72 50.41 4.28
CA LYS K 445 -6.82 51.56 4.38
C LYS K 445 -5.98 51.73 3.13
N LEU K 446 -5.45 50.63 2.59
CA LEU K 446 -4.66 50.72 1.36
C LEU K 446 -5.52 51.20 0.20
N LYS K 447 -6.74 50.70 0.11
CA LYS K 447 -7.61 51.08 -1.01
C LYS K 447 -7.94 52.56 -0.97
N GLU K 448 -8.21 53.10 0.22
CA GLU K 448 -8.45 54.54 0.28
C GLU K 448 -7.17 55.31 -0.05
N GLU K 449 -6.01 54.76 0.31
CA GLU K 449 -4.76 55.32 -0.21
C GLU K 449 -4.60 55.02 -1.69
N GLY K 450 -5.04 53.84 -2.12
CA GLY K 450 -4.98 53.49 -3.53
C GLY K 450 -3.73 52.74 -3.92
N SER K 451 -3.36 51.72 -3.16
CA SER K 451 -2.22 50.86 -3.48
C SER K 451 -2.74 49.46 -3.79
N ARG K 452 -2.73 49.10 -5.07
CA ARG K 452 -3.12 47.76 -5.49
C ARG K 452 -2.14 46.75 -4.92
N VAL K 453 -2.65 45.60 -4.50
CA VAL K 453 -1.91 44.71 -3.60
C VAL K 453 -1.81 43.32 -4.18
N LEU K 454 -0.71 42.65 -3.84
CA LEU K 454 -0.49 41.24 -4.11
C LEU K 454 -0.58 40.48 -2.80
N ILE K 455 -1.43 39.46 -2.75
CA ILE K 455 -1.48 38.56 -1.61
C ILE K 455 -0.74 37.31 -2.00
N PHE K 456 0.26 36.93 -1.21
CA PHE K 456 1.03 35.72 -1.46
C PHE K 456 0.67 34.73 -0.36
N SER K 457 -0.40 33.99 -0.56
CA SER K 457 -0.80 33.01 0.42
C SER K 457 0.12 31.81 0.31
N GLN K 458 -0.16 30.78 1.10
CA GLN K 458 0.56 29.53 0.99
C GLN K 458 -0.34 28.33 0.80
N MET K 459 -1.64 28.50 0.87
CA MET K 459 -2.56 27.42 0.56
C MET K 459 -3.59 27.94 -0.43
N SER K 460 -3.78 27.20 -1.52
CA SER K 460 -4.71 27.64 -2.54
C SER K 460 -6.15 27.65 -2.03
N ARG K 461 -6.46 26.78 -1.08
CA ARG K 461 -7.78 26.81 -0.46
C ARG K 461 -7.99 28.14 0.26
N LEU K 462 -6.98 28.59 0.98
CA LEU K 462 -7.00 29.93 1.55
C LEU K 462 -7.22 30.98 0.47
N LEU K 463 -6.67 30.75 -0.73
CA LEU K 463 -6.96 31.65 -1.83
C LEU K 463 -8.43 31.58 -2.22
N ASP K 464 -9.06 30.42 -2.09
CA ASP K 464 -10.50 30.34 -2.38
C ASP K 464 -11.29 31.21 -1.41
N ILE K 465 -11.03 31.06 -0.11
CA ILE K 465 -11.71 31.93 0.86
C ILE K 465 -11.40 33.39 0.60
N LEU K 466 -10.16 33.72 0.24
CA LEU K 466 -9.84 35.11 -0.05
C LEU K 466 -10.59 35.61 -1.28
N GLU K 467 -10.76 34.76 -2.28
CA GLU K 467 -11.55 35.14 -3.45
C GLU K 467 -12.98 35.44 -3.06
N ASP K 468 -13.58 34.58 -2.23
CA ASP K 468 -14.95 34.81 -1.80
C ASP K 468 -15.05 36.13 -1.04
N TYR K 469 -14.11 36.38 -0.14
CA TYR K 469 -14.12 37.63 0.61
C TYR K 469 -13.97 38.83 -0.30
N CYS K 470 -13.06 38.75 -1.27
CA CYS K 470 -12.84 39.86 -2.19
C CYS K 470 -14.07 40.14 -3.03
N TYR K 471 -14.69 39.10 -3.56
CA TYR K 471 -15.90 39.30 -4.35
C TYR K 471 -16.99 39.93 -3.50
N PHE K 472 -17.15 39.45 -2.27
CA PHE K 472 -18.14 40.05 -1.37
C PHE K 472 -17.84 41.50 -1.05
N ARG K 473 -16.58 41.92 -1.14
CA ARG K 473 -16.22 43.31 -0.89
C ARG K 473 -16.11 44.12 -2.18
N ASN K 474 -16.42 43.51 -3.33
CA ASN K 474 -16.50 44.20 -4.62
C ASN K 474 -15.16 44.75 -5.09
N TYR K 475 -14.06 44.08 -4.74
CA TYR K 475 -12.81 44.24 -5.47
C TYR K 475 -12.70 43.09 -6.46
N GLU K 476 -11.85 43.28 -7.47
CA GLU K 476 -11.64 42.27 -8.49
C GLU K 476 -10.16 41.94 -8.60
N TYR K 477 -9.86 40.76 -9.11
CA TYR K 477 -8.53 40.18 -8.97
C TYR K 477 -8.17 39.37 -10.20
N CYS K 478 -7.05 38.66 -10.09
CA CYS K 478 -6.66 37.61 -11.02
C CYS K 478 -5.86 36.60 -10.23
N ARG K 479 -6.30 35.34 -10.23
CA ARG K 479 -5.69 34.31 -9.41
C ARG K 479 -4.78 33.43 -10.25
N ILE K 480 -3.57 33.18 -9.74
CA ILE K 480 -2.61 32.28 -10.36
C ILE K 480 -2.09 31.31 -9.31
N ASP K 481 -2.16 30.02 -9.60
CA ASP K 481 -1.68 29.03 -8.67
C ASP K 481 -1.38 27.75 -9.44
N GLY K 482 -1.25 26.64 -8.73
CA GLY K 482 -0.91 25.38 -9.36
C GLY K 482 -2.04 24.79 -10.19
N SER K 483 -3.00 25.61 -10.59
CA SER K 483 -4.13 25.17 -11.40
C SER K 483 -4.16 25.83 -12.77
N THR K 484 -3.98 27.15 -12.83
CA THR K 484 -4.08 27.86 -14.09
C THR K 484 -3.03 27.38 -15.07
N ALA K 485 -3.46 27.08 -16.30
CA ALA K 485 -2.52 26.70 -17.34
C ALA K 485 -1.70 27.92 -17.77
N HIS K 486 -0.74 27.68 -18.66
CA HIS K 486 0.19 28.74 -19.05
C HIS K 486 -0.56 29.97 -19.55
N GLU K 487 -1.31 29.81 -20.64
CA GLU K 487 -1.98 30.95 -21.26
C GLU K 487 -2.81 31.73 -20.24
N ASP K 488 -3.45 31.01 -19.31
CA ASP K 488 -4.14 31.69 -18.22
C ASP K 488 -3.18 32.57 -17.44
N ARG K 489 -1.99 32.06 -17.14
CA ARG K 489 -1.04 32.84 -16.36
C ARG K 489 -0.60 34.08 -17.11
N ILE K 490 -0.28 33.94 -18.39
CA ILE K 490 0.16 35.11 -19.16
C ILE K 490 -0.95 36.14 -19.27
N GLN K 491 -2.17 35.71 -19.57
CA GLN K 491 -3.25 36.67 -19.72
C GLN K 491 -3.57 37.35 -18.40
N ALA K 492 -3.51 36.61 -17.28
CA ALA K 492 -3.76 37.21 -15.98
C ALA K 492 -2.69 38.25 -15.63
N ILE K 493 -1.43 37.93 -15.90
CA ILE K 493 -0.36 38.89 -15.65
C ILE K 493 -0.56 40.13 -16.51
N ASP K 494 -0.93 39.94 -17.78
CA ASP K 494 -1.15 41.08 -18.66
C ASP K 494 -2.32 41.93 -18.17
N ASP K 495 -3.40 41.29 -17.72
CA ASP K 495 -4.54 42.03 -17.22
C ASP K 495 -4.15 42.87 -16.02
N TYR K 496 -3.40 42.29 -15.09
CA TYR K 496 -2.96 43.07 -13.93
C TYR K 496 -2.05 44.21 -14.36
N ASN K 497 -1.16 43.96 -15.32
CA ASN K 497 -0.19 44.95 -15.75
C ASN K 497 -0.67 45.78 -16.92
N ALA K 498 -1.99 45.87 -17.12
CA ALA K 498 -2.50 46.83 -18.09
C ALA K 498 -2.21 48.25 -17.60
N PRO K 499 -1.88 49.18 -18.50
CA PRO K 499 -1.49 50.53 -18.04
C PRO K 499 -2.60 51.24 -17.29
N ASP K 500 -3.86 50.93 -17.59
CA ASP K 500 -5.01 51.40 -16.81
C ASP K 500 -5.84 50.16 -16.50
N SER K 501 -5.46 49.45 -15.44
CA SER K 501 -6.07 48.19 -15.07
C SER K 501 -6.82 48.35 -13.76
N LYS K 502 -8.08 47.90 -13.75
CA LYS K 502 -8.88 47.96 -12.54
C LYS K 502 -8.71 46.71 -11.69
N LYS K 503 -7.47 46.38 -11.40
CA LYS K 503 -7.12 45.20 -10.59
C LYS K 503 -6.56 45.70 -9.26
N PHE K 504 -7.37 45.59 -8.21
CA PHE K 504 -6.90 45.98 -6.88
C PHE K 504 -6.04 44.90 -6.28
N VAL K 505 -6.61 43.73 -6.04
CA VAL K 505 -5.90 42.63 -5.41
C VAL K 505 -5.53 41.63 -6.49
N PHE K 506 -4.50 40.84 -6.21
CA PHE K 506 -3.97 39.93 -7.21
C PHE K 506 -3.35 38.74 -6.48
N LEU K 507 -4.09 37.66 -6.34
CA LEU K 507 -3.68 36.56 -5.49
C LEU K 507 -2.69 35.65 -6.22
N LEU K 508 -1.86 34.97 -5.44
CA LEU K 508 -0.95 33.94 -5.93
C LEU K 508 -0.71 32.94 -4.81
N THR K 509 0.20 32.00 -5.05
CA THR K 509 0.79 31.20 -4.00
C THR K 509 2.27 31.55 -3.92
N THR K 510 2.81 31.49 -2.70
CA THR K 510 4.15 32.01 -2.48
C THR K 510 5.18 31.32 -3.37
N ARG K 511 5.17 29.99 -3.42
CA ARG K 511 6.16 29.25 -4.17
C ARG K 511 5.54 28.73 -5.46
N ALA K 512 5.31 29.65 -6.39
CA ALA K 512 4.66 29.30 -7.65
C ALA K 512 4.98 30.37 -8.68
N GLY K 513 4.72 30.04 -9.94
CA GLY K 513 4.95 30.96 -11.03
C GLY K 513 6.36 31.04 -11.54
N GLY K 514 7.26 30.21 -11.02
CA GLY K 514 8.63 30.26 -11.50
C GLY K 514 9.29 31.56 -11.11
N LEU K 515 9.91 32.23 -12.08
CA LEU K 515 10.62 33.46 -11.83
C LEU K 515 10.30 34.59 -12.80
N GLY K 516 9.85 34.29 -14.02
CA GLY K 516 9.58 35.33 -14.99
C GLY K 516 8.41 36.23 -14.64
N ILE K 517 7.63 35.87 -13.63
CA ILE K 517 6.53 36.72 -13.19
C ILE K 517 7.09 38.03 -12.68
N ASN K 518 6.70 39.13 -13.31
CA ASN K 518 7.20 40.45 -12.95
C ASN K 518 6.02 41.35 -12.64
N LEU K 519 5.91 41.78 -11.39
CA LEU K 519 4.78 42.58 -10.91
C LEU K 519 5.28 43.82 -10.20
N THR K 520 6.21 44.55 -10.83
CA THR K 520 6.70 45.79 -10.24
C THR K 520 5.64 46.88 -10.20
N SER K 521 4.57 46.75 -10.99
CA SER K 521 3.48 47.72 -10.90
C SER K 521 2.78 47.68 -9.56
N ALA K 522 2.93 46.59 -8.81
CA ALA K 522 2.32 46.48 -7.49
C ALA K 522 3.08 47.33 -6.48
N ASP K 523 2.45 47.50 -5.30
CA ASP K 523 3.00 48.38 -4.29
C ASP K 523 3.12 47.68 -2.94
N VAL K 524 2.26 46.70 -2.67
CA VAL K 524 2.21 46.06 -1.37
C VAL K 524 2.08 44.56 -1.55
N VAL K 525 2.83 43.80 -0.75
CA VAL K 525 2.79 42.34 -0.75
C VAL K 525 2.43 41.89 0.65
N VAL K 526 1.38 41.10 0.77
CA VAL K 526 0.91 40.65 2.08
C VAL K 526 1.19 39.16 2.17
N LEU K 527 2.29 38.78 2.80
CA LEU K 527 2.56 37.37 3.02
C LEU K 527 1.62 36.85 4.09
N TYR K 528 0.42 36.47 3.66
CA TYR K 528 -0.60 36.03 4.60
C TYR K 528 -0.09 34.92 5.49
N ASP K 529 0.84 34.10 5.00
CA ASP K 529 1.48 33.07 5.79
C ASP K 529 2.99 33.18 5.64
N SER K 530 3.71 32.79 6.69
CA SER K 530 5.16 32.71 6.62
C SER K 530 5.58 31.30 6.24
N ASP K 531 6.79 31.18 5.70
CA ASP K 531 7.28 29.94 5.14
C ASP K 531 8.48 29.42 5.93
N TRP K 532 8.68 28.10 5.83
CA TRP K 532 9.82 27.46 6.47
C TRP K 532 11.13 28.01 5.91
N ASN K 533 11.26 28.01 4.61
CA ASN K 533 12.48 28.48 3.99
C ASN K 533 12.42 29.99 3.86
N PRO K 534 13.29 30.75 4.51
CA PRO K 534 13.20 32.21 4.42
C PRO K 534 13.35 32.75 3.02
N GLN K 535 14.29 32.22 2.21
CA GLN K 535 14.42 32.72 0.85
C GLN K 535 13.24 32.37 -0.03
N ALA K 536 12.43 31.38 0.33
CA ALA K 536 11.18 31.20 -0.41
C ALA K 536 10.35 32.46 -0.35
N ASP K 537 10.12 32.97 0.86
CA ASP K 537 9.42 34.23 1.00
C ASP K 537 10.23 35.39 0.46
N LEU K 538 11.56 35.31 0.50
CA LEU K 538 12.37 36.40 -0.05
C LEU K 538 12.15 36.56 -1.55
N GLN K 539 12.18 35.45 -2.29
CA GLN K 539 11.88 35.51 -3.72
C GLN K 539 10.44 35.97 -3.94
N ALA K 540 9.52 35.45 -3.13
CA ALA K 540 8.13 35.88 -3.24
C ALA K 540 8.01 37.39 -3.11
N MET K 541 8.62 37.96 -2.08
CA MET K 541 8.50 39.38 -1.78
C MET K 541 9.43 40.22 -2.63
N ASP K 542 10.31 39.59 -3.41
CA ASP K 542 11.01 40.29 -4.48
C ASP K 542 10.31 40.16 -5.83
N ARG K 543 9.23 39.39 -5.91
CA ARG K 543 8.37 39.49 -7.07
C ARG K 543 7.91 40.92 -7.30
N ALA K 544 7.79 41.70 -6.22
CA ALA K 544 7.45 43.10 -6.31
C ALA K 544 8.65 44.02 -6.22
N HIS K 545 9.72 43.60 -5.56
CA HIS K 545 10.93 44.40 -5.40
C HIS K 545 11.92 44.20 -6.54
N ARG K 546 11.56 43.41 -7.55
CA ARG K 546 12.41 43.13 -8.67
C ARG K 546 12.80 44.42 -9.39
N ILE K 547 13.91 44.36 -10.13
CA ILE K 547 14.40 45.51 -10.88
C ILE K 547 13.27 46.08 -11.73
N GLY K 548 13.22 47.41 -11.80
CA GLY K 548 12.18 48.12 -12.51
C GLY K 548 11.11 48.70 -11.62
N GLN K 549 10.97 48.20 -10.40
CA GLN K 549 10.00 48.77 -9.47
C GLN K 549 10.39 50.20 -9.14
N LYS K 550 9.41 51.09 -9.20
CA LYS K 550 9.65 52.53 -9.13
C LYS K 550 9.50 53.09 -7.73
N LYS K 551 8.41 52.77 -7.03
CA LYS K 551 8.08 53.38 -5.76
C LYS K 551 8.32 52.39 -4.62
N GLN K 552 8.66 52.94 -3.46
CA GLN K 552 8.93 52.12 -2.29
C GLN K 552 7.74 51.23 -1.96
N VAL K 553 8.01 49.99 -1.63
CA VAL K 553 6.97 49.00 -1.38
C VAL K 553 6.98 48.60 0.08
N LYS K 554 5.83 48.13 0.56
CA LYS K 554 5.66 47.62 1.90
C LYS K 554 5.19 46.18 1.83
N VAL K 555 5.75 45.34 2.70
CA VAL K 555 5.46 43.91 2.68
C VAL K 555 5.06 43.48 4.09
N PHE K 556 3.78 43.16 4.27
CA PHE K 556 3.27 42.77 5.57
C PHE K 556 3.41 41.28 5.77
N ARG K 557 3.47 40.87 7.03
CA ARG K 557 3.59 39.46 7.38
C ARG K 557 2.70 39.22 8.59
N LEU K 558 1.47 38.80 8.35
CA LEU K 558 0.58 38.51 9.46
C LEU K 558 1.14 37.34 10.27
N VAL K 559 1.12 37.48 11.58
CA VAL K 559 1.61 36.46 12.50
C VAL K 559 0.55 36.23 13.56
N THR K 560 0.27 34.95 13.86
CA THR K 560 -0.66 34.60 14.92
C THR K 560 0.12 34.43 16.22
N ASP K 561 -0.01 35.41 17.12
CA ASP K 561 0.75 35.39 18.35
C ASP K 561 0.29 34.24 19.25
N ASN K 562 1.24 33.71 20.01
CA ASN K 562 0.99 32.63 20.96
C ASN K 562 0.45 31.39 20.25
N SER K 563 1.21 30.92 19.26
CA SER K 563 0.79 29.78 18.46
C SER K 563 2.01 29.23 17.73
N VAL K 564 1.77 28.32 16.79
CA VAL K 564 2.83 27.74 16.00
C VAL K 564 3.55 28.80 15.17
N GLU K 565 2.78 29.73 14.60
CA GLU K 565 3.35 30.70 13.68
C GLU K 565 4.52 31.45 14.30
N GLU K 566 4.49 31.68 15.62
CA GLU K 566 5.63 32.28 16.28
C GLU K 566 6.85 31.37 16.19
N LYS K 567 6.67 30.07 16.40
CA LYS K 567 7.78 29.13 16.28
C LYS K 567 8.33 29.12 14.87
N ILE K 568 7.43 29.10 13.88
CA ILE K 568 7.87 29.07 12.49
C ILE K 568 8.65 30.32 12.15
N LEU K 569 8.16 31.48 12.59
CA LEU K 569 8.86 32.73 12.34
C LEU K 569 10.23 32.73 13.01
N GLU K 570 10.30 32.22 14.23
CA GLU K 570 11.57 32.14 14.94
C GLU K 570 12.57 31.29 14.16
N ARG K 571 12.15 30.10 13.72
CA ARG K 571 13.08 29.23 13.01
C ARG K 571 13.49 29.84 11.67
N ALA K 572 12.55 30.44 10.96
CA ALA K 572 12.88 31.08 9.71
C ALA K 572 13.90 32.18 9.90
N THR K 573 13.77 32.94 10.99
CA THR K 573 14.75 33.99 11.27
C THR K 573 16.10 33.39 11.64
N GLN K 574 16.09 32.25 12.35
CA GLN K 574 17.33 31.52 12.59
C GLN K 574 18.05 31.27 11.28
N LYS K 575 17.34 30.69 10.32
CA LYS K 575 17.97 30.32 9.05
C LYS K 575 18.38 31.55 8.26
N LEU K 576 17.58 32.61 8.28
CA LEU K 576 17.94 33.82 7.54
C LEU K 576 19.21 34.45 8.11
N ARG K 577 19.30 34.54 9.44
CA ARG K 577 20.49 35.13 10.05
C ARG K 577 21.70 34.23 9.82
N LEU K 578 21.48 32.92 9.79
CA LEU K 578 22.55 31.98 9.42
C LEU K 578 23.06 32.28 8.02
N ASP K 579 22.16 32.45 7.07
CA ASP K 579 22.57 32.81 5.72
C ASP K 579 23.38 34.09 5.73
N GLN K 580 22.89 35.10 6.45
CA GLN K 580 23.59 36.38 6.47
C GLN K 580 25.01 36.21 6.99
N LEU K 581 25.15 35.56 8.14
CA LEU K 581 26.47 35.34 8.74
C LEU K 581 27.39 34.59 7.82
N VAL K 582 26.92 33.49 7.23
CA VAL K 582 27.80 32.62 6.48
C VAL K 582 28.23 33.26 5.16
N ILE K 583 27.29 33.86 4.44
CA ILE K 583 27.52 34.26 3.06
C ILE K 583 27.39 35.76 2.87
N GLN K 584 26.34 36.36 3.43
CA GLN K 584 26.05 37.75 3.10
C GLN K 584 27.12 38.70 3.64
N GLN K 585 27.90 38.28 4.64
CA GLN K 585 28.96 39.13 5.16
C GLN K 585 30.19 39.11 4.25
N ASN K 586 30.66 37.91 3.90
CA ASN K 586 31.83 37.77 3.04
C ASN K 586 31.40 37.78 1.58
N ARG K 587 30.96 38.96 1.13
CA ARG K 587 30.49 39.12 -0.23
C ARG K 587 31.65 39.05 -1.22
N ASP K 636 -14.05 41.59 17.03
CA ASP K 636 -14.05 43.05 17.04
C ASP K 636 -12.74 43.59 16.50
N ASP K 637 -12.70 44.89 16.20
CA ASP K 637 -11.50 45.50 15.67
C ASP K 637 -10.38 45.48 16.70
N ILE K 638 -9.14 45.57 16.21
CA ILE K 638 -7.97 45.46 17.06
C ILE K 638 -7.26 46.82 17.20
N ASP K 639 -7.81 47.86 16.58
CA ASP K 639 -7.19 49.19 16.59
C ASP K 639 -5.77 49.13 16.03
N LEU K 640 -5.72 48.88 14.72
CA LEU K 640 -4.53 48.50 13.98
C LEU K 640 -3.26 49.26 14.36
N ASP K 641 -3.37 50.53 14.75
CA ASP K 641 -2.16 51.30 15.04
C ASP K 641 -1.42 50.77 16.27
N GLU K 642 -2.14 50.53 17.37
CA GLU K 642 -1.47 50.01 18.56
C GLU K 642 -0.97 48.59 18.31
N LEU K 643 -1.71 47.82 17.51
CA LEU K 643 -1.28 46.48 17.16
C LEU K 643 0.02 46.53 16.36
N LEU K 644 0.11 47.48 15.42
CA LEU K 644 1.33 47.70 14.67
C LEU K 644 2.50 48.03 15.58
N LEU K 645 2.28 48.95 16.53
CA LEU K 645 3.37 49.33 17.43
C LEU K 645 3.81 48.15 18.29
N LYS K 646 2.85 47.38 18.82
CA LYS K 646 3.19 46.24 19.66
C LYS K 646 3.97 45.19 18.88
N SER K 647 3.54 44.90 17.65
CA SER K 647 4.24 43.92 16.84
C SER K 647 5.64 44.42 16.45
N GLU K 648 5.77 45.72 16.17
CA GLU K 648 7.08 46.26 15.85
C GLU K 648 8.04 46.12 17.03
N ASN K 649 7.54 46.40 18.25
CA ASN K 649 8.37 46.23 19.43
C ASN K 649 8.75 44.77 19.61
N LYS K 650 7.80 43.85 19.37
CA LYS K 650 8.11 42.43 19.46
C LYS K 650 9.19 42.03 18.46
N THR K 651 9.10 42.53 17.23
CA THR K 651 10.10 42.22 16.22
C THR K 651 11.47 42.72 16.63
N LYS K 652 11.54 43.94 17.17
CA LYS K 652 12.82 44.44 17.67
C LYS K 652 13.37 43.54 18.77
N SER K 653 12.49 43.10 19.68
CA SER K 653 12.95 42.25 20.78
C SER K 653 13.51 40.93 20.25
N LEU K 654 12.82 40.29 19.31
CA LEU K 654 13.30 39.01 18.79
C LEU K 654 14.57 39.20 17.95
N ASN K 655 14.67 40.30 17.23
CA ASN K 655 15.91 40.60 16.51
C ASN K 655 17.07 40.73 17.48
N ALA K 656 16.86 41.41 18.61
CA ALA K 656 17.89 41.47 19.63
C ALA K 656 18.21 40.08 20.16
N LYS K 657 17.18 39.25 20.36
CA LYS K 657 17.40 37.91 20.89
C LYS K 657 18.29 37.08 19.98
N TYR K 658 18.03 37.11 18.68
CA TYR K 658 18.73 36.23 17.76
C TYR K 658 19.96 36.87 17.12
N GLU K 659 20.23 38.14 17.38
CA GLU K 659 21.40 38.78 16.78
C GLU K 659 22.70 38.16 17.29
N THR K 660 22.76 37.86 18.59
CA THR K 660 24.01 37.52 19.26
C THR K 660 24.24 36.01 19.35
N LEU K 661 23.65 35.22 18.46
CA LEU K 661 23.88 33.79 18.52
C LEU K 661 25.13 33.39 17.75
N GLY K 662 25.62 32.19 18.05
CA GLY K 662 26.81 31.66 17.44
C GLY K 662 26.50 30.47 16.53
N LEU K 663 27.50 30.11 15.73
CA LEU K 663 27.30 29.12 14.67
C LEU K 663 26.75 27.82 15.22
N ASP K 664 27.52 27.15 16.07
CA ASP K 664 27.05 25.90 16.69
C ASP K 664 25.77 26.14 17.49
N ASP K 665 25.65 27.32 18.09
CA ASP K 665 24.41 27.66 18.79
C ASP K 665 23.26 27.87 17.81
N LEU K 666 23.51 28.61 16.73
CA LEU K 666 22.45 28.90 15.77
C LEU K 666 21.98 27.66 15.03
N GLN K 667 22.81 26.62 14.96
CA GLN K 667 22.40 25.37 14.34
C GLN K 667 21.62 24.46 15.28
N LYS K 668 21.26 24.94 16.48
CA LYS K 668 20.71 24.04 17.50
C LYS K 668 19.40 23.40 17.05
N PHE K 669 18.50 24.20 16.46
CA PHE K 669 17.15 23.74 16.11
C PHE K 669 16.47 23.13 17.34
N ASN K 670 16.21 24.03 18.30
CA ASN K 670 15.64 23.66 19.60
C ASN K 670 14.48 22.67 19.49
N GLN K 671 13.77 22.69 18.36
CA GLN K 671 12.64 21.78 18.08
C GLN K 671 11.72 21.64 19.29
N ASP K 672 11.41 22.78 19.89
CA ASP K 672 10.48 22.81 21.02
C ASP K 672 9.12 22.28 20.59
N SER K 673 8.60 21.30 21.32
CA SER K 673 7.33 20.70 20.97
C SER K 673 6.22 21.73 21.07
N ALA K 674 5.46 21.88 19.98
CA ALA K 674 4.35 22.81 19.93
C ALA K 674 3.04 22.18 20.37
N TYR K 675 3.05 20.89 20.71
CA TYR K 675 1.82 20.25 21.18
C TYR K 675 1.38 20.87 22.49
N GLU K 676 2.33 21.23 23.36
CA GLU K 676 2.03 21.89 24.61
C GLU K 676 2.03 23.39 24.39
N TRP K 677 0.93 24.06 24.72
CA TRP K 677 0.75 25.48 24.48
C TRP K 677 0.40 26.26 25.74
N ASN K 678 -0.47 25.72 26.59
CA ASN K 678 -0.81 26.30 27.88
C ASN K 678 -0.94 25.22 28.96
N GLY K 679 -0.21 24.12 28.80
CA GLY K 679 -0.31 22.99 29.70
C GLY K 679 -0.95 21.80 29.02
N GLN K 680 -0.12 20.88 28.54
CA GLN K 680 -0.58 19.71 27.82
C GLN K 680 0.19 18.48 28.33
N ASP K 681 -0.45 17.33 28.21
CA ASP K 681 0.06 16.10 28.82
C ASP K 681 0.16 14.95 27.82
N PHE K 682 0.19 15.25 26.53
CA PHE K 682 0.26 14.23 25.48
C PHE K 682 -0.89 13.23 25.61
N LYS K 683 -2.08 13.75 25.92
CA LYS K 683 -3.27 12.93 26.14
C LYS K 683 -4.35 13.40 25.18
N LYS K 684 -4.49 12.70 24.06
CA LYS K 684 -5.48 13.03 23.03
C LYS K 684 -5.34 14.49 22.57
N LEU K 695 -22.52 2.21 23.79
CA LEU K 695 -21.69 1.77 24.90
C LEU K 695 -22.31 0.58 25.61
N LEU K 696 -23.46 0.81 26.25
CA LEU K 696 -24.15 -0.27 26.94
C LEU K 696 -24.80 -1.25 25.97
N ASN K 697 -25.06 -0.82 24.73
CA ASN K 697 -25.60 -1.66 23.66
C ASN K 697 -26.91 -2.32 24.07
N PRO K 698 -27.99 -1.55 24.27
CA PRO K 698 -29.28 -2.16 24.61
C PRO K 698 -30.07 -2.52 23.36
N THR K 699 -29.37 -2.60 22.22
CA THR K 699 -30.05 -2.72 20.93
C THR K 699 -30.93 -3.96 20.87
N LYS K 700 -30.41 -5.11 21.31
CA LYS K 700 -31.13 -6.38 21.22
C LYS K 700 -31.54 -6.63 19.77
N ARG K 701 -30.52 -6.92 18.95
CA ARG K 701 -30.44 -6.54 17.54
C ARG K 701 -31.77 -6.57 16.80
N GLU K 702 -32.38 -7.74 16.67
CA GLU K 702 -33.63 -7.92 15.95
C GLU K 702 -34.25 -9.23 16.40
N ARG K 703 -35.56 -9.32 16.25
CA ARG K 703 -36.31 -10.54 16.50
C ARG K 703 -37.32 -10.72 15.38
N LYS K 704 -37.05 -11.67 14.48
CA LYS K 704 -38.00 -11.94 13.41
C LYS K 704 -39.27 -12.58 13.98
N GLU K 705 -40.26 -12.75 13.11
CA GLU K 705 -41.54 -13.31 13.50
C GLU K 705 -42.04 -14.21 12.39
N ASN K 706 -43.17 -14.83 12.61
CA ASN K 706 -43.67 -15.66 11.55
C ASN K 706 -42.71 -16.79 11.26
N TYR K 707 -42.28 -17.50 12.28
CA TYR K 707 -41.50 -18.71 12.05
C TYR K 707 -42.37 -19.93 11.78
N SER K 708 -43.68 -19.76 11.65
CA SER K 708 -44.59 -20.87 11.39
C SER K 708 -44.60 -21.22 9.90
N ILE K 709 -45.46 -22.16 9.54
CA ILE K 709 -45.53 -22.65 8.14
C ILE K 709 -46.58 -21.80 7.44
N ASP K 710 -46.15 -20.64 6.95
CA ASP K 710 -47.05 -19.77 6.20
C ASP K 710 -46.37 -19.14 4.98
N ASN K 711 -45.24 -19.69 4.54
CA ASN K 711 -44.63 -19.23 3.28
C ASN K 711 -45.59 -19.47 2.12
N TYR K 712 -46.20 -20.64 2.08
CA TYR K 712 -47.12 -21.02 1.01
C TYR K 712 -48.51 -20.43 1.22
MG MG L . 18.56 32.52 -14.56
PB ADP M . 18.15 34.85 -14.67
O1B ADP M . 18.16 35.63 -13.38
O2B ADP M . 17.08 33.80 -14.74
O3B ADP M . 19.50 34.38 -15.12
PA ADP M . 18.50 37.32 -15.93
O1A ADP M . 19.80 37.25 -15.17
O2A ADP M . 17.55 38.46 -15.67
O3A ADP M . 17.71 35.94 -15.76
O5' ADP M . 18.85 37.33 -17.50
C5' ADP M . 19.92 38.12 -17.98
C4' ADP M . 19.46 39.57 -17.90
O4' ADP M . 20.38 40.48 -18.48
C3' ADP M . 18.14 39.78 -18.61
O3' ADP M . 17.08 39.64 -17.68
C2' ADP M . 18.23 41.19 -19.13
O2' ADP M . 17.21 42.00 -18.54
C1' ADP M . 19.61 41.66 -18.68
N9 ADP M . 20.20 42.63 -19.64
C8 ADP M . 19.60 43.09 -20.75
N7 ADP M . 20.39 43.99 -21.39
C5 ADP M . 21.51 44.12 -20.67
C6 ADP M . 22.76 44.91 -20.77
N6 ADP M . 22.97 45.76 -21.81
N1 ADP M . 23.69 44.75 -19.80
C2 ADP M . 23.49 43.91 -18.77
N3 ADP M . 22.38 43.16 -18.61
C4 ADP M . 21.37 43.23 -19.50
#